data_7TAY
#
_entry.id   7TAY
#
_cell.length_a   153.392
_cell.length_b   153.392
_cell.length_c   590.928
_cell.angle_alpha   90.000
_cell.angle_beta   90.000
_cell.angle_gamma   90.000
#
_symmetry.space_group_name_H-M   'I 41 2 2'
#
loop_
_entity.id
_entity.type
_entity.pdbx_description
1 polymer 'Cytochrome b-c1 complex subunit 1, mitochondrial'
2 polymer 'Cytochrome b-c1 complex subunit 2, mitochondrial'
3 polymer 'Cytochrome b'
4 polymer 'Cytochrome c1, heme protein, mitochondrial'
5 polymer 'Cytochrome b-c1 complex subunit Rieske, mitochondrial'
6 polymer 'Cytochrome b-c1 complex subunit 7'
7 polymer 'Cytochrome b-c1 complex subunit 8'
8 polymer 'Cytochrome b-c1 complex subunit 6, mitochondrial'
9 polymer 'Cytochrome b-c1 complex subunit Rieske, mitochondrial'
10 polymer 'Cytochrome b-c1 complex subunit 9'
11 polymer 'Cytochrome b-c1 complex subunit 10'
12 non-polymer 1,2-DIHEXANOYL-SN-GLYCERO-3-PHOSPHOETHANOLAMINE
13 non-polymer CARDIOLIPIN
14 non-polymer 'PROTOPORPHYRIN IX CONTAINING FE'
15 non-polymer (5S)-3-anilino-5-methyl-5-(6-phenoxypyridin-3-yl)-1,3-oxazolidine-2,4-dione
16 non-polymer '(2R)-3-{[(S)-(2-aminoethoxy)(hydroxy)phosphoryl]oxy}-2-(tetradecanoyloxy)propyl octadecanoate'
17 non-polymer DI-PALMITOYL-3-SN-PHOSPHATIDYLETHANOLAMINE
18 non-polymer 'CHLORIDE ION'
19 non-polymer 'HEME C'
20 non-polymer 'FE2/S2 (INORGANIC) CLUSTER'
21 non-polymer 1,2-DIMYRISTOYL-SN-GLYCERO-3-PHOSPHOCHOLINE
22 water water
#
loop_
_entity_poly.entity_id
_entity_poly.type
_entity_poly.pdbx_seq_one_letter_code
_entity_poly.pdbx_strand_id
1 'polypeptide(L)'
;TATYAQALQSVPETQVSQLDNGLRVASEQSSQPTCTVGVWIDAGSRYESEKNNGAGYFVEHLAFKGTKNRPGNALEKEVE
SMGAHLNAYSTREHTAYYIKALSKDLPKAVELLADIVQNCSLEDSQIEKERDVILQELQENDTSMRDVVFNYLHATAFQG
TPLAQSVEGPSENVRKLSRADLTEYLSRHYKAPRMVLAAAGGLEHRQLLDLAQKHFSGLSGTYDEDAVPTLSPCRFTGSQ
ICHREDGLPLAHVAIAVEGPGWAHPDNVALQVANAIIGHYDCTYGGGAHLSSPLASIAATNKLCQSFQTFNICYADTGLL
GAHFVCDHMSIDDMMFVLQGQWMRLCTSATESEVLRGKNLLRNALVSHLDGTTPVCEDIGRSLLTYGRRIPLAEWESRIA
EVDARVVREVCSKYFYDQCPAVAGFGPIEQLPDYNRIRSGMFWLRF
;
A
2 'polypeptide(L)'
;SLKVAPKVKATEAPAGVPPHPQDLEFTRLPNGLVIASLENYAPASRIGLFIKAGSRYENSNNLGTSHLLRLASSLTTKGA
SSFKITRGIEAVGGKLSVTSTRENMAYTVECLRDDVDILMEFLLNVTTAPEFRRWEVAALQPQLRIDKAVALQNPQAHVI
ENLHAAAYRNALANSLYCPDYRIGKVTPVELHDYVQNHFTSARMALIGLGVSHPVLKQVAEQFLNIRGGLGLSGAKAKYH
GGEIREQNGDSLVHAALVAESAAIGSAEANAFSVLQHVLGAGPHVKRGSNATSSLYQAVAKGVHQPFDVSAFNASYSDSG
LFGFYTISQAASAGDVIKAAYNQVKTIAQGNLSNPDVQAAKNKLKAGYLMSVESSEGFLDEVGSQALAAGSYTPPSTVLQ
QIDAVADADVINAAKKFVSGRKSMAASGNLGHTPFIDEL
;
B
3 'polypeptide(L)'
;MTNIRKSHPLMKIVNNAFIDLPAPSNISSWWNFGSLLGICLILQILTGLFLAMHYTSDTTTAFSSVTHICRDVNYGWIIR
YMHANGASMFFICLYMHVGRGLYYGSYTFLETWNIGVILLLTVMATAFMGYVLPWGQMSFWGATVITNLLSAIPYIGTNL
VEWIWGGFSVDKATLTRFFAFHFILPFIIMAIAMVHLLFLHETGSNNPTGISSDVDKIPFHPYYTIKDILGALLLILALM
LLVLFAPDLLGDPDNYTPANPLNTPPHIKPEWYFLFAYAILRSIPNKLGGVLALAFSILILALIPLLHTSKQRSMMFRPL
SQCLFWALVADLLTLTWIGGQPVEHPYITIGQLASVLYFLLILVLMPTAGTIENKLLKW
;
C
4 'polypeptide(L)'
;SDLELHPPSYPWSHRGLLSSLDHTSIRRGFQVYKQVCSSCHSMDYVAYRHLVGVCYTEDEAKALAEEVEVQDGPNEDGEM
FMRPGKLSDYFPKPYPNPEAARAANNGALPPDLSYIVRARHGGEDYVFSLLTGYCEPPTGVSLREGLYFNPYFPGQAIGM
APPIYNEVLEFDDGTPATMSQVAKDVCTFLRWAAEPEHDHRKRMGLKMLLMMGLLLPLVYAMKRHKWSVLKSRKLAYRPP
K
;
D
5 'polypeptide(L)'
;SHTDIKVPDFSDYRRPEVLDSTKSSKESSEARKGFSYLVTATTTVGVAYAAKNVVSQFVSSMSASADVLAMSKIEIKLSD
IPEGKNMAFKWRGKPLFVRHRTKKEIDQEAAVEVSQLRDPQHDLERVKKPEWVILIGVCTHLGCVPIANAGDFGGYYCPC
HGSHYDASGRIRKGPAPLNLEVPSYEFTSDDMVIVG
;
E
6 'polypeptide(L)'
;AGRPAVSASSRWLEGIRKWYYNAAGFNKLGLMRDDTIHENDDVKEAIRRLPENLYNDRVFRIKRALDLSMRQQILPKEQW
TKYEEDKSYLEPYLKEVIRERKEREEWAKK
;
F
7 'polypeptide(L)' GRQFGHLTRVRHVITYSLSPFEQRAFPHYFSKGIPNVLRRTRACILRVAPPFVAFYLVYTWGTQEFEKSKRKNPAAYEND G
8 'polypeptide(L)' GDPKEEEEEEEELVDPLTTVREQCEQLEKCVKARERLELCDERVSSRSQTEEDCTEELLDFLHARDHCVAHKLFNSLK H
9 'polypeptide(L)' MLSVAARSGPFAPVLSATSRGVAGALRPLVQAAVPATSESPVLDLKRSVLCRESLRGQAAGRPLVASVSLNVPASVRY I
10 'polypeptide(L)' VAPTLTARLYSLLFRRTSTFALTIVVGALFFERAFDQGADAIYEHINEGKLWKHIKHKYENKE J
11 'polypeptide(L)' MLTRFLGPRYRQLARNWVPTASLWGAVGAVGLVWATDWRLILDWVPYINGKFKKDD K
#
loop_
_chem_comp.id
_chem_comp.type
_chem_comp.name
_chem_comp.formula
6PE non-polymer 1,2-DIHEXANOYL-SN-GLYCERO-3-PHOSPHOETHANOLAMINE 'C17 H33 N O8 P -1'
8PE non-polymer '(2R)-3-{[(S)-(2-aminoethoxy)(hydroxy)phosphoryl]oxy}-2-(tetradecanoyloxy)propyl octadecanoate' 'C37 H74 N O8 P'
CDL non-polymer CARDIOLIPIN 'C81 H156 O17 P2 -2'
CL non-polymer 'CHLORIDE ION' 'Cl -1'
FES non-polymer 'FE2/S2 (INORGANIC) CLUSTER' 'Fe2 S2'
HEC non-polymer 'HEME C' 'C34 H34 Fe N4 O4'
HEM non-polymer 'PROTOPORPHYRIN IX CONTAINING FE' 'C34 H32 Fe N4 O4'
PEF non-polymer DI-PALMITOYL-3-SN-PHOSPHATIDYLETHANOLAMINE 'C37 H74 N O8 P'
PQU non-polymer (5S)-3-anilino-5-methyl-5-(6-phenoxypyridin-3-yl)-1,3-oxazolidine-2,4-dione 'C21 H17 N3 O4'
PX4 non-polymer 1,2-DIMYRISTOYL-SN-GLYCERO-3-PHOSPHOCHOLINE 'C36 H73 N O8 P 1'
#
# COMPACT_ATOMS: atom_id res chain seq x y z
N THR A 1 54.54 -26.25 -20.53
CA THR A 1 53.18 -25.63 -20.44
C THR A 1 53.25 -24.20 -19.93
N ALA A 2 52.10 -23.53 -19.94
CA ALA A 2 52.00 -22.16 -19.43
C ALA A 2 50.74 -22.05 -18.59
N THR A 3 50.83 -21.30 -17.50
CA THR A 3 49.71 -21.08 -16.61
C THR A 3 48.99 -19.78 -16.95
N TYR A 4 47.85 -19.57 -16.29
CA TYR A 4 47.10 -18.33 -16.44
C TYR A 4 47.93 -17.13 -16.01
N ALA A 5 48.61 -17.25 -14.86
CA ALA A 5 49.42 -16.15 -14.34
C ALA A 5 50.58 -15.84 -15.28
N GLN A 6 51.25 -16.87 -15.80
CA GLN A 6 52.37 -16.63 -16.71
C GLN A 6 51.90 -15.96 -17.99
N ALA A 7 50.70 -16.31 -18.46
CA ALA A 7 50.17 -15.69 -19.67
C ALA A 7 49.95 -14.19 -19.49
N LEU A 8 49.62 -13.76 -18.27
CA LEU A 8 49.44 -12.33 -18.01
C LEU A 8 50.74 -11.55 -18.11
N GLN A 9 51.88 -12.20 -17.84
CA GLN A 9 53.16 -11.50 -18.02
C GLN A 9 53.51 -11.36 -19.49
N SER A 10 53.05 -12.29 -20.33
CA SER A 10 53.35 -12.25 -21.75
C SER A 10 52.60 -11.13 -22.49
N VAL A 11 51.69 -10.44 -21.82
CA VAL A 11 50.97 -9.37 -22.53
C VAL A 11 51.92 -8.20 -22.75
N PRO A 12 52.04 -7.66 -23.97
CA PRO A 12 52.99 -6.56 -24.17
C PRO A 12 52.61 -5.31 -23.40
N GLU A 13 53.64 -4.60 -22.93
CA GLU A 13 53.41 -3.35 -22.24
C GLU A 13 52.85 -2.31 -23.21
N THR A 14 51.90 -1.52 -22.73
CA THR A 14 51.32 -0.44 -23.53
C THR A 14 52.23 0.78 -23.45
N GLN A 15 52.94 1.07 -24.53
CA GLN A 15 53.81 2.24 -24.58
C GLN A 15 53.01 3.54 -24.60
N VAL A 16 53.53 4.56 -23.91
CA VAL A 16 52.86 5.85 -23.78
C VAL A 16 53.88 6.95 -24.02
N SER A 17 53.50 7.94 -24.81
CA SER A 17 54.30 9.13 -25.08
C SER A 17 53.36 10.33 -25.20
N GLN A 18 53.91 11.52 -24.96
CA GLN A 18 53.14 12.77 -25.01
C GLN A 18 53.87 13.76 -25.89
N LEU A 19 53.14 14.40 -26.80
CA LEU A 19 53.71 15.41 -27.67
C LEU A 19 53.96 16.72 -26.91
N ASP A 20 54.63 17.65 -27.58
CA ASP A 20 54.90 18.95 -26.98
C ASP A 20 53.64 19.75 -26.74
N ASN A 21 52.64 19.61 -27.60
CA ASN A 21 51.36 20.30 -27.43
C ASN A 21 50.47 19.68 -26.39
N GLY A 22 50.81 18.49 -25.87
CA GLY A 22 50.05 17.80 -24.85
C GLY A 22 49.29 16.59 -25.33
N LEU A 23 49.25 16.34 -26.64
CA LEU A 23 48.59 15.14 -27.14
C LEU A 23 49.30 13.89 -26.64
N ARG A 24 48.54 13.00 -26.00
CA ARG A 24 49.06 11.74 -25.52
C ARG A 24 48.91 10.67 -26.59
N VAL A 25 49.99 9.94 -26.85
CA VAL A 25 50.04 8.89 -27.87
C VAL A 25 50.33 7.57 -27.19
N ALA A 26 49.42 6.61 -27.31
CA ALA A 26 49.54 5.31 -26.65
C ALA A 26 49.31 4.18 -27.65
N SER A 27 49.99 3.06 -27.42
CA SER A 27 49.89 1.93 -28.35
C SER A 27 50.26 0.63 -27.66
N GLU A 28 49.60 -0.46 -28.08
CA GLU A 28 49.96 -1.82 -27.68
C GLU A 28 50.29 -2.59 -28.95
N GLN A 29 51.56 -2.93 -29.14
CA GLN A 29 51.98 -3.62 -30.35
C GLN A 29 51.60 -5.09 -30.28
N SER A 30 51.07 -5.63 -31.38
CA SER A 30 50.84 -7.06 -31.52
C SER A 30 51.52 -7.53 -32.81
N SER A 31 51.33 -8.81 -33.13
CA SER A 31 51.76 -9.39 -34.40
C SER A 31 50.55 -9.62 -35.30
N GLN A 32 49.99 -8.54 -35.84
CA GLN A 32 48.79 -8.58 -36.66
C GLN A 32 48.98 -7.81 -37.95
N PRO A 33 48.35 -8.25 -39.06
CA PRO A 33 48.35 -7.42 -40.27
C PRO A 33 47.44 -6.21 -40.17
N THR A 34 46.42 -6.26 -39.33
CA THR A 34 45.48 -5.16 -39.15
C THR A 34 45.74 -4.42 -37.85
N CYS A 35 45.03 -3.31 -37.68
CA CYS A 35 45.16 -2.50 -36.49
C CYS A 35 43.89 -1.67 -36.35
N THR A 36 43.76 -1.04 -35.19
CA THR A 36 42.73 -0.06 -34.95
C THR A 36 43.43 1.15 -34.34
N VAL A 37 43.13 2.33 -34.86
CA VAL A 37 43.72 3.56 -34.37
C VAL A 37 42.65 4.63 -34.36
N GLY A 38 42.71 5.50 -33.37
CA GLY A 38 41.68 6.51 -33.20
C GLY A 38 42.06 7.51 -32.14
N VAL A 39 41.21 8.52 -32.03
CA VAL A 39 41.40 9.63 -31.12
C VAL A 39 40.25 9.59 -30.12
N TRP A 40 40.61 9.53 -28.83
CA TRP A 40 39.64 9.55 -27.74
C TRP A 40 39.71 10.92 -27.08
N ILE A 41 38.56 11.60 -27.06
CA ILE A 41 38.47 12.98 -26.60
C ILE A 41 37.68 12.96 -25.30
N ASP A 42 38.12 13.79 -24.35
CA ASP A 42 37.46 13.89 -23.06
C ASP A 42 36.35 14.95 -23.19
N ALA A 43 35.34 14.61 -23.99
CA ALA A 43 34.22 15.50 -24.26
C ALA A 43 32.95 14.69 -24.39
N GLY A 44 31.85 15.28 -23.94
CA GLY A 44 30.56 14.61 -23.93
C GLY A 44 29.51 15.56 -23.39
N SER A 45 28.29 15.03 -23.28
CA SER A 45 27.15 15.87 -22.91
C SER A 45 27.23 16.41 -21.49
N ARG A 46 28.03 15.78 -20.61
CA ARG A 46 28.22 16.34 -19.27
C ARG A 46 28.95 17.68 -19.31
N TYR A 47 29.77 17.92 -20.34
CA TYR A 47 30.42 19.21 -20.52
C TYR A 47 29.52 20.23 -21.20
N GLU A 48 28.43 19.80 -21.80
CA GLU A 48 27.53 20.67 -22.56
C GLU A 48 26.53 21.34 -21.63
N SER A 49 26.21 22.59 -21.91
CA SER A 49 25.17 23.29 -21.19
C SER A 49 23.80 22.97 -21.80
N GLU A 50 22.75 23.43 -21.13
CA GLU A 50 21.39 23.23 -21.62
C GLU A 50 21.18 23.82 -23.01
N LYS A 51 21.87 24.92 -23.33
CA LYS A 51 21.72 25.54 -24.64
C LYS A 51 22.23 24.62 -25.75
N ASN A 52 23.48 24.16 -25.61
CA ASN A 52 24.24 23.39 -26.59
C ASN A 52 24.30 21.89 -26.24
N ASN A 53 23.33 21.35 -25.51
CA ASN A 53 23.33 19.93 -25.11
C ASN A 53 23.34 18.93 -26.27
N GLY A 54 23.15 19.35 -27.51
CA GLY A 54 23.09 18.38 -28.60
C GLY A 54 24.22 18.56 -29.61
N ALA A 55 25.15 19.47 -29.28
CA ALA A 55 26.24 19.81 -30.19
C ALA A 55 27.20 18.66 -30.45
N GLY A 56 27.70 17.99 -29.41
CA GLY A 56 28.65 16.93 -29.66
C GLY A 56 28.09 15.81 -30.52
N TYR A 57 26.85 15.42 -30.26
CA TYR A 57 26.19 14.43 -31.09
C TYR A 57 25.96 14.95 -32.52
N PHE A 58 25.66 16.25 -32.64
CA PHE A 58 25.55 16.88 -33.95
C PHE A 58 26.89 16.85 -34.68
N VAL A 59 27.99 17.08 -33.96
CA VAL A 59 29.30 17.04 -34.58
C VAL A 59 29.62 15.63 -35.05
N GLU A 60 29.15 14.61 -34.34
CA GLU A 60 29.36 13.25 -34.79
C GLU A 60 28.72 13.04 -36.17
N HIS A 61 27.56 13.66 -36.40
CA HIS A 61 26.92 13.56 -37.71
C HIS A 61 27.67 14.31 -38.80
N LEU A 62 28.57 15.22 -38.45
CA LEU A 62 29.30 16.03 -39.42
C LEU A 62 30.76 15.67 -39.54
N ALA A 63 31.29 14.82 -38.65
CA ALA A 63 32.73 14.54 -38.64
C ALA A 63 33.19 13.88 -39.94
N PHE A 64 32.34 13.02 -40.52
CA PHE A 64 32.72 12.23 -41.69
C PHE A 64 32.10 12.77 -42.98
N LYS A 65 31.61 14.01 -42.98
CA LYS A 65 30.90 14.56 -44.13
C LYS A 65 31.76 15.47 -45.00
N GLY A 66 32.96 15.81 -44.58
CA GLY A 66 33.87 16.62 -45.37
C GLY A 66 34.80 17.42 -44.50
N THR A 67 35.96 17.76 -45.07
CA THR A 67 36.96 18.60 -44.41
C THR A 67 37.43 19.66 -45.40
N LYS A 68 38.30 20.54 -44.92
CA LYS A 68 38.86 21.59 -45.76
C LYS A 68 39.76 21.01 -46.86
N ASN A 69 40.45 19.90 -46.59
CA ASN A 69 41.34 19.28 -47.57
C ASN A 69 40.63 18.27 -48.45
N ARG A 70 39.74 17.46 -47.86
CA ARG A 70 39.01 16.40 -48.55
C ARG A 70 37.52 16.71 -48.48
N PRO A 71 37.03 17.63 -49.30
CA PRO A 71 35.62 18.04 -49.18
C PRO A 71 34.67 16.96 -49.67
N GLY A 72 33.44 17.02 -49.15
CA GLY A 72 32.39 16.09 -49.56
C GLY A 72 32.71 14.67 -49.15
N ASN A 73 32.45 13.73 -50.07
CA ASN A 73 32.69 12.31 -49.81
C ASN A 73 34.11 11.89 -50.14
N ALA A 74 35.03 12.83 -50.31
CA ALA A 74 36.41 12.48 -50.63
C ALA A 74 37.04 11.64 -49.53
N LEU A 75 36.81 12.01 -48.28
CA LEU A 75 37.24 11.17 -47.16
C LEU A 75 36.59 9.80 -47.21
N GLU A 76 35.28 9.78 -47.45
CA GLU A 76 34.54 8.52 -47.51
C GLU A 76 35.10 7.60 -48.61
N LYS A 77 35.57 8.17 -49.72
CA LYS A 77 36.10 7.34 -50.79
C LYS A 77 37.47 6.78 -50.44
N GLU A 78 38.31 7.57 -49.73
CA GLU A 78 39.64 7.07 -49.40
C GLU A 78 39.56 5.90 -48.42
N VAL A 79 38.70 6.01 -47.41
CA VAL A 79 38.54 4.93 -46.44
C VAL A 79 38.01 3.67 -47.13
N GLU A 80 36.95 3.81 -47.92
CA GLU A 80 36.36 2.64 -48.57
C GLU A 80 37.34 2.03 -49.57
N SER A 81 38.12 2.86 -50.26
CA SER A 81 38.98 2.36 -51.34
C SER A 81 40.08 1.46 -50.80
N MET A 82 40.67 1.82 -49.66
CA MET A 82 41.68 0.98 -49.03
C MET A 82 41.08 -0.09 -48.12
N GLY A 83 39.76 -0.29 -48.17
CA GLY A 83 39.15 -1.36 -47.42
C GLY A 83 39.05 -1.13 -45.93
N ALA A 84 39.33 0.09 -45.47
CA ALA A 84 39.30 0.40 -44.06
C ALA A 84 37.87 0.71 -43.60
N HIS A 85 37.67 0.77 -42.28
CA HIS A 85 36.37 1.06 -41.70
C HIS A 85 36.50 2.21 -40.71
N LEU A 86 35.67 3.23 -40.88
CA LEU A 86 35.66 4.43 -40.05
C LEU A 86 34.41 4.47 -39.18
N ASN A 87 34.59 4.75 -37.88
CA ASN A 87 33.50 4.63 -36.92
C ASN A 87 33.68 5.68 -35.83
N ALA A 88 32.63 5.88 -35.03
CA ALA A 88 32.69 6.89 -33.96
C ALA A 88 31.53 6.68 -32.99
N TYR A 89 31.71 7.20 -31.78
CA TYR A 89 30.64 7.19 -30.78
C TYR A 89 30.84 8.31 -29.78
N SER A 90 29.74 8.67 -29.11
CA SER A 90 29.72 9.72 -28.10
C SER A 90 28.94 9.19 -26.90
N THR A 91 29.48 9.45 -25.71
CA THR A 91 28.83 9.14 -24.44
C THR A 91 28.68 10.45 -23.67
N ARG A 92 28.28 10.34 -22.40
CA ARG A 92 28.15 11.52 -21.57
C ARG A 92 29.50 12.09 -21.16
N GLU A 93 30.60 11.33 -21.27
CA GLU A 93 31.92 11.77 -20.84
C GLU A 93 33.02 11.60 -21.88
N HIS A 94 32.84 10.78 -22.91
CA HIS A 94 33.93 10.49 -23.84
C HIS A 94 33.41 10.46 -25.27
N THR A 95 34.22 11.01 -26.19
CA THR A 95 33.98 10.94 -27.62
C THR A 95 35.17 10.26 -28.29
N ALA A 96 34.88 9.47 -29.32
CA ALA A 96 35.91 8.66 -29.97
C ALA A 96 35.65 8.59 -31.47
N TYR A 97 36.74 8.72 -32.25
CA TYR A 97 36.75 8.46 -33.68
C TYR A 97 37.91 7.51 -33.95
N TYR A 98 37.64 6.39 -34.61
CA TYR A 98 38.69 5.41 -34.85
C TYR A 98 38.50 4.74 -36.20
N ILE A 99 39.62 4.22 -36.75
CA ILE A 99 39.64 3.58 -38.05
C ILE A 99 40.21 2.17 -37.87
N LYS A 100 39.57 1.20 -38.52
CA LYS A 100 40.10 -0.14 -38.68
C LYS A 100 40.66 -0.24 -40.09
N ALA A 101 41.93 -0.62 -40.20
CA ALA A 101 42.59 -0.64 -41.50
C ALA A 101 43.77 -1.61 -41.44
N LEU A 102 44.29 -1.94 -42.62
CA LEU A 102 45.53 -2.70 -42.70
C LEU A 102 46.63 -1.94 -41.97
N SER A 103 47.58 -2.69 -41.41
CA SER A 103 48.71 -2.08 -40.71
C SER A 103 49.53 -1.20 -41.63
N LYS A 104 49.64 -1.59 -42.91
CA LYS A 104 50.38 -0.78 -43.86
C LYS A 104 49.73 0.58 -44.08
N ASP A 105 48.42 0.68 -43.86
CA ASP A 105 47.69 1.93 -44.05
C ASP A 105 47.66 2.80 -42.80
N LEU A 106 48.44 2.48 -41.77
CA LEU A 106 48.45 3.31 -40.57
C LEU A 106 48.86 4.75 -40.86
N PRO A 107 49.86 5.04 -41.71
CA PRO A 107 50.19 6.46 -41.97
C PRO A 107 49.01 7.25 -42.55
N LYS A 108 48.24 6.66 -43.45
CA LYS A 108 47.10 7.39 -44.02
C LYS A 108 45.96 7.48 -43.02
N ALA A 109 45.72 6.42 -42.25
CA ALA A 109 44.67 6.42 -41.24
C ALA A 109 44.89 7.51 -40.20
N VAL A 110 46.13 7.67 -39.74
CA VAL A 110 46.43 8.74 -38.78
C VAL A 110 46.22 10.11 -39.42
N GLU A 111 46.60 10.26 -40.69
CA GLU A 111 46.42 11.54 -41.38
C GLU A 111 44.95 11.92 -41.43
N LEU A 112 44.08 10.97 -41.76
CA LEU A 112 42.66 11.25 -41.86
C LEU A 112 42.07 11.64 -40.51
N LEU A 113 42.48 10.95 -39.44
CA LEU A 113 41.96 11.28 -38.12
C LEU A 113 42.33 12.70 -37.73
N ALA A 114 43.57 13.10 -38.00
CA ALA A 114 43.98 14.46 -37.72
C ALA A 114 43.18 15.46 -38.55
N ASP A 115 42.91 15.11 -39.82
CA ASP A 115 42.15 16.00 -40.68
C ASP A 115 40.72 16.17 -40.17
N ILE A 116 40.17 15.14 -39.55
CA ILE A 116 38.79 15.16 -39.09
C ILE A 116 38.66 15.98 -37.81
N VAL A 117 39.57 15.75 -36.85
CA VAL A 117 39.46 16.38 -35.54
C VAL A 117 39.93 17.83 -35.54
N GLN A 118 40.53 18.31 -36.62
CA GLN A 118 41.06 19.67 -36.68
C GLN A 118 40.38 20.51 -37.75
N ASN A 119 40.28 20.00 -38.98
CA ASN A 119 39.83 20.75 -40.13
C ASN A 119 38.45 20.29 -40.61
N CYS A 120 37.58 19.95 -39.67
CA CYS A 120 36.21 19.60 -40.04
C CYS A 120 35.50 20.82 -40.60
N SER A 121 35.07 20.73 -41.86
CA SER A 121 34.37 21.84 -42.51
C SER A 121 32.88 21.65 -42.27
N LEU A 122 32.33 22.39 -41.31
CA LEU A 122 30.92 22.25 -40.94
C LEU A 122 30.09 23.15 -41.86
N GLU A 123 29.94 22.71 -43.10
CA GLU A 123 29.22 23.49 -44.09
C GLU A 123 27.74 23.61 -43.72
N ASP A 124 27.19 24.82 -43.92
CA ASP A 124 25.81 25.10 -43.55
C ASP A 124 24.83 24.18 -44.25
N SER A 125 25.07 23.88 -45.54
CA SER A 125 24.18 22.99 -46.27
C SER A 125 24.15 21.60 -45.65
N GLN A 126 25.29 21.16 -45.11
CA GLN A 126 25.37 19.84 -44.48
C GLN A 126 24.73 19.87 -43.10
N ILE A 127 24.93 20.96 -42.36
CA ILE A 127 24.33 21.09 -41.03
C ILE A 127 22.82 20.94 -41.11
N GLU A 128 22.20 21.54 -42.13
CA GLU A 128 20.75 21.49 -42.25
C GLU A 128 20.28 20.09 -42.65
N LYS A 129 21.06 19.37 -43.45
CA LYS A 129 20.65 18.03 -43.83
C LYS A 129 20.77 17.07 -42.65
N GLU A 130 21.81 17.22 -41.83
CA GLU A 130 21.91 16.40 -40.63
C GLU A 130 20.92 16.79 -39.55
N ARG A 131 20.26 17.93 -39.68
CA ARG A 131 19.21 18.30 -38.73
C ARG A 131 18.05 17.32 -38.77
N ASP A 132 17.51 17.08 -39.97
CA ASP A 132 16.35 16.19 -40.09
C ASP A 132 16.73 14.75 -39.79
N VAL A 133 18.00 14.38 -40.02
CA VAL A 133 18.46 13.02 -39.72
C VAL A 133 18.41 12.74 -38.23
N ILE A 134 18.93 13.66 -37.42
CA ILE A 134 18.94 13.49 -35.98
C ILE A 134 17.52 13.44 -35.43
N LEU A 135 16.64 14.32 -35.91
CA LEU A 135 15.25 14.29 -35.46
C LEU A 135 14.61 12.93 -35.75
N GLN A 136 14.89 12.36 -36.92
CA GLN A 136 14.37 11.03 -37.23
C GLN A 136 14.96 9.98 -36.30
N GLU A 137 16.25 10.14 -35.94
CA GLU A 137 16.85 9.21 -34.99
C GLU A 137 16.19 9.31 -33.61
N LEU A 138 15.76 10.50 -33.22
CA LEU A 138 15.05 10.64 -31.96
C LEU A 138 13.73 9.88 -32.00
N GLN A 139 13.03 9.88 -33.14
CA GLN A 139 11.81 9.10 -33.25
C GLN A 139 12.09 7.60 -33.13
N GLU A 140 13.20 7.15 -33.74
CA GLU A 140 13.59 5.75 -33.64
C GLU A 140 13.95 5.36 -32.22
N ASN A 141 14.71 6.22 -31.53
CA ASN A 141 15.12 5.89 -30.18
C ASN A 141 13.93 5.80 -29.24
N ASP A 142 12.86 6.55 -29.50
CA ASP A 142 11.66 6.45 -28.68
C ASP A 142 11.06 5.05 -28.67
N THR A 143 11.30 4.27 -29.73
CA THR A 143 10.73 2.93 -29.82
C THR A 143 11.58 1.88 -29.11
N SER A 144 12.79 2.23 -28.66
CA SER A 144 13.62 1.32 -27.88
C SER A 144 13.36 1.58 -26.39
N MET A 145 12.56 0.71 -25.77
CA MET A 145 12.27 0.90 -24.34
C MET A 145 13.53 0.81 -23.50
N ARG A 146 14.52 0.04 -23.94
CA ARG A 146 15.77 -0.03 -23.19
C ARG A 146 16.50 1.30 -23.18
N ASP A 147 16.64 1.93 -24.36
CA ASP A 147 17.32 3.22 -24.41
C ASP A 147 16.53 4.30 -23.68
N VAL A 148 15.21 4.22 -23.74
CA VAL A 148 14.37 5.20 -23.07
C VAL A 148 14.51 5.10 -21.55
N VAL A 149 14.37 3.89 -21.00
CA VAL A 149 14.34 3.74 -19.54
C VAL A 149 15.69 4.10 -18.92
N PHE A 150 16.79 3.89 -19.64
CA PHE A 150 18.11 4.26 -19.13
C PHE A 150 18.34 5.76 -19.18
N ASN A 151 17.78 6.45 -20.18
CA ASN A 151 17.82 7.91 -20.17
C ASN A 151 16.93 8.48 -19.06
N TYR A 152 15.79 7.83 -18.80
CA TYR A 152 14.96 8.22 -17.67
C TYR A 152 15.70 8.05 -16.35
N LEU A 153 16.47 6.97 -16.20
CA LEU A 153 17.20 6.74 -14.96
C LEU A 153 18.20 7.86 -14.72
N HIS A 154 18.94 8.25 -15.76
CA HIS A 154 19.84 9.40 -15.65
C HIS A 154 19.07 10.68 -15.35
N ALA A 155 17.91 10.87 -15.98
CA ALA A 155 17.16 12.11 -15.84
C ALA A 155 16.74 12.35 -14.39
N THR A 156 16.33 11.30 -13.66
CA THR A 156 15.89 11.46 -12.28
C THR A 156 17.03 11.32 -11.28
N ALA A 157 17.97 10.40 -11.54
CA ALA A 157 19.06 10.15 -10.60
C ALA A 157 19.95 11.38 -10.44
N PHE A 158 20.33 12.00 -11.57
CA PHE A 158 21.18 13.19 -11.57
C PHE A 158 20.39 14.45 -11.90
N GLN A 159 19.13 14.52 -11.43
CA GLN A 159 18.27 15.65 -11.76
C GLN A 159 18.90 16.96 -11.32
N GLY A 160 18.79 17.98 -12.17
CA GLY A 160 19.36 19.27 -11.88
C GLY A 160 20.83 19.42 -12.18
N THR A 161 21.47 18.42 -12.79
CA THR A 161 22.90 18.42 -13.05
C THR A 161 23.17 18.11 -14.51
N PRO A 162 24.42 18.29 -14.98
CA PRO A 162 24.71 18.00 -16.40
C PRO A 162 24.51 16.56 -16.79
N LEU A 163 24.72 15.61 -15.86
CA LEU A 163 24.59 14.20 -16.20
C LEU A 163 23.15 13.79 -16.44
N ALA A 164 22.17 14.59 -16.00
CA ALA A 164 20.79 14.29 -16.32
C ALA A 164 20.51 14.40 -17.81
N GLN A 165 21.34 15.13 -18.55
CA GLN A 165 21.10 15.36 -19.95
C GLN A 165 21.40 14.10 -20.77
N SER A 166 20.67 13.94 -21.86
CA SER A 166 20.93 12.89 -22.84
C SER A 166 22.07 13.30 -23.78
N VAL A 167 22.66 12.30 -24.42
CA VAL A 167 23.76 12.58 -25.34
C VAL A 167 23.25 13.30 -26.58
N GLU A 168 22.11 12.87 -27.10
CA GLU A 168 21.60 13.43 -28.34
C GLU A 168 20.96 14.80 -28.17
N GLY A 169 20.52 15.14 -26.97
CA GLY A 169 19.95 16.43 -26.71
C GLY A 169 18.46 16.43 -26.98
N PRO A 170 17.77 17.52 -26.61
CA PRO A 170 16.33 17.60 -26.86
C PRO A 170 15.99 17.97 -28.30
N SER A 171 14.74 17.69 -28.65
CA SER A 171 14.25 17.97 -29.99
C SER A 171 14.42 19.45 -30.34
N GLU A 172 14.19 20.34 -29.37
CA GLU A 172 14.23 21.78 -29.62
C GLU A 172 15.65 22.24 -29.93
N ASN A 173 16.63 21.64 -29.27
CA ASN A 173 18.03 22.05 -29.44
C ASN A 173 18.50 21.75 -30.86
N VAL A 174 18.05 20.62 -31.43
CA VAL A 174 18.54 20.23 -32.74
C VAL A 174 18.00 21.16 -33.82
N ARG A 175 16.88 21.85 -33.57
CA ARG A 175 16.32 22.75 -34.58
C ARG A 175 16.82 24.18 -34.44
N LYS A 176 17.63 24.49 -33.43
CA LYS A 176 18.25 25.81 -33.32
C LYS A 176 19.75 25.79 -33.06
N LEU A 177 20.38 24.63 -32.99
CA LEU A 177 21.83 24.61 -32.91
C LEU A 177 22.44 25.22 -34.17
N SER A 178 23.21 26.30 -34.00
CA SER A 178 23.83 27.00 -35.12
C SER A 178 25.26 26.48 -35.34
N ARG A 179 25.86 26.92 -36.46
CA ARG A 179 27.24 26.56 -36.72
C ARG A 179 28.19 27.15 -35.68
N ALA A 180 27.86 28.34 -35.16
CA ALA A 180 28.68 28.96 -34.13
C ALA A 180 28.66 28.14 -32.84
N ASP A 181 27.51 27.55 -32.50
CA ASP A 181 27.45 26.68 -31.32
C ASP A 181 28.38 25.49 -31.49
N LEU A 182 28.45 24.93 -32.70
CA LEU A 182 29.25 23.73 -32.92
C LEU A 182 30.74 24.07 -32.95
N THR A 183 31.11 25.16 -33.63
CA THR A 183 32.52 25.55 -33.66
C THR A 183 33.00 25.98 -32.28
N GLU A 184 32.15 26.68 -31.53
CA GLU A 184 32.50 27.04 -30.16
C GLU A 184 32.69 25.78 -29.31
N TYR A 185 31.84 24.77 -29.50
CA TYR A 185 32.04 23.51 -28.81
C TYR A 185 33.36 22.86 -29.20
N LEU A 186 33.67 22.84 -30.51
CA LEU A 186 34.89 22.18 -30.97
C LEU A 186 36.13 22.92 -30.50
N SER A 187 36.19 24.24 -30.74
CA SER A 187 37.36 25.01 -30.36
C SER A 187 37.57 25.07 -28.86
N ARG A 188 36.55 24.73 -28.07
CA ARG A 188 36.62 24.79 -26.61
C ARG A 188 36.95 23.46 -25.96
N HIS A 189 36.76 22.34 -26.65
CA HIS A 189 36.93 21.02 -26.05
C HIS A 189 37.97 20.17 -26.74
N TYR A 190 38.22 20.38 -28.03
CA TYR A 190 39.16 19.55 -28.77
C TYR A 190 40.57 20.12 -28.64
N LYS A 191 41.07 20.11 -27.40
CA LYS A 191 42.43 20.52 -27.09
C LYS A 191 43.32 19.31 -26.89
N ALA A 192 44.60 19.48 -27.18
CA ALA A 192 45.51 18.34 -27.23
C ALA A 192 45.65 17.59 -25.90
N PRO A 193 45.76 18.25 -24.73
CA PRO A 193 45.90 17.47 -23.49
C PRO A 193 44.64 16.73 -23.07
N ARG A 194 43.52 16.92 -23.76
CA ARG A 194 42.29 16.16 -23.51
C ARG A 194 42.04 15.11 -24.57
N MET A 195 42.92 14.97 -25.56
CA MET A 195 42.82 13.97 -26.61
C MET A 195 43.90 12.92 -26.40
N VAL A 196 43.62 11.71 -26.88
CA VAL A 196 44.54 10.58 -26.77
C VAL A 196 44.54 9.85 -28.11
N LEU A 197 45.67 9.88 -28.81
CA LEU A 197 45.84 9.11 -30.04
C LEU A 197 46.23 7.70 -29.64
N ALA A 198 45.25 6.79 -29.61
CA ALA A 198 45.46 5.40 -29.25
C ALA A 198 45.52 4.53 -30.50
N ALA A 199 46.29 3.44 -30.42
CA ALA A 199 46.39 2.48 -31.50
C ALA A 199 46.64 1.09 -30.92
N ALA A 200 46.32 0.07 -31.72
CA ALA A 200 46.55 -1.30 -31.31
C ALA A 200 46.61 -2.18 -32.55
N GLY A 201 47.59 -3.07 -32.59
CA GLY A 201 47.78 -3.97 -33.71
C GLY A 201 49.24 -4.12 -34.06
N GLY A 202 49.52 -4.42 -35.33
CA GLY A 202 50.88 -4.57 -35.80
C GLY A 202 51.45 -3.23 -36.18
N LEU A 203 52.23 -2.64 -35.28
CA LEU A 203 52.75 -1.30 -35.49
C LEU A 203 53.77 -1.02 -34.40
N GLU A 204 54.81 -0.27 -34.77
CA GLU A 204 55.80 0.17 -33.80
C GLU A 204 55.35 1.49 -33.17
N HIS A 205 55.54 1.62 -31.86
CA HIS A 205 55.16 2.85 -31.18
C HIS A 205 55.93 4.04 -31.73
N ARG A 206 57.11 3.81 -32.31
CA ARG A 206 57.90 4.88 -32.88
C ARG A 206 57.16 5.57 -34.01
N GLN A 207 56.61 4.79 -34.94
CA GLN A 207 55.95 5.37 -36.10
C GLN A 207 54.68 6.11 -35.72
N LEU A 208 53.97 5.63 -34.70
CA LEU A 208 52.78 6.35 -34.24
C LEU A 208 53.17 7.73 -33.69
N LEU A 209 54.26 7.79 -32.91
CA LEU A 209 54.73 9.08 -32.43
C LEU A 209 55.16 10.00 -33.57
N ASP A 210 55.82 9.44 -34.60
CA ASP A 210 56.22 10.27 -35.74
C ASP A 210 55.01 10.85 -36.44
N LEU A 211 54.02 10.00 -36.72
CA LEU A 211 52.79 10.47 -37.34
C LEU A 211 52.07 11.48 -36.44
N ALA A 212 52.19 11.33 -35.13
CA ALA A 212 51.57 12.30 -34.22
C ALA A 212 52.23 13.67 -34.33
N GLN A 213 53.56 13.73 -34.23
CA GLN A 213 54.24 15.01 -34.42
C GLN A 213 54.07 15.54 -35.84
N LYS A 214 53.76 14.66 -36.79
CA LYS A 214 53.62 15.08 -38.18
C LYS A 214 52.25 15.70 -38.45
N HIS A 215 51.19 15.07 -37.95
CA HIS A 215 49.82 15.46 -38.28
C HIS A 215 49.05 16.07 -37.13
N PHE A 216 49.59 16.09 -35.91
CA PHE A 216 48.91 16.70 -34.76
C PHE A 216 49.72 17.81 -34.10
N SER A 217 50.93 18.10 -34.57
CA SER A 217 51.66 19.21 -33.97
C SER A 217 50.92 20.52 -34.22
N GLY A 218 50.26 20.62 -35.37
CA GLY A 218 49.40 21.74 -35.69
C GLY A 218 48.11 21.73 -34.90
N LEU A 219 48.19 21.72 -33.58
CA LEU A 219 47.02 21.71 -32.71
C LEU A 219 47.26 22.62 -31.53
N SER A 220 46.21 23.32 -31.10
CA SER A 220 46.32 24.31 -30.04
C SER A 220 46.40 23.60 -28.69
N GLY A 221 47.58 23.64 -28.08
CA GLY A 221 47.80 23.14 -26.75
C GLY A 221 47.76 24.21 -25.67
N THR A 222 47.50 25.46 -26.04
CA THR A 222 47.47 26.59 -25.11
C THR A 222 46.00 26.91 -24.81
N TYR A 223 45.55 26.53 -23.62
CA TYR A 223 44.18 26.81 -23.22
C TYR A 223 43.94 28.32 -23.14
N ASP A 224 42.66 28.67 -23.11
CA ASP A 224 42.24 30.05 -22.87
C ASP A 224 42.69 30.49 -21.47
N GLU A 225 42.59 31.81 -21.24
CA GLU A 225 43.13 32.39 -20.01
C GLU A 225 42.45 31.79 -18.78
N ASP A 226 41.11 31.71 -18.79
CA ASP A 226 40.36 31.11 -17.69
C ASP A 226 39.13 30.35 -18.21
N ALA A 227 39.22 29.80 -19.43
CA ALA A 227 38.11 29.06 -20.03
C ALA A 227 38.38 27.56 -20.07
N VAL A 228 39.24 27.06 -19.18
CA VAL A 228 39.51 25.64 -19.05
C VAL A 228 38.27 24.99 -18.43
N PRO A 229 37.56 24.09 -19.12
CA PRO A 229 36.37 23.52 -18.49
C PRO A 229 36.75 22.56 -17.37
N THR A 230 36.02 22.65 -16.27
CA THR A 230 36.17 21.78 -15.11
C THR A 230 34.82 21.13 -14.82
N LEU A 231 34.82 19.82 -14.61
CA LEU A 231 33.59 19.09 -14.33
C LEU A 231 33.18 19.33 -12.87
N SER A 232 31.99 19.90 -12.67
CA SER A 232 31.45 20.00 -11.33
C SER A 232 30.88 18.64 -10.90
N PRO A 233 30.98 18.28 -9.62
CA PRO A 233 30.32 17.05 -9.16
C PRO A 233 28.82 17.11 -9.40
N CYS A 234 28.23 15.95 -9.67
CA CYS A 234 26.82 15.84 -10.02
C CYS A 234 26.07 15.23 -8.86
N ARG A 235 25.12 15.97 -8.31
CA ARG A 235 24.30 15.52 -7.20
C ARG A 235 23.45 14.32 -7.61
N PHE A 236 23.61 13.21 -6.91
CA PHE A 236 22.70 12.09 -7.03
C PHE A 236 21.46 12.36 -6.18
N THR A 237 20.31 11.91 -6.67
CA THR A 237 19.02 12.13 -6.01
C THR A 237 18.23 10.84 -5.99
N GLY A 238 17.94 10.35 -4.79
CA GLY A 238 16.98 9.27 -4.65
C GLY A 238 15.60 9.71 -5.09
N SER A 239 15.09 9.09 -6.16
CA SER A 239 13.87 9.57 -6.81
C SER A 239 13.34 8.46 -7.69
N GLN A 240 12.22 8.74 -8.36
CA GLN A 240 11.54 7.75 -9.19
C GLN A 240 10.82 8.46 -10.32
N ILE A 241 10.86 7.86 -11.51
CA ILE A 241 10.13 8.34 -12.68
C ILE A 241 9.40 7.15 -13.29
N CYS A 242 8.09 7.30 -13.50
CA CYS A 242 7.23 6.20 -13.97
C CYS A 242 6.43 6.69 -15.18
N HIS A 243 6.84 6.25 -16.37
CA HIS A 243 6.10 6.51 -17.60
C HIS A 243 5.16 5.33 -17.81
N ARG A 244 3.95 5.46 -17.29
CA ARG A 244 2.93 4.42 -17.45
C ARG A 244 2.40 4.43 -18.88
N GLU A 245 2.57 3.33 -19.59
CA GLU A 245 2.04 3.22 -20.95
C GLU A 245 1.64 1.75 -21.13
N ASP A 246 0.35 1.48 -20.90
CA ASP A 246 -0.17 0.12 -20.96
C ASP A 246 -0.33 -0.40 -22.38
N GLY A 247 -0.17 0.45 -23.40
CA GLY A 247 -0.23 -0.03 -24.76
C GLY A 247 0.97 -0.88 -25.15
N LEU A 248 2.06 -0.82 -24.38
CA LEU A 248 3.27 -1.60 -24.63
C LEU A 248 3.16 -2.98 -23.98
N PRO A 249 3.75 -4.02 -24.60
CA PRO A 249 3.47 -5.38 -24.14
C PRO A 249 4.31 -5.84 -22.98
N LEU A 250 5.44 -5.19 -22.70
CA LEU A 250 6.30 -5.56 -21.59
C LEU A 250 6.82 -4.32 -20.87
N ALA A 251 6.98 -4.45 -19.55
CA ALA A 251 7.49 -3.37 -18.73
C ALA A 251 9.01 -3.41 -18.68
N HIS A 252 9.62 -2.23 -18.71
CA HIS A 252 11.06 -2.03 -18.51
C HIS A 252 11.24 -1.29 -17.19
N VAL A 253 12.17 -1.76 -16.37
CA VAL A 253 12.43 -1.18 -15.06
C VAL A 253 13.94 -1.10 -14.88
N ALA A 254 14.42 0.07 -14.49
CA ALA A 254 15.82 0.28 -14.16
C ALA A 254 15.92 0.88 -12.77
N ILE A 255 16.71 0.23 -11.90
CA ILE A 255 16.89 0.67 -10.51
C ILE A 255 18.38 0.75 -10.23
N ALA A 256 18.80 1.77 -9.47
CA ALA A 256 20.22 1.91 -9.19
C ALA A 256 20.48 2.80 -7.97
N VAL A 257 21.57 2.50 -7.28
CA VAL A 257 22.12 3.36 -6.25
C VAL A 257 23.36 4.07 -6.80
N GLU A 258 23.85 5.07 -6.07
CA GLU A 258 25.00 5.87 -6.49
C GLU A 258 26.29 5.08 -6.35
N GLY A 259 27.07 5.00 -7.43
CA GLY A 259 28.38 4.37 -7.41
C GLY A 259 29.46 5.41 -7.15
N PRO A 260 30.73 4.97 -6.98
CA PRO A 260 31.81 5.95 -6.72
C PRO A 260 32.47 6.64 -7.90
N GLY A 261 32.70 5.96 -9.01
CA GLY A 261 33.32 6.57 -10.17
C GLY A 261 34.30 5.62 -10.81
N TRP A 262 35.03 6.16 -11.80
CA TRP A 262 35.99 5.35 -12.54
C TRP A 262 37.19 4.91 -11.70
N ALA A 263 37.81 5.84 -10.98
CA ALA A 263 39.10 5.56 -10.36
C ALA A 263 38.99 5.02 -8.94
N HIS A 264 37.81 4.65 -8.50
CA HIS A 264 37.68 4.15 -7.13
C HIS A 264 38.07 2.68 -7.07
N PRO A 265 38.92 2.25 -6.13
CA PRO A 265 39.28 0.82 -6.12
C PRO A 265 38.10 -0.11 -5.87
N ASP A 266 37.01 0.39 -5.27
CA ASP A 266 35.85 -0.42 -4.93
C ASP A 266 35.10 -0.95 -6.15
N ASN A 267 35.40 -0.45 -7.35
CA ASN A 267 34.70 -0.93 -8.54
C ASN A 267 34.97 -2.42 -8.79
N VAL A 268 36.16 -2.88 -8.43
CA VAL A 268 36.48 -4.29 -8.69
C VAL A 268 35.58 -5.18 -7.87
N ALA A 269 35.41 -4.88 -6.58
CA ALA A 269 34.54 -5.69 -5.73
C ALA A 269 33.08 -5.55 -6.13
N LEU A 270 32.67 -4.36 -6.56
CA LEU A 270 31.30 -4.17 -7.02
C LEU A 270 31.01 -4.98 -8.27
N GLN A 271 31.98 -5.06 -9.19
CA GLN A 271 31.80 -5.84 -10.41
C GLN A 271 31.74 -7.34 -10.11
N VAL A 272 32.46 -7.80 -9.08
CA VAL A 272 32.37 -9.19 -8.64
C VAL A 272 30.96 -9.48 -8.15
N ALA A 273 30.39 -8.57 -7.36
CA ALA A 273 29.05 -8.78 -6.83
C ALA A 273 28.01 -8.79 -7.95
N ASN A 274 28.16 -7.91 -8.94
CA ASN A 274 27.24 -7.93 -10.07
C ASN A 274 27.40 -9.20 -10.87
N ALA A 275 28.62 -9.77 -10.93
CA ALA A 275 28.79 -11.03 -11.63
C ALA A 275 28.11 -12.19 -10.90
N ILE A 276 28.03 -12.13 -9.57
CA ILE A 276 27.31 -13.16 -8.83
C ILE A 276 25.82 -13.09 -9.16
N ILE A 277 25.27 -11.88 -9.27
CA ILE A 277 23.88 -11.73 -9.66
C ILE A 277 23.74 -11.97 -11.15
N GLY A 278 24.74 -11.55 -11.94
CA GLY A 278 24.79 -11.90 -13.34
C GLY A 278 23.70 -11.26 -14.18
N HIS A 279 23.32 -11.97 -15.25
CA HIS A 279 22.30 -11.54 -16.19
C HIS A 279 21.51 -12.75 -16.66
N TYR A 280 20.39 -12.49 -17.33
CA TYR A 280 19.53 -13.57 -17.81
C TYR A 280 18.84 -13.11 -19.07
N ASP A 281 18.57 -14.07 -19.94
CA ASP A 281 17.77 -13.91 -21.14
C ASP A 281 16.89 -15.14 -21.26
N CYS A 282 15.71 -14.97 -21.84
CA CYS A 282 14.84 -16.13 -22.04
C CYS A 282 15.40 -17.17 -23.01
N THR A 283 16.47 -16.86 -23.73
CA THR A 283 17.11 -17.80 -24.64
C THR A 283 18.32 -18.51 -24.03
N TYR A 284 18.63 -18.27 -22.76
CA TYR A 284 19.70 -19.00 -22.10
C TYR A 284 19.34 -20.47 -22.00
N GLY A 285 20.37 -21.32 -21.95
CA GLY A 285 20.15 -22.75 -21.89
C GLY A 285 20.16 -23.30 -20.48
N GLY A 286 20.76 -22.57 -19.55
CA GLY A 286 20.87 -23.07 -18.19
C GLY A 286 19.51 -23.21 -17.52
N GLY A 287 18.79 -22.10 -17.43
CA GLY A 287 17.45 -22.12 -16.86
C GLY A 287 17.46 -22.37 -15.37
N ALA A 288 16.81 -23.46 -14.97
CA ALA A 288 16.64 -23.74 -13.55
C ALA A 288 17.96 -23.99 -12.83
N HIS A 289 18.97 -24.51 -13.53
CA HIS A 289 20.23 -24.88 -12.91
C HIS A 289 21.25 -23.75 -12.85
N LEU A 290 20.91 -22.54 -13.28
CA LEU A 290 21.84 -21.42 -13.20
C LEU A 290 22.23 -21.14 -11.75
N SER A 291 23.48 -20.69 -11.57
CA SER A 291 24.02 -20.49 -10.23
C SER A 291 23.38 -19.30 -9.53
N SER A 292 23.19 -18.20 -10.24
CA SER A 292 22.60 -16.99 -9.67
C SER A 292 21.19 -17.29 -9.16
N PRO A 293 20.88 -17.05 -7.88
CA PRO A 293 19.49 -17.25 -7.43
C PRO A 293 18.48 -16.42 -8.21
N LEU A 294 18.79 -15.16 -8.53
CA LEU A 294 17.86 -14.36 -9.31
C LEU A 294 17.59 -15.00 -10.67
N ALA A 295 18.63 -15.52 -11.32
CA ALA A 295 18.45 -16.08 -12.66
C ALA A 295 17.66 -17.37 -12.64
N SER A 296 17.98 -18.28 -11.71
CA SER A 296 17.27 -19.55 -11.67
C SER A 296 15.83 -19.35 -11.26
N ILE A 297 15.57 -18.44 -10.30
CA ILE A 297 14.20 -18.17 -9.88
C ILE A 297 13.42 -17.54 -11.02
N ALA A 298 14.05 -16.62 -11.75
CA ALA A 298 13.36 -15.98 -12.87
C ALA A 298 13.06 -16.97 -13.97
N ALA A 299 13.96 -17.92 -14.21
CA ALA A 299 13.74 -18.90 -15.27
C ALA A 299 12.63 -19.88 -14.87
N THR A 300 12.68 -20.39 -13.63
CA THR A 300 11.73 -21.41 -13.23
C THR A 300 10.33 -20.85 -13.12
N ASN A 301 10.19 -19.65 -12.59
CA ASN A 301 8.90 -19.01 -12.38
C ASN A 301 8.54 -18.02 -13.49
N LYS A 302 9.36 -17.88 -14.53
CA LYS A 302 9.03 -17.03 -15.67
C LYS A 302 8.78 -15.59 -15.20
N LEU A 303 9.66 -15.10 -14.34
CA LEU A 303 9.46 -13.77 -13.77
C LEU A 303 9.85 -12.64 -14.70
N CYS A 304 10.62 -12.92 -15.76
CA CYS A 304 11.08 -11.87 -16.67
C CYS A 304 11.59 -12.50 -17.96
N GLN A 305 11.68 -11.66 -19.00
CA GLN A 305 12.30 -12.04 -20.26
C GLN A 305 13.80 -11.82 -20.23
N SER A 306 14.28 -10.88 -19.42
CA SER A 306 15.71 -10.60 -19.32
C SER A 306 15.97 -9.70 -18.13
N PHE A 307 17.20 -9.78 -17.60
CA PHE A 307 17.71 -8.76 -16.71
C PHE A 307 19.22 -8.67 -16.88
N GLN A 308 19.76 -7.53 -16.48
CA GLN A 308 21.19 -7.27 -16.50
C GLN A 308 21.55 -6.42 -15.30
N THR A 309 22.68 -6.72 -14.69
CA THR A 309 23.29 -5.84 -13.70
C THR A 309 24.29 -4.93 -14.39
N PHE A 310 24.53 -3.77 -13.80
CA PHE A 310 25.47 -2.82 -14.40
C PHE A 310 26.15 -2.01 -13.32
N ASN A 311 27.31 -1.48 -13.68
CA ASN A 311 28.05 -0.51 -12.86
C ASN A 311 28.57 0.56 -13.82
N ILE A 312 27.76 1.59 -14.03
CA ILE A 312 28.11 2.66 -14.96
C ILE A 312 28.92 3.70 -14.19
N CYS A 313 30.13 3.98 -14.66
CA CYS A 313 31.07 4.86 -13.99
C CYS A 313 31.13 6.23 -14.64
N TYR A 314 31.27 7.27 -13.83
CA TYR A 314 31.57 8.60 -14.31
C TYR A 314 32.64 9.19 -13.41
N ALA A 315 32.94 10.47 -13.62
CA ALA A 315 33.89 11.18 -12.76
C ALA A 315 33.27 11.36 -11.39
N ASP A 316 33.79 10.63 -10.40
CA ASP A 316 33.41 10.78 -9.00
C ASP A 316 31.95 10.41 -8.74
N THR A 317 31.30 9.71 -9.65
CA THR A 317 29.92 9.25 -9.43
C THR A 317 29.64 8.13 -10.43
N GLY A 318 28.44 7.54 -10.30
CA GLY A 318 28.07 6.45 -11.17
C GLY A 318 26.72 5.88 -10.77
N LEU A 319 26.22 4.97 -11.62
CA LEU A 319 24.95 4.28 -11.43
C LEU A 319 25.23 2.78 -11.24
N LEU A 320 24.97 2.27 -10.04
CA LEU A 320 25.18 0.86 -9.71
C LEU A 320 23.81 0.21 -9.51
N GLY A 321 23.48 -0.78 -10.33
CA GLY A 321 22.21 -1.45 -10.15
C GLY A 321 21.88 -2.51 -11.18
N ALA A 322 20.60 -2.58 -11.55
CA ALA A 322 20.16 -3.58 -12.51
C ALA A 322 18.98 -3.01 -13.30
N HIS A 323 18.62 -3.74 -14.35
CA HIS A 323 17.52 -3.40 -15.26
C HIS A 323 16.90 -4.71 -15.69
N PHE A 324 15.58 -4.74 -15.87
CA PHE A 324 14.93 -5.97 -16.30
C PHE A 324 13.71 -5.64 -17.14
N VAL A 325 13.17 -6.69 -17.77
CA VAL A 325 12.04 -6.61 -18.68
C VAL A 325 11.09 -7.76 -18.36
N CYS A 326 9.81 -7.48 -18.12
CA CYS A 326 8.92 -8.55 -17.69
C CYS A 326 7.46 -8.21 -17.98
N ASP A 327 6.64 -9.25 -17.91
CA ASP A 327 5.18 -9.15 -17.94
C ASP A 327 4.68 -8.25 -16.80
N HIS A 328 3.51 -7.64 -17.00
CA HIS A 328 3.00 -6.66 -16.05
C HIS A 328 2.64 -7.23 -14.69
N MET A 329 2.41 -8.54 -14.59
CA MET A 329 2.09 -9.18 -13.32
C MET A 329 3.33 -9.78 -12.65
N SER A 330 4.53 -9.43 -13.12
CA SER A 330 5.78 -9.96 -12.58
C SER A 330 6.74 -8.88 -12.07
N ILE A 331 6.37 -7.60 -12.15
CA ILE A 331 7.32 -6.56 -11.77
C ILE A 331 7.64 -6.66 -10.28
N ASP A 332 6.61 -6.92 -9.47
CA ASP A 332 6.77 -6.97 -8.02
C ASP A 332 7.66 -8.14 -7.59
N ASP A 333 7.46 -9.33 -8.20
CA ASP A 333 8.31 -10.45 -7.82
C ASP A 333 9.75 -10.22 -8.24
N MET A 334 9.99 -9.69 -9.44
CA MET A 334 11.36 -9.40 -9.86
C MET A 334 12.02 -8.39 -8.92
N MET A 335 11.30 -7.33 -8.55
CA MET A 335 11.85 -6.37 -7.61
C MET A 335 12.17 -7.04 -6.29
N PHE A 336 11.29 -7.92 -5.83
CA PHE A 336 11.51 -8.58 -4.55
C PHE A 336 12.76 -9.45 -4.61
N VAL A 337 12.86 -10.31 -5.62
CA VAL A 337 14.00 -11.21 -5.70
C VAL A 337 15.29 -10.43 -5.92
N LEU A 338 15.21 -9.38 -6.75
CA LEU A 338 16.40 -8.55 -7.01
C LEU A 338 16.94 -7.95 -5.73
N GLN A 339 16.08 -7.26 -4.98
CA GLN A 339 16.51 -6.61 -3.75
C GLN A 339 16.97 -7.62 -2.71
N GLY A 340 16.30 -8.79 -2.65
CA GLY A 340 16.70 -9.82 -1.72
C GLY A 340 18.13 -10.27 -1.93
N GLN A 341 18.57 -10.29 -3.19
CA GLN A 341 19.92 -10.71 -3.49
C GLN A 341 20.92 -9.61 -3.12
N TRP A 342 20.57 -8.35 -3.36
CA TRP A 342 21.41 -7.26 -2.87
C TRP A 342 21.61 -7.35 -1.37
N MET A 343 20.52 -7.50 -0.61
CA MET A 343 20.62 -7.58 0.85
C MET A 343 21.38 -8.84 1.28
N ARG A 344 21.17 -9.95 0.57
CA ARG A 344 21.84 -11.20 0.89
C ARG A 344 23.35 -11.05 0.74
N LEU A 345 23.79 -10.39 -0.34
CA LEU A 345 25.22 -10.20 -0.54
C LEU A 345 25.80 -9.19 0.44
N CYS A 346 25.02 -8.17 0.82
CA CYS A 346 25.47 -7.22 1.85
C CYS A 346 25.75 -7.91 3.18
N THR A 347 24.95 -8.92 3.53
CA THR A 347 24.94 -9.51 4.86
C THR A 347 25.48 -10.93 4.93
N SER A 348 25.33 -11.75 3.87
CA SER A 348 25.57 -13.19 3.96
C SER A 348 26.32 -13.75 2.74
N ALA A 349 27.21 -12.97 2.14
CA ALA A 349 27.95 -13.47 0.98
C ALA A 349 28.87 -14.59 1.41
N THR A 350 28.84 -15.70 0.68
CA THR A 350 29.66 -16.85 0.96
C THR A 350 30.92 -16.82 0.09
N GLU A 351 31.88 -17.69 0.41
CA GLU A 351 33.16 -17.67 -0.27
C GLU A 351 33.09 -18.29 -1.66
N SER A 352 32.34 -19.39 -1.82
CA SER A 352 32.36 -20.09 -3.10
C SER A 352 31.73 -19.26 -4.19
N GLU A 353 30.59 -18.61 -3.91
CA GLU A 353 29.97 -17.79 -4.93
C GLU A 353 30.86 -16.59 -5.29
N VAL A 354 31.63 -16.10 -4.34
CA VAL A 354 32.52 -14.97 -4.62
C VAL A 354 33.65 -15.42 -5.54
N LEU A 355 34.17 -16.63 -5.34
CA LEU A 355 35.11 -17.17 -6.30
C LEU A 355 34.47 -17.29 -7.68
N ARG A 356 33.16 -17.56 -7.74
CA ARG A 356 32.45 -17.55 -9.02
C ARG A 356 32.50 -16.18 -9.67
N GLY A 357 32.16 -15.14 -8.92
CA GLY A 357 32.18 -13.79 -9.48
C GLY A 357 33.57 -13.36 -9.90
N LYS A 358 34.58 -13.71 -9.12
CA LYS A 358 35.95 -13.44 -9.52
C LYS A 358 36.28 -14.13 -10.83
N ASN A 359 35.92 -15.41 -10.97
CA ASN A 359 36.21 -16.16 -12.20
C ASN A 359 35.47 -15.59 -13.40
N LEU A 360 34.18 -15.23 -13.22
CA LEU A 360 33.43 -14.61 -14.31
C LEU A 360 34.07 -13.31 -14.75
N LEU A 361 34.56 -12.52 -13.81
CA LEU A 361 35.16 -11.24 -14.17
C LEU A 361 36.49 -11.43 -14.89
N ARG A 362 37.26 -12.43 -14.47
CA ARG A 362 38.51 -12.75 -15.15
C ARG A 362 38.24 -13.14 -16.60
N ASN A 363 37.25 -14.01 -16.82
CA ASN A 363 36.90 -14.40 -18.18
C ASN A 363 36.30 -13.22 -18.94
N ALA A 364 35.51 -12.38 -18.27
CA ALA A 364 34.93 -11.22 -18.95
C ALA A 364 35.99 -10.21 -19.35
N LEU A 365 37.04 -10.05 -18.52
CA LEU A 365 38.08 -9.08 -18.83
C LEU A 365 38.92 -9.56 -20.01
N VAL A 366 39.31 -10.83 -19.99
CA VAL A 366 40.23 -11.36 -21.00
C VAL A 366 39.50 -11.51 -22.32
N SER A 367 38.26 -12.01 -22.27
CA SER A 367 37.49 -12.22 -23.48
C SER A 367 37.09 -10.91 -24.15
N HIS A 368 37.06 -9.81 -23.41
CA HIS A 368 36.69 -8.54 -24.02
C HIS A 368 37.85 -7.91 -24.77
N LEU A 369 39.05 -7.93 -24.18
CA LEU A 369 40.25 -7.45 -24.85
C LEU A 369 40.81 -8.51 -25.80
N ASP A 370 40.01 -8.83 -26.81
CA ASP A 370 40.31 -9.86 -27.80
C ASP A 370 40.00 -9.25 -29.16
N GLY A 371 41.02 -8.63 -29.76
CA GLY A 371 40.91 -7.96 -31.05
C GLY A 371 41.55 -6.59 -30.99
N THR A 372 41.91 -6.03 -32.15
CA THR A 372 42.59 -4.74 -32.16
C THR A 372 41.69 -3.60 -31.71
N THR A 373 40.39 -3.68 -31.99
CA THR A 373 39.52 -2.54 -31.70
C THR A 373 39.17 -2.45 -30.21
N PRO A 374 38.79 -3.54 -29.54
CA PRO A 374 38.53 -3.42 -28.09
C PRO A 374 39.77 -3.01 -27.32
N VAL A 375 40.96 -3.49 -27.71
CA VAL A 375 42.19 -3.09 -27.02
C VAL A 375 42.46 -1.61 -27.27
N CYS A 376 42.25 -1.14 -28.51
CA CYS A 376 42.47 0.28 -28.79
C CYS A 376 41.54 1.16 -27.97
N GLU A 377 40.30 0.72 -27.77
CA GLU A 377 39.37 1.47 -26.93
C GLU A 377 39.82 1.47 -25.48
N ASP A 378 40.27 0.33 -24.98
CA ASP A 378 40.72 0.27 -23.59
C ASP A 378 41.94 1.16 -23.39
N ILE A 379 42.78 1.30 -24.41
CA ILE A 379 43.92 2.22 -24.31
C ILE A 379 43.43 3.65 -24.22
N GLY A 380 42.64 4.09 -25.20
CA GLY A 380 42.23 5.49 -25.24
C GLY A 380 41.38 5.90 -24.05
N ARG A 381 40.43 5.05 -23.67
CA ARG A 381 39.52 5.41 -22.58
C ARG A 381 40.23 5.36 -21.23
N SER A 382 41.12 4.39 -21.04
CA SER A 382 41.81 4.27 -19.76
C SER A 382 42.70 5.47 -19.49
N LEU A 383 43.35 6.00 -20.53
CA LEU A 383 44.19 7.17 -20.37
C LEU A 383 43.41 8.43 -20.00
N LEU A 384 42.11 8.46 -20.28
CA LEU A 384 41.27 9.58 -19.87
C LEU A 384 40.78 9.41 -18.44
N THR A 385 40.33 8.21 -18.09
CA THR A 385 39.74 7.96 -16.78
C THR A 385 40.84 7.75 -15.73
N TYR A 386 41.72 6.77 -15.96
CA TYR A 386 42.78 6.42 -15.04
C TYR A 386 44.07 7.20 -15.24
N GLY A 387 44.23 7.87 -16.38
CA GLY A 387 45.51 8.50 -16.68
C GLY A 387 46.64 7.54 -16.95
N ARG A 388 46.32 6.26 -17.19
CA ARG A 388 47.32 5.25 -17.46
C ARG A 388 46.58 4.01 -17.95
N ARG A 389 47.35 3.07 -18.49
CA ARG A 389 46.84 1.76 -18.85
C ARG A 389 47.10 0.84 -17.67
N ILE A 390 46.04 0.22 -17.15
CA ILE A 390 46.15 -0.69 -16.01
C ILE A 390 46.36 -2.10 -16.58
N PRO A 391 47.56 -2.70 -16.44
CA PRO A 391 47.78 -4.02 -17.03
C PRO A 391 46.84 -5.07 -16.44
N LEU A 392 46.64 -6.13 -17.23
CA LEU A 392 45.78 -7.22 -16.76
C LEU A 392 46.32 -7.87 -15.49
N ALA A 393 47.65 -7.91 -15.34
CA ALA A 393 48.22 -8.45 -14.11
C ALA A 393 47.80 -7.64 -12.89
N GLU A 394 47.55 -6.33 -13.06
CA GLU A 394 47.08 -5.51 -11.94
C GLU A 394 45.62 -5.81 -11.61
N TRP A 395 44.78 -5.94 -12.64
CA TRP A 395 43.38 -6.31 -12.42
C TRP A 395 43.28 -7.64 -11.70
N GLU A 396 44.14 -8.60 -12.07
CA GLU A 396 44.12 -9.89 -11.41
C GLU A 396 44.47 -9.74 -9.93
N SER A 397 45.41 -8.85 -9.61
CA SER A 397 45.76 -8.60 -8.22
C SER A 397 44.57 -8.02 -7.45
N ARG A 398 43.85 -7.07 -8.04
CA ARG A 398 42.70 -6.49 -7.36
C ARG A 398 41.58 -7.51 -7.21
N ILE A 399 41.39 -8.36 -8.20
CA ILE A 399 40.35 -9.38 -8.10
C ILE A 399 40.70 -10.42 -7.04
N ALA A 400 41.96 -10.87 -7.02
CA ALA A 400 42.37 -11.87 -6.04
C ALA A 400 42.23 -11.35 -4.61
N GLU A 401 42.39 -10.03 -4.40
CA GLU A 401 42.21 -9.48 -3.06
C GLU A 401 40.78 -9.68 -2.56
N VAL A 402 39.83 -9.77 -3.47
CA VAL A 402 38.43 -9.86 -3.11
C VAL A 402 38.12 -11.23 -2.52
N ASP A 403 37.52 -11.24 -1.33
CA ASP A 403 36.96 -12.45 -0.74
C ASP A 403 35.54 -12.13 -0.30
N ALA A 404 34.90 -13.05 0.41
CA ALA A 404 33.50 -12.84 0.79
C ALA A 404 33.34 -11.60 1.66
N ARG A 405 34.28 -11.38 2.59
CA ARG A 405 34.19 -10.21 3.47
C ARG A 405 34.23 -8.91 2.66
N VAL A 406 35.10 -8.84 1.67
CA VAL A 406 35.21 -7.63 0.86
C VAL A 406 33.88 -7.33 0.15
N VAL A 407 33.21 -8.37 -0.34
CA VAL A 407 31.94 -8.15 -1.03
C VAL A 407 30.87 -7.68 -0.04
N ARG A 408 30.83 -8.27 1.16
CA ARG A 408 29.84 -7.85 2.15
C ARG A 408 30.09 -6.40 2.57
N GLU A 409 31.36 -6.02 2.72
CA GLU A 409 31.66 -4.65 3.15
C GLU A 409 31.42 -3.67 2.01
N VAL A 410 31.86 -4.01 0.79
CA VAL A 410 31.73 -3.08 -0.32
C VAL A 410 30.26 -2.92 -0.71
N CYS A 411 29.50 -4.02 -0.75
CA CYS A 411 28.10 -3.91 -1.14
C CYS A 411 27.28 -3.13 -0.11
N SER A 412 27.49 -3.39 1.18
CA SER A 412 26.78 -2.64 2.22
C SER A 412 27.06 -1.15 2.12
N LYS A 413 28.28 -0.78 1.71
CA LYS A 413 28.65 0.63 1.61
C LYS A 413 27.80 1.36 0.57
N TYR A 414 27.44 0.68 -0.54
CA TYR A 414 26.73 1.32 -1.64
C TYR A 414 25.26 0.93 -1.75
N PHE A 415 24.85 -0.22 -1.23
CA PHE A 415 23.47 -0.70 -1.35
C PHE A 415 22.64 -0.50 -0.07
N TYR A 416 23.17 -0.95 1.07
CA TYR A 416 22.35 -1.13 2.26
C TYR A 416 21.84 0.20 2.81
N ASP A 417 20.52 0.31 2.91
CA ASP A 417 19.87 1.48 3.49
C ASP A 417 20.25 2.76 2.74
N GLN A 418 20.29 2.65 1.41
CA GLN A 418 20.56 3.78 0.53
C GLN A 418 19.31 4.05 -0.30
N CYS A 419 19.16 5.29 -0.71
CA CYS A 419 18.01 5.66 -1.52
C CYS A 419 18.30 5.34 -2.98
N PRO A 420 17.53 4.46 -3.63
CA PRO A 420 17.78 4.18 -5.05
C PRO A 420 17.07 5.17 -5.97
N ALA A 421 17.52 5.17 -7.22
CA ALA A 421 16.84 5.85 -8.32
C ALA A 421 16.13 4.81 -9.15
N VAL A 422 14.85 5.03 -9.42
CA VAL A 422 14.00 4.07 -10.12
C VAL A 422 13.50 4.70 -11.41
N ALA A 423 13.45 3.91 -12.48
CA ALA A 423 12.93 4.36 -13.76
C ALA A 423 12.04 3.25 -14.30
N GLY A 424 10.79 3.58 -14.60
CA GLY A 424 9.82 2.61 -15.08
C GLY A 424 9.18 3.07 -16.36
N PHE A 425 8.93 2.12 -17.26
CA PHE A 425 8.33 2.43 -18.56
C PHE A 425 7.51 1.22 -19.00
N GLY A 426 6.28 1.46 -19.44
CA GLY A 426 5.45 0.41 -19.96
C GLY A 426 4.25 0.11 -19.07
N PRO A 427 3.76 -1.14 -19.07
CA PRO A 427 2.66 -1.49 -18.17
C PRO A 427 3.15 -1.69 -16.74
N ILE A 428 3.26 -0.59 -15.99
CA ILE A 428 3.97 -0.59 -14.71
C ILE A 428 3.02 -0.33 -13.54
N GLU A 429 1.77 -0.76 -13.66
CA GLU A 429 0.83 -0.60 -12.55
C GLU A 429 1.29 -1.37 -11.32
N GLN A 430 1.91 -2.53 -11.51
CA GLN A 430 2.39 -3.34 -10.41
C GLN A 430 3.78 -2.94 -9.93
N LEU A 431 4.39 -1.93 -10.52
CA LEU A 431 5.69 -1.47 -10.04
C LEU A 431 5.52 -1.03 -8.59
N PRO A 432 6.31 -1.56 -7.65
CA PRO A 432 6.05 -1.23 -6.24
C PRO A 432 6.25 0.26 -5.96
N ASP A 433 5.52 0.74 -4.95
CA ASP A 433 5.63 2.13 -4.51
C ASP A 433 7.06 2.41 -4.08
N TYR A 434 7.48 3.67 -4.19
CA TYR A 434 8.86 4.00 -3.86
C TYR A 434 9.19 3.67 -2.41
N ASN A 435 8.27 3.97 -1.49
CA ASN A 435 8.52 3.61 -0.09
C ASN A 435 8.75 2.12 0.05
N ARG A 436 7.95 1.30 -0.63
CA ARG A 436 8.14 -0.14 -0.55
C ARG A 436 9.46 -0.55 -1.17
N ILE A 437 9.85 0.08 -2.29
CA ILE A 437 11.18 -0.17 -2.86
C ILE A 437 12.26 0.25 -1.87
N ARG A 438 12.12 1.45 -1.29
CA ARG A 438 13.10 1.93 -0.33
C ARG A 438 13.20 0.99 0.88
N SER A 439 12.05 0.47 1.36
CA SER A 439 12.07 -0.50 2.45
C SER A 439 12.74 -1.80 2.04
N GLY A 440 12.74 -2.12 0.75
CA GLY A 440 13.45 -3.29 0.28
C GLY A 440 14.96 -3.17 0.33
N MET A 441 15.49 -2.01 0.70
CA MET A 441 16.93 -1.78 0.73
C MET A 441 17.52 -2.04 2.11
N PHE A 442 16.74 -2.54 3.05
CA PHE A 442 17.27 -3.01 4.33
C PHE A 442 16.45 -4.22 4.76
N TRP A 443 16.97 -4.91 5.77
CA TRP A 443 16.34 -6.09 6.34
C TRP A 443 16.13 -5.84 7.82
N LEU A 444 14.89 -5.98 8.27
CA LEU A 444 14.58 -5.85 9.69
C LEU A 444 15.29 -6.93 10.50
N ARG A 445 15.61 -8.07 9.87
CA ARG A 445 16.27 -9.16 10.58
C ARG A 445 17.74 -8.87 10.85
N PHE A 446 18.33 -7.93 10.12
CA PHE A 446 19.76 -7.67 10.24
C PHE A 446 20.10 -6.63 11.29
N ALA B 15 61.51 -2.12 -24.34
CA ALA B 15 60.80 -2.37 -25.57
C ALA B 15 59.65 -3.36 -25.35
N GLY B 16 58.44 -2.95 -25.69
CA GLY B 16 57.27 -3.80 -25.56
C GLY B 16 56.99 -4.64 -26.79
N VAL B 17 58.05 -4.95 -27.54
CA VAL B 17 57.93 -5.84 -28.70
C VAL B 17 57.42 -7.20 -28.23
N PRO B 18 56.49 -7.86 -28.93
CA PRO B 18 55.99 -9.14 -28.45
C PRO B 18 56.90 -10.27 -28.91
N PRO B 19 56.76 -11.47 -28.34
CA PRO B 19 57.60 -12.58 -28.81
C PRO B 19 57.26 -13.02 -30.23
N HIS B 20 57.98 -14.01 -30.71
CA HIS B 20 57.70 -14.55 -32.04
C HIS B 20 56.44 -15.40 -31.99
N PRO B 21 55.45 -15.15 -32.85
CA PRO B 21 54.19 -15.88 -32.74
C PRO B 21 54.40 -17.31 -33.22
N GLN B 22 53.87 -18.27 -32.47
CA GLN B 22 53.94 -19.65 -32.92
C GLN B 22 52.92 -19.90 -34.00
N ASP B 23 53.32 -20.67 -35.01
CA ASP B 23 52.43 -21.01 -36.10
C ASP B 23 51.62 -22.27 -35.78
N LEU B 24 50.44 -22.34 -36.39
CA LEU B 24 49.49 -23.39 -36.12
C LEU B 24 50.01 -24.76 -36.53
N GLU B 25 49.55 -25.78 -35.83
CA GLU B 25 49.82 -27.18 -36.14
C GLU B 25 48.53 -27.86 -36.56
N PHE B 26 48.65 -28.88 -37.40
CA PHE B 26 47.50 -29.46 -38.07
C PHE B 26 47.77 -30.95 -38.27
N THR B 27 46.73 -31.77 -38.10
CA THR B 27 46.88 -33.22 -38.21
C THR B 27 45.58 -33.86 -38.69
N ARG B 28 45.68 -34.75 -39.67
CA ARG B 28 44.55 -35.55 -40.12
C ARG B 28 44.82 -36.96 -39.60
N LEU B 29 43.92 -37.47 -38.80
CA LEU B 29 44.03 -38.84 -38.33
C LEU B 29 43.51 -39.77 -39.43
N PRO B 30 43.93 -41.03 -39.45
CA PRO B 30 43.46 -41.95 -40.51
C PRO B 30 41.96 -42.18 -40.50
N ASN B 31 41.26 -41.97 -39.37
CA ASN B 31 39.81 -42.13 -39.35
C ASN B 31 39.07 -40.93 -39.94
N GLY B 32 39.78 -39.92 -40.45
CA GLY B 32 39.19 -38.75 -41.05
C GLY B 32 39.15 -37.53 -40.15
N LEU B 33 39.29 -37.71 -38.84
CA LEU B 33 39.23 -36.60 -37.91
C LEU B 33 40.40 -35.65 -38.15
N VAL B 34 40.17 -34.37 -37.89
CA VAL B 34 41.13 -33.31 -38.10
C VAL B 34 41.35 -32.60 -36.77
N ILE B 35 42.61 -32.45 -36.37
CA ILE B 35 43.00 -31.69 -35.19
C ILE B 35 43.86 -30.52 -35.64
N ALA B 36 43.57 -29.34 -35.07
CA ALA B 36 44.31 -28.12 -35.37
C ALA B 36 44.42 -27.30 -34.08
N SER B 37 45.64 -27.02 -33.64
CA SER B 37 45.88 -26.30 -32.41
C SER B 37 46.75 -25.08 -32.70
N LEU B 38 46.61 -24.06 -31.86
CA LEU B 38 47.48 -22.88 -31.93
C LEU B 38 47.76 -22.40 -30.51
N GLU B 39 49.04 -22.40 -30.12
CA GLU B 39 49.46 -21.92 -28.81
C GLU B 39 49.83 -20.45 -28.98
N ASN B 40 48.90 -19.57 -28.62
CA ASN B 40 49.13 -18.14 -28.63
C ASN B 40 49.51 -17.59 -27.25
N TYR B 41 49.60 -18.47 -26.24
CA TYR B 41 50.00 -18.08 -24.89
C TYR B 41 49.07 -17.01 -24.32
N ALA B 42 47.82 -17.01 -24.78
CA ALA B 42 46.83 -16.08 -24.28
C ALA B 42 46.33 -16.51 -22.90
N PRO B 43 45.84 -15.58 -22.09
CA PRO B 43 45.34 -15.96 -20.76
C PRO B 43 44.14 -16.89 -20.81
N ALA B 44 43.39 -16.88 -21.91
CA ALA B 44 42.21 -17.71 -22.08
C ALA B 44 42.46 -18.80 -23.12
N SER B 45 41.73 -19.91 -22.98
CA SER B 45 41.77 -20.98 -23.96
C SER B 45 40.41 -21.11 -24.63
N ARG B 46 40.43 -21.59 -25.87
CA ARG B 46 39.22 -21.78 -26.66
C ARG B 46 39.35 -23.09 -27.42
N ILE B 47 38.32 -23.92 -27.33
CA ILE B 47 38.29 -25.22 -27.98
C ILE B 47 36.93 -25.37 -28.64
N GLY B 48 36.91 -25.88 -29.87
CA GLY B 48 35.68 -26.06 -30.59
C GLY B 48 35.67 -27.37 -31.37
N LEU B 49 34.55 -28.08 -31.31
CA LEU B 49 34.33 -29.30 -32.10
C LEU B 49 33.36 -28.96 -33.22
N PHE B 50 33.87 -28.91 -34.44
CA PHE B 50 33.10 -28.60 -35.63
C PHE B 50 32.67 -29.90 -36.27
N ILE B 51 31.39 -30.00 -36.60
CA ILE B 51 30.77 -31.24 -37.04
C ILE B 51 29.96 -30.96 -38.30
N LYS B 52 30.09 -31.83 -39.31
CA LYS B 52 29.24 -31.77 -40.50
C LYS B 52 27.87 -32.34 -40.14
N ALA B 53 27.08 -31.52 -39.45
CA ALA B 53 25.77 -31.94 -38.94
C ALA B 53 24.73 -30.82 -39.06
N GLY B 54 24.92 -29.88 -39.98
CA GLY B 54 23.98 -28.79 -40.14
C GLY B 54 22.62 -29.27 -40.59
N SER B 55 21.68 -28.34 -40.74
CA SER B 55 20.31 -28.72 -41.08
C SER B 55 20.18 -29.35 -42.46
N ARG B 56 21.20 -29.28 -43.30
CA ARG B 56 21.09 -29.92 -44.61
C ARG B 56 20.92 -31.42 -44.50
N TYR B 57 21.39 -32.01 -43.40
CA TYR B 57 21.38 -33.46 -43.23
C TYR B 57 20.10 -33.95 -42.60
N GLU B 58 19.14 -33.06 -42.37
CA GLU B 58 17.78 -33.46 -42.03
C GLU B 58 17.05 -33.85 -43.31
N ASN B 59 15.97 -34.62 -43.16
CA ASN B 59 15.08 -34.92 -44.28
C ASN B 59 13.67 -34.62 -43.83
N SER B 60 12.70 -34.88 -44.71
CA SER B 60 11.33 -34.48 -44.45
C SER B 60 10.72 -35.22 -43.27
N ASN B 61 11.36 -36.27 -42.77
CA ASN B 61 10.80 -37.03 -41.66
C ASN B 61 11.30 -36.57 -40.29
N ASN B 62 12.44 -35.87 -40.21
CA ASN B 62 12.98 -35.45 -38.92
C ASN B 62 13.37 -33.98 -38.94
N LEU B 63 12.63 -33.14 -39.68
CA LEU B 63 12.96 -31.73 -39.76
C LEU B 63 12.96 -31.10 -38.38
N GLY B 64 13.92 -30.19 -38.15
CA GLY B 64 14.06 -29.53 -36.88
C GLY B 64 14.90 -30.27 -35.85
N THR B 65 15.33 -31.50 -36.16
CA THR B 65 16.05 -32.28 -35.16
C THR B 65 17.37 -31.62 -34.79
N SER B 66 18.01 -30.93 -35.75
CA SER B 66 19.28 -30.28 -35.46
C SER B 66 19.09 -28.95 -34.72
N HIS B 67 17.89 -28.37 -34.77
CA HIS B 67 17.62 -27.18 -33.98
C HIS B 67 17.49 -27.54 -32.51
N LEU B 68 16.63 -28.52 -32.20
CA LEU B 68 16.50 -28.99 -30.82
C LEU B 68 17.83 -29.47 -30.30
N LEU B 69 18.60 -30.16 -31.15
CA LEU B 69 19.93 -30.59 -30.75
C LEU B 69 20.80 -29.40 -30.40
N ARG B 70 20.67 -28.32 -31.16
CA ARG B 70 21.44 -27.12 -30.86
C ARG B 70 21.07 -26.53 -29.50
N LEU B 71 19.84 -26.74 -29.06
CA LEU B 71 19.37 -26.21 -27.79
C LEU B 71 19.60 -27.14 -26.60
N ALA B 72 20.19 -28.31 -26.82
CA ALA B 72 20.21 -29.36 -25.81
C ALA B 72 21.61 -29.63 -25.26
N SER B 73 22.53 -28.66 -25.39
CA SER B 73 23.91 -28.91 -24.97
C SER B 73 24.04 -29.05 -23.46
N SER B 74 23.12 -28.49 -22.68
CA SER B 74 23.16 -28.57 -21.23
C SER B 74 22.30 -29.71 -20.67
N LEU B 75 21.73 -30.57 -21.51
CA LEU B 75 20.97 -31.69 -21.00
C LEU B 75 21.93 -32.75 -20.48
N THR B 76 21.38 -33.70 -19.73
CA THR B 76 22.20 -34.66 -19.01
C THR B 76 22.95 -35.58 -19.95
N THR B 77 24.20 -35.84 -19.61
CA THR B 77 25.08 -36.75 -20.34
C THR B 77 25.43 -37.94 -19.44
N LYS B 78 26.19 -38.87 -19.99
CA LYS B 78 26.58 -40.05 -19.21
C LYS B 78 27.63 -39.71 -18.15
N GLY B 79 28.40 -38.64 -18.38
CA GLY B 79 29.47 -38.26 -17.49
C GLY B 79 29.21 -37.00 -16.67
N ALA B 80 28.15 -36.26 -17.04
CA ALA B 80 27.82 -35.01 -16.38
C ALA B 80 26.33 -34.80 -16.39
N SER B 81 25.74 -34.58 -15.21
CA SER B 81 24.34 -34.23 -15.13
C SER B 81 24.12 -32.85 -15.70
N SER B 82 22.84 -32.54 -15.97
CA SER B 82 22.48 -31.22 -16.48
C SER B 82 22.86 -30.15 -15.46
N PHE B 83 22.58 -30.41 -14.19
CA PHE B 83 22.98 -29.49 -13.12
C PHE B 83 24.49 -29.25 -13.11
N LYS B 84 25.29 -30.31 -13.27
CA LYS B 84 26.74 -30.16 -13.19
C LYS B 84 27.32 -29.40 -14.37
N ILE B 85 26.76 -29.61 -15.57
CA ILE B 85 27.28 -28.91 -16.74
C ILE B 85 27.10 -27.41 -16.56
N THR B 86 25.92 -27.00 -16.07
CA THR B 86 25.65 -25.59 -15.91
C THR B 86 26.49 -24.99 -14.78
N ARG B 87 26.60 -25.69 -13.65
CA ARG B 87 27.30 -25.15 -12.48
C ARG B 87 28.81 -25.30 -12.59
N GLY B 88 29.28 -26.40 -13.17
CA GLY B 88 30.71 -26.58 -13.33
C GLY B 88 31.33 -25.55 -14.25
N ILE B 89 30.66 -25.25 -15.37
CA ILE B 89 31.17 -24.26 -16.30
C ILE B 89 31.08 -22.87 -15.69
N GLU B 90 29.95 -22.56 -15.04
CA GLU B 90 29.79 -21.24 -14.44
C GLU B 90 30.73 -21.07 -13.25
N ALA B 91 31.10 -22.18 -12.59
CA ALA B 91 31.98 -22.08 -11.43
C ALA B 91 33.32 -21.49 -11.81
N VAL B 92 33.86 -21.89 -12.97
CA VAL B 92 35.13 -21.38 -13.47
C VAL B 92 34.91 -20.25 -14.47
N GLY B 93 33.72 -19.68 -14.52
CA GLY B 93 33.47 -18.55 -15.39
C GLY B 93 33.55 -18.85 -16.87
N GLY B 94 33.35 -20.11 -17.26
CA GLY B 94 33.49 -20.52 -18.64
C GLY B 94 32.20 -20.29 -19.42
N LYS B 95 32.23 -20.73 -20.68
CA LYS B 95 31.12 -20.56 -21.61
C LYS B 95 30.98 -21.82 -22.45
N LEU B 96 29.75 -22.13 -22.83
CA LEU B 96 29.44 -23.24 -23.73
C LEU B 96 28.44 -22.73 -24.76
N SER B 97 28.76 -22.88 -26.04
CA SER B 97 27.91 -22.37 -27.10
C SER B 97 27.80 -23.41 -28.21
N VAL B 98 26.72 -23.31 -28.97
CA VAL B 98 26.46 -24.20 -30.09
C VAL B 98 26.02 -23.32 -31.27
N THR B 99 26.90 -23.16 -32.25
CA THR B 99 26.62 -22.40 -33.46
C THR B 99 26.40 -23.33 -34.64
N SER B 100 25.37 -23.03 -35.43
CA SER B 100 24.86 -23.96 -36.44
C SER B 100 24.58 -23.17 -37.72
N THR B 101 25.09 -23.68 -38.84
CA THR B 101 24.79 -23.22 -40.18
C THR B 101 24.05 -24.33 -40.91
N ARG B 102 23.75 -24.09 -42.18
CA ARG B 102 23.10 -25.13 -42.97
C ARG B 102 23.99 -26.34 -43.19
N GLU B 103 25.30 -26.21 -42.98
CA GLU B 103 26.23 -27.30 -43.19
C GLU B 103 26.90 -27.81 -41.93
N ASN B 104 27.14 -26.97 -40.93
CA ASN B 104 27.96 -27.35 -39.78
C ASN B 104 27.26 -27.04 -38.48
N MET B 105 27.64 -27.81 -37.45
CA MET B 105 27.37 -27.50 -36.05
C MET B 105 28.71 -27.36 -35.36
N ALA B 106 28.84 -26.32 -34.52
CA ALA B 106 30.11 -25.95 -33.89
C ALA B 106 29.89 -25.86 -32.38
N TYR B 107 30.34 -26.88 -31.66
CA TYR B 107 30.33 -26.91 -30.20
C TYR B 107 31.60 -26.28 -29.64
N THR B 108 31.50 -25.06 -29.10
CA THR B 108 32.66 -24.30 -28.61
C THR B 108 32.58 -24.02 -27.12
N VAL B 109 33.76 -23.93 -26.48
CA VAL B 109 33.89 -23.83 -25.02
C VAL B 109 35.03 -22.85 -24.82
N GLU B 110 34.87 -21.96 -23.86
CA GLU B 110 35.83 -20.91 -23.58
C GLU B 110 36.11 -20.95 -22.08
N CYS B 111 37.35 -20.64 -21.70
CA CYS B 111 37.72 -20.59 -20.28
C CYS B 111 39.16 -20.10 -20.15
N LEU B 112 39.58 -19.88 -18.90
CA LEU B 112 40.97 -19.56 -18.63
C LEU B 112 41.83 -20.83 -18.82
N ARG B 113 43.15 -20.62 -18.95
CA ARG B 113 44.06 -21.70 -19.31
C ARG B 113 43.96 -22.89 -18.34
N ASP B 114 43.90 -22.61 -17.05
CA ASP B 114 44.01 -23.66 -16.04
C ASP B 114 42.77 -24.52 -15.91
N ASP B 115 41.70 -24.25 -16.65
CA ASP B 115 40.44 -24.97 -16.53
C ASP B 115 40.05 -25.67 -17.82
N VAL B 116 40.99 -25.81 -18.76
CA VAL B 116 40.70 -26.45 -20.03
C VAL B 116 40.31 -27.91 -19.83
N ASP B 117 40.97 -28.59 -18.89
CA ASP B 117 40.62 -29.98 -18.62
C ASP B 117 39.16 -30.11 -18.23
N ILE B 118 38.69 -29.24 -17.33
CA ILE B 118 37.29 -29.27 -16.91
C ILE B 118 36.35 -29.13 -18.11
N LEU B 119 36.53 -28.09 -18.92
CA LEU B 119 35.58 -27.82 -19.99
C LEU B 119 35.72 -28.76 -21.18
N MET B 120 36.92 -29.30 -21.40
CA MET B 120 37.04 -30.34 -22.42
C MET B 120 36.20 -31.55 -22.06
N GLU B 121 36.22 -31.94 -20.79
CA GLU B 121 35.43 -33.08 -20.36
C GLU B 121 33.94 -32.82 -20.57
N PHE B 122 33.48 -31.60 -20.28
CA PHE B 122 32.08 -31.28 -20.54
C PHE B 122 31.80 -31.32 -22.03
N LEU B 123 32.70 -30.75 -22.83
CA LEU B 123 32.49 -30.72 -24.28
C LEU B 123 32.37 -32.14 -24.84
N LEU B 124 33.23 -33.05 -24.39
CA LEU B 124 33.19 -34.42 -24.89
C LEU B 124 31.90 -35.11 -24.47
N ASN B 125 31.43 -34.87 -23.25
CA ASN B 125 30.20 -35.49 -22.81
C ASN B 125 28.99 -34.97 -23.59
N VAL B 126 28.98 -33.68 -23.90
CA VAL B 126 27.84 -33.10 -24.61
C VAL B 126 27.74 -33.70 -26.00
N THR B 127 28.88 -33.89 -26.67
CA THR B 127 28.92 -34.25 -28.08
C THR B 127 29.06 -35.73 -28.35
N THR B 128 29.62 -36.50 -27.41
CA THR B 128 29.84 -37.93 -27.60
C THR B 128 29.03 -38.83 -26.68
N ALA B 129 28.47 -38.28 -25.60
CA ALA B 129 27.65 -39.11 -24.71
C ALA B 129 26.41 -38.40 -24.18
N PRO B 130 25.57 -37.79 -25.01
CA PRO B 130 24.30 -37.29 -24.49
C PRO B 130 23.30 -38.42 -24.33
N GLU B 131 22.46 -38.28 -23.31
CA GLU B 131 21.47 -39.30 -22.99
C GLU B 131 20.11 -39.02 -23.61
N PHE B 132 19.82 -37.76 -23.88
CA PHE B 132 18.52 -37.32 -24.40
C PHE B 132 17.38 -37.97 -23.60
N ARG B 133 17.38 -37.69 -22.30
CA ARG B 133 16.36 -38.24 -21.43
C ARG B 133 14.99 -37.73 -21.85
N ARG B 134 14.03 -38.65 -21.92
CA ARG B 134 12.70 -38.35 -22.43
C ARG B 134 12.07 -37.12 -21.79
N TRP B 135 12.13 -37.02 -20.46
CA TRP B 135 11.52 -35.88 -19.77
C TRP B 135 12.30 -34.59 -19.98
N GLU B 136 13.64 -34.66 -19.98
CA GLU B 136 14.43 -33.46 -20.24
C GLU B 136 14.17 -32.92 -21.63
N VAL B 137 14.06 -33.81 -22.62
CA VAL B 137 13.74 -33.41 -23.98
C VAL B 137 12.35 -32.79 -24.05
N ALA B 138 11.38 -33.37 -23.33
CA ALA B 138 10.02 -32.84 -23.38
C ALA B 138 9.96 -31.43 -22.83
N ALA B 139 10.67 -31.17 -21.73
CA ALA B 139 10.66 -29.85 -21.15
C ALA B 139 11.37 -28.83 -22.04
N LEU B 140 12.24 -29.27 -22.93
CA LEU B 140 12.97 -28.36 -23.81
C LEU B 140 12.19 -27.97 -25.07
N GLN B 141 11.20 -28.78 -25.48
CA GLN B 141 10.47 -28.53 -26.72
C GLN B 141 9.93 -27.10 -26.80
N PRO B 142 9.33 -26.51 -25.76
CA PRO B 142 8.84 -25.14 -25.91
C PRO B 142 9.94 -24.13 -26.19
N GLN B 143 11.20 -24.45 -25.89
CA GLN B 143 12.27 -23.50 -26.17
C GLN B 143 12.48 -23.29 -27.67
N LEU B 144 12.12 -24.29 -28.47
CA LEU B 144 12.13 -24.13 -29.93
C LEU B 144 11.26 -22.95 -30.35
N ARG B 145 10.07 -22.83 -29.75
CA ARG B 145 9.17 -21.75 -30.12
C ARG B 145 9.72 -20.39 -29.69
N ILE B 146 10.28 -20.30 -28.48
CA ILE B 146 10.89 -19.07 -27.99
C ILE B 146 12.10 -18.71 -28.87
N ASP B 147 12.98 -19.69 -29.09
CA ASP B 147 14.21 -19.45 -29.86
C ASP B 147 13.91 -19.07 -31.29
N LYS B 148 12.93 -19.72 -31.91
CA LYS B 148 12.54 -19.36 -33.26
C LYS B 148 11.94 -17.96 -33.31
N ALA B 149 11.06 -17.65 -32.35
CA ALA B 149 10.39 -16.35 -32.34
C ALA B 149 11.38 -15.20 -32.17
N VAL B 150 12.40 -15.40 -31.33
CA VAL B 150 13.40 -14.36 -31.13
C VAL B 150 14.19 -14.13 -32.41
N ALA B 151 14.52 -15.20 -33.13
CA ALA B 151 15.31 -15.04 -34.36
C ALA B 151 14.50 -14.37 -35.45
N LEU B 152 13.21 -14.69 -35.53
CA LEU B 152 12.37 -14.28 -36.64
C LEU B 152 11.75 -12.90 -36.45
N GLN B 153 12.20 -12.14 -35.47
CA GLN B 153 11.82 -10.74 -35.41
C GLN B 153 12.80 -9.85 -36.17
N ASN B 154 13.86 -10.43 -36.73
CA ASN B 154 14.57 -9.80 -37.84
C ASN B 154 13.92 -10.22 -39.15
N PRO B 155 13.42 -9.30 -39.98
CA PRO B 155 12.83 -9.75 -41.25
C PRO B 155 13.82 -10.48 -42.13
N GLN B 156 15.12 -10.21 -41.97
CA GLN B 156 16.16 -10.87 -42.76
C GLN B 156 16.15 -12.38 -42.55
N ALA B 157 15.77 -12.84 -41.37
CA ALA B 157 15.79 -14.27 -41.11
C ALA B 157 14.69 -14.99 -41.89
N HIS B 158 13.50 -14.39 -41.96
CA HIS B 158 12.43 -14.93 -42.80
C HIS B 158 12.89 -15.08 -44.24
N VAL B 159 13.38 -13.98 -44.82
CA VAL B 159 13.66 -13.95 -46.24
C VAL B 159 14.69 -15.00 -46.61
N ILE B 160 15.79 -15.04 -45.86
CA ILE B 160 16.88 -15.95 -46.19
C ILE B 160 16.44 -17.39 -46.03
N GLU B 161 15.61 -17.67 -45.00
CA GLU B 161 15.09 -19.02 -44.86
C GLU B 161 14.16 -19.40 -46.01
N ASN B 162 13.26 -18.48 -46.40
CA ASN B 162 12.44 -18.73 -47.59
C ASN B 162 13.26 -18.77 -48.86
N LEU B 163 14.30 -17.94 -48.95
CA LEU B 163 15.12 -17.91 -50.16
C LEU B 163 15.75 -19.28 -50.41
N HIS B 164 16.23 -19.93 -49.37
CA HIS B 164 16.80 -21.26 -49.53
C HIS B 164 15.74 -22.32 -49.82
N ALA B 165 14.58 -22.20 -49.21
CA ALA B 165 13.51 -23.16 -49.50
C ALA B 165 13.07 -23.05 -50.95
N ALA B 166 13.04 -21.83 -51.49
CA ALA B 166 12.67 -21.63 -52.88
C ALA B 166 13.78 -22.03 -53.85
N ALA B 167 15.04 -21.91 -53.43
CA ALA B 167 16.16 -22.15 -54.32
C ALA B 167 16.39 -23.63 -54.56
N TYR B 168 16.30 -24.44 -53.50
CA TYR B 168 16.71 -25.83 -53.52
C TYR B 168 15.53 -26.77 -53.34
N ARG B 169 15.71 -27.99 -53.85
CA ARG B 169 14.71 -29.02 -53.71
C ARG B 169 14.87 -29.81 -52.42
N ASN B 170 16.06 -29.80 -51.85
CA ASN B 170 16.36 -30.58 -50.67
C ASN B 170 17.59 -29.99 -49.98
N ALA B 171 17.82 -30.46 -48.76
CA ALA B 171 19.04 -30.21 -48.00
C ALA B 171 19.33 -28.76 -47.65
N LEU B 172 19.72 -27.96 -48.62
CA LEU B 172 19.95 -26.56 -48.35
C LEU B 172 18.62 -25.81 -48.25
N ALA B 173 17.54 -26.42 -48.76
CA ALA B 173 16.21 -25.88 -48.56
C ALA B 173 15.78 -25.92 -47.10
N ASN B 174 16.34 -26.87 -46.34
CA ASN B 174 15.96 -27.02 -44.93
C ASN B 174 16.30 -25.77 -44.13
N SER B 175 15.43 -25.45 -43.17
CA SER B 175 15.56 -24.27 -42.33
C SER B 175 16.46 -24.54 -41.14
N LEU B 176 17.16 -23.48 -40.69
CA LEU B 176 17.89 -23.56 -39.43
C LEU B 176 16.99 -23.69 -38.23
N TYR B 177 15.73 -23.31 -38.35
CA TYR B 177 14.76 -23.35 -37.27
C TYR B 177 13.69 -24.39 -37.54
N CYS B 178 13.18 -24.96 -36.47
CA CYS B 178 12.29 -26.09 -36.57
C CYS B 178 10.96 -25.65 -37.20
N PRO B 179 10.41 -26.38 -38.17
CA PRO B 179 9.07 -26.05 -38.64
C PRO B 179 8.07 -26.16 -37.50
N ASP B 180 7.09 -25.25 -37.49
CA ASP B 180 6.17 -25.18 -36.35
C ASP B 180 5.48 -26.51 -36.11
N TYR B 181 5.11 -27.23 -37.18
CA TYR B 181 4.40 -28.49 -37.01
C TYR B 181 5.24 -29.55 -36.30
N ARG B 182 6.56 -29.37 -36.25
CA ARG B 182 7.45 -30.32 -35.58
C ARG B 182 7.73 -29.98 -34.13
N ILE B 183 7.43 -28.75 -33.70
CA ILE B 183 7.64 -28.37 -32.31
C ILE B 183 6.76 -29.24 -31.42
N GLY B 184 7.39 -29.95 -30.49
CA GLY B 184 6.71 -30.92 -29.68
C GLY B 184 6.73 -32.32 -30.23
N LYS B 185 7.12 -32.49 -31.49
CA LYS B 185 7.11 -33.78 -32.16
C LYS B 185 8.49 -34.39 -32.32
N VAL B 186 9.57 -33.63 -32.12
CA VAL B 186 10.93 -34.18 -32.20
C VAL B 186 11.15 -35.14 -31.04
N THR B 187 11.59 -36.36 -31.36
CA THR B 187 11.69 -37.39 -30.35
C THR B 187 13.13 -37.59 -29.88
N PRO B 188 13.32 -38.17 -28.68
CA PRO B 188 14.68 -38.52 -28.26
C PRO B 188 15.36 -39.50 -29.21
N VAL B 189 14.61 -40.42 -29.81
CA VAL B 189 15.20 -41.33 -30.79
C VAL B 189 15.81 -40.56 -31.96
N GLU B 190 15.09 -39.54 -32.45
CA GLU B 190 15.60 -38.75 -33.57
C GLU B 190 16.88 -38.02 -33.20
N LEU B 191 16.97 -37.52 -31.96
CA LEU B 191 18.21 -36.90 -31.51
C LEU B 191 19.32 -37.93 -31.39
N HIS B 192 18.99 -39.12 -30.87
CA HIS B 192 19.99 -40.18 -30.79
C HIS B 192 20.46 -40.56 -32.18
N ASP B 193 19.52 -40.78 -33.11
CA ASP B 193 19.88 -41.17 -34.46
C ASP B 193 20.70 -40.09 -35.15
N TYR B 194 20.36 -38.82 -34.89
CA TYR B 194 21.07 -37.72 -35.54
C TYR B 194 22.52 -37.66 -35.06
N VAL B 195 22.73 -37.81 -33.77
CA VAL B 195 24.09 -37.80 -33.25
C VAL B 195 24.87 -39.00 -33.75
N GLN B 196 24.23 -40.16 -33.82
CA GLN B 196 24.97 -41.38 -34.08
C GLN B 196 25.51 -41.41 -35.50
N ASN B 197 24.76 -40.88 -36.47
CA ASN B 197 25.21 -40.96 -37.86
C ASN B 197 25.71 -39.63 -38.44
N HIS B 198 25.87 -38.60 -37.62
CA HIS B 198 26.47 -37.35 -38.08
C HIS B 198 27.66 -36.90 -37.22
N PHE B 199 27.70 -37.29 -35.95
CA PHE B 199 28.80 -36.89 -35.04
C PHE B 199 29.89 -37.97 -35.02
N THR B 200 30.49 -38.17 -36.18
CA THR B 200 31.49 -39.21 -36.39
C THR B 200 32.84 -38.63 -36.79
N SER B 201 33.88 -39.46 -36.65
CA SER B 201 35.27 -39.01 -36.83
C SER B 201 35.48 -38.39 -38.21
N ALA B 202 34.98 -39.03 -39.27
CA ALA B 202 35.18 -38.49 -40.61
C ALA B 202 34.41 -37.20 -40.85
N ARG B 203 33.56 -36.78 -39.92
CA ARG B 203 32.73 -35.60 -40.05
C ARG B 203 33.09 -34.52 -39.05
N MET B 204 34.20 -34.67 -38.32
CA MET B 204 34.51 -33.84 -37.18
C MET B 204 35.88 -33.18 -37.30
N ALA B 205 36.04 -32.09 -36.56
CA ALA B 205 37.31 -31.37 -36.49
C ALA B 205 37.41 -30.78 -35.10
N LEU B 206 38.53 -31.04 -34.42
CA LEU B 206 38.75 -30.58 -33.06
C LEU B 206 39.80 -29.48 -33.15
N ILE B 207 39.39 -28.26 -32.86
CA ILE B 207 40.25 -27.08 -32.97
C ILE B 207 40.43 -26.54 -31.56
N GLY B 208 41.63 -26.03 -31.27
CA GLY B 208 41.92 -25.50 -29.96
C GLY B 208 42.95 -24.39 -30.05
N LEU B 209 42.63 -23.28 -29.41
CA LEU B 209 43.50 -22.13 -29.24
C LEU B 209 43.92 -22.14 -27.78
N GLY B 210 45.19 -21.82 -27.49
CA GLY B 210 45.66 -21.90 -26.12
C GLY B 210 45.67 -23.31 -25.55
N VAL B 211 45.84 -24.29 -26.42
CA VAL B 211 45.95 -25.70 -26.10
C VAL B 211 47.13 -26.28 -26.84
N SER B 212 47.80 -27.24 -26.21
CA SER B 212 48.91 -27.93 -26.81
C SER B 212 48.36 -28.94 -27.80
N HIS B 213 49.13 -29.21 -28.83
CA HIS B 213 48.72 -30.14 -29.85
C HIS B 213 48.72 -31.58 -29.31
N PRO B 214 49.72 -32.00 -28.52
CA PRO B 214 49.63 -33.35 -27.93
C PRO B 214 48.38 -33.60 -27.10
N VAL B 215 47.89 -32.59 -26.37
CA VAL B 215 46.68 -32.78 -25.59
C VAL B 215 45.48 -33.03 -26.50
N LEU B 216 45.26 -32.16 -27.48
CA LEU B 216 44.16 -32.36 -28.42
C LEU B 216 44.29 -33.68 -29.17
N LYS B 217 45.50 -33.99 -29.65
CA LYS B 217 45.70 -35.26 -30.32
C LYS B 217 45.42 -36.43 -29.39
N GLN B 218 45.77 -36.29 -28.11
CA GLN B 218 45.46 -37.33 -27.14
C GLN B 218 43.97 -37.45 -26.94
N VAL B 219 43.27 -36.32 -26.82
CA VAL B 219 41.83 -36.33 -26.62
C VAL B 219 41.14 -36.93 -27.84
N ALA B 220 41.56 -36.50 -29.03
CA ALA B 220 40.93 -36.98 -30.27
C ALA B 220 41.07 -38.49 -30.41
N GLU B 221 42.27 -39.01 -30.17
CA GLU B 221 42.49 -40.44 -30.34
C GLU B 221 41.78 -41.24 -29.25
N GLN B 222 41.67 -40.67 -28.06
CA GLN B 222 41.06 -41.39 -26.94
C GLN B 222 39.53 -41.38 -27.02
N PHE B 223 38.93 -40.21 -27.29
CA PHE B 223 37.50 -40.04 -27.08
C PHE B 223 36.69 -39.76 -28.35
N LEU B 224 37.33 -39.32 -29.44
CA LEU B 224 36.63 -38.98 -30.67
C LEU B 224 36.86 -39.99 -31.81
N ASN B 225 37.12 -41.25 -31.47
CA ASN B 225 37.22 -42.34 -32.46
C ASN B 225 35.86 -43.02 -32.60
N ILE B 226 34.94 -42.29 -33.23
CA ILE B 226 33.57 -42.75 -33.45
C ILE B 226 33.43 -43.20 -34.90
N ARG B 227 32.95 -44.43 -35.09
CA ARG B 227 32.80 -45.02 -36.40
C ARG B 227 31.31 -45.15 -36.71
N GLY B 228 31.01 -45.80 -37.83
CA GLY B 228 29.62 -45.99 -38.20
C GLY B 228 29.05 -44.71 -38.77
N GLY B 229 27.73 -44.71 -38.88
CA GLY B 229 27.02 -43.53 -39.31
C GLY B 229 26.81 -43.48 -40.81
N LEU B 230 27.09 -42.32 -41.40
CA LEU B 230 26.78 -42.05 -42.81
C LEU B 230 28.02 -41.49 -43.49
N GLY B 231 27.96 -41.41 -44.83
CA GLY B 231 29.04 -40.85 -45.60
C GLY B 231 29.04 -39.34 -45.54
N LEU B 232 30.06 -38.74 -46.17
CA LEU B 232 30.21 -37.29 -46.12
C LEU B 232 29.29 -36.60 -47.12
N SER B 233 28.66 -35.52 -46.68
CA SER B 233 27.82 -34.59 -47.43
C SER B 233 26.44 -35.15 -47.77
N GLY B 234 26.16 -36.43 -47.49
CA GLY B 234 24.83 -36.98 -47.71
C GLY B 234 24.41 -36.85 -49.17
N ALA B 235 23.16 -36.46 -49.38
CA ALA B 235 22.65 -36.23 -50.73
C ALA B 235 23.02 -34.85 -51.25
N LYS B 236 23.29 -34.77 -52.56
CA LYS B 236 23.72 -33.52 -53.16
C LYS B 236 22.57 -32.53 -53.24
N ALA B 237 22.88 -31.25 -53.06
CA ALA B 237 21.88 -30.19 -53.12
C ALA B 237 21.54 -29.88 -54.56
N LYS B 238 20.27 -30.07 -54.94
CA LYS B 238 19.76 -29.83 -56.28
C LYS B 238 19.14 -28.44 -56.37
N TYR B 239 19.86 -27.50 -57.00
CA TYR B 239 19.31 -26.17 -57.24
C TYR B 239 18.10 -26.26 -58.15
N HIS B 240 17.05 -25.53 -57.79
CA HIS B 240 15.77 -25.56 -58.49
C HIS B 240 15.42 -24.22 -59.11
N GLY B 241 15.40 -23.16 -58.32
CA GLY B 241 14.81 -21.89 -58.73
C GLY B 241 13.36 -21.82 -58.35
N GLY B 242 12.91 -20.62 -58.04
CA GLY B 242 11.53 -20.42 -57.62
C GLY B 242 11.41 -19.16 -56.79
N GLU B 243 10.20 -18.90 -56.32
CA GLU B 243 9.93 -17.70 -55.52
C GLU B 243 8.96 -17.97 -54.39
N ILE B 244 9.27 -17.42 -53.21
CA ILE B 244 8.37 -17.45 -52.06
C ILE B 244 8.07 -16.02 -51.62
N ARG B 245 6.79 -15.69 -51.50
CA ARG B 245 6.32 -14.35 -51.22
C ARG B 245 5.48 -14.37 -49.94
N GLU B 246 5.83 -13.51 -48.98
CA GLU B 246 5.17 -13.45 -47.68
C GLU B 246 4.50 -12.09 -47.52
N GLN B 247 3.20 -12.02 -47.77
CA GLN B 247 2.44 -10.79 -47.56
C GLN B 247 2.18 -10.65 -46.07
N ASN B 248 2.78 -9.63 -45.43
CA ASN B 248 2.55 -9.36 -44.02
C ASN B 248 2.34 -7.89 -43.68
N GLY B 249 2.37 -6.99 -44.66
CA GLY B 249 2.14 -5.59 -44.36
C GLY B 249 3.14 -4.96 -43.41
N ASP B 250 4.38 -5.43 -43.42
CA ASP B 250 5.42 -4.73 -42.67
C ASP B 250 5.58 -3.33 -43.23
N SER B 251 6.26 -2.48 -42.47
CA SER B 251 6.46 -1.09 -42.91
C SER B 251 7.26 -1.03 -44.21
N LEU B 252 8.26 -1.90 -44.35
CA LEU B 252 9.18 -1.96 -45.47
C LEU B 252 9.14 -3.33 -46.12
N VAL B 253 9.52 -3.38 -47.39
CA VAL B 253 9.61 -4.62 -48.14
C VAL B 253 11.07 -5.06 -48.14
N HIS B 254 11.33 -6.28 -47.67
CA HIS B 254 12.62 -6.93 -47.78
C HIS B 254 12.55 -7.90 -48.95
N ALA B 255 13.57 -7.90 -49.80
CA ALA B 255 13.58 -8.79 -50.95
C ALA B 255 15.00 -9.23 -51.24
N ALA B 256 15.15 -10.50 -51.65
CA ALA B 256 16.42 -11.08 -52.06
C ALA B 256 16.24 -11.79 -53.38
N LEU B 257 17.15 -11.54 -54.33
CA LEU B 257 17.14 -12.14 -55.65
C LEU B 257 18.53 -12.72 -55.92
N VAL B 258 18.60 -14.01 -56.22
CA VAL B 258 19.88 -14.69 -56.36
C VAL B 258 19.85 -15.69 -57.52
N ALA B 259 21.04 -16.18 -57.87
CA ALA B 259 21.21 -17.30 -58.78
C ALA B 259 22.27 -18.23 -58.20
N GLU B 260 22.35 -19.45 -58.73
CA GLU B 260 23.37 -20.37 -58.26
C GLU B 260 24.73 -19.84 -58.70
N SER B 261 25.71 -19.83 -57.79
CA SER B 261 26.99 -19.19 -58.08
C SER B 261 28.17 -20.14 -58.10
N ALA B 262 28.55 -20.73 -56.97
CA ALA B 262 29.76 -21.55 -56.94
C ALA B 262 29.99 -22.17 -55.57
N ALA B 263 30.55 -23.38 -55.55
CA ALA B 263 30.85 -24.04 -54.29
C ALA B 263 32.07 -23.39 -53.65
N ILE B 264 32.08 -23.38 -52.32
CA ILE B 264 33.21 -22.80 -51.61
C ILE B 264 34.46 -23.63 -51.92
N GLY B 265 35.61 -22.97 -51.93
CA GLY B 265 36.86 -23.63 -52.24
C GLY B 265 37.23 -23.63 -53.70
N SER B 266 36.31 -23.33 -54.59
CA SER B 266 36.62 -23.25 -56.01
C SER B 266 37.13 -21.85 -56.33
N ALA B 267 37.90 -21.75 -57.42
CA ALA B 267 38.39 -20.44 -57.85
C ALA B 267 37.24 -19.53 -58.25
N GLU B 268 36.15 -20.09 -58.79
CA GLU B 268 35.03 -19.26 -59.20
C GLU B 268 34.39 -18.56 -58.01
N ALA B 269 34.48 -19.15 -56.82
CA ALA B 269 33.91 -18.54 -55.62
C ALA B 269 34.62 -17.25 -55.23
N ASN B 270 35.95 -17.17 -55.44
CA ASN B 270 36.65 -15.92 -55.17
C ASN B 270 36.18 -14.82 -56.10
N ALA B 271 35.91 -15.16 -57.36
CA ALA B 271 35.38 -14.16 -58.26
C ALA B 271 34.05 -13.62 -57.78
N PHE B 272 33.19 -14.48 -57.23
CA PHE B 272 31.93 -14.00 -56.68
C PHE B 272 32.16 -13.14 -55.45
N SER B 273 33.12 -13.53 -54.61
CA SER B 273 33.44 -12.71 -53.44
C SER B 273 33.94 -11.34 -53.86
N VAL B 274 34.76 -11.27 -54.91
CA VAL B 274 35.24 -9.98 -55.41
C VAL B 274 34.08 -9.20 -56.04
N LEU B 275 33.20 -9.89 -56.76
CA LEU B 275 32.03 -9.21 -57.31
C LEU B 275 31.15 -8.63 -56.20
N GLN B 276 31.08 -9.33 -55.06
CA GLN B 276 30.28 -8.83 -53.94
C GLN B 276 30.76 -7.47 -53.47
N HIS B 277 32.07 -7.27 -53.42
CA HIS B 277 32.62 -6.03 -52.90
C HIS B 277 32.72 -4.97 -53.98
N VAL B 278 32.60 -5.36 -55.25
CA VAL B 278 32.40 -4.40 -56.33
C VAL B 278 30.98 -3.83 -56.28
N LEU B 279 29.98 -4.71 -56.16
CA LEU B 279 28.60 -4.27 -56.06
C LEU B 279 28.32 -3.52 -54.76
N GLY B 280 28.95 -3.93 -53.67
CA GLY B 280 28.73 -3.33 -52.37
C GLY B 280 28.18 -4.31 -51.37
N ALA B 281 28.99 -4.70 -50.39
CA ALA B 281 28.61 -5.71 -49.40
C ALA B 281 28.05 -5.11 -48.13
N GLY B 282 28.78 -4.17 -47.52
CA GLY B 282 28.33 -3.50 -46.34
C GLY B 282 29.03 -2.17 -46.16
N PRO B 283 28.56 -1.37 -45.22
CA PRO B 283 29.12 -0.02 -45.07
C PRO B 283 30.44 -0.02 -44.34
N HIS B 284 31.28 0.96 -44.68
CA HIS B 284 32.59 1.14 -44.08
C HIS B 284 32.70 2.41 -43.25
N VAL B 285 31.79 3.36 -43.44
CA VAL B 285 31.83 4.65 -42.77
C VAL B 285 30.48 4.86 -42.10
N LYS B 286 30.50 5.29 -40.85
CA LYS B 286 29.26 5.48 -40.10
C LYS B 286 28.45 6.63 -40.69
N ARG B 287 27.21 6.33 -41.06
CA ARG B 287 26.33 7.32 -41.68
C ARG B 287 26.94 7.90 -42.95
N GLY B 288 27.61 7.04 -43.73
CA GLY B 288 28.19 7.46 -44.99
C GLY B 288 27.26 7.18 -46.16
N SER B 289 27.53 7.86 -47.28
CA SER B 289 26.70 7.71 -48.46
C SER B 289 27.07 6.48 -49.29
N ASN B 290 28.09 5.72 -48.88
CA ASN B 290 28.57 4.57 -49.64
C ASN B 290 28.93 4.93 -51.08
N ALA B 291 29.93 5.82 -51.19
CA ALA B 291 30.29 6.38 -52.49
C ALA B 291 30.78 5.29 -53.43
N THR B 292 31.62 4.38 -52.94
CA THR B 292 32.21 3.32 -53.75
C THR B 292 31.34 2.07 -53.81
N SER B 293 30.07 2.16 -53.42
CA SER B 293 29.13 1.05 -53.47
C SER B 293 28.29 1.21 -54.74
N SER B 294 28.56 0.35 -55.72
CA SER B 294 27.96 0.52 -57.04
C SER B 294 26.47 0.21 -57.04
N LEU B 295 26.01 -0.68 -56.18
CA LEU B 295 24.58 -0.93 -56.06
C LEU B 295 23.86 0.25 -55.42
N TYR B 296 24.44 0.79 -54.35
CA TYR B 296 23.76 1.88 -53.63
C TYR B 296 23.64 3.12 -54.50
N GLN B 297 24.68 3.45 -55.26
CA GLN B 297 24.59 4.61 -56.14
C GLN B 297 23.63 4.36 -57.30
N ALA B 298 23.57 3.13 -57.81
CA ALA B 298 22.64 2.84 -58.89
C ALA B 298 21.20 3.05 -58.45
N VAL B 299 20.85 2.54 -57.26
CA VAL B 299 19.50 2.72 -56.73
C VAL B 299 19.27 4.17 -56.31
N ALA B 300 20.30 4.80 -55.74
CA ALA B 300 20.18 6.16 -55.24
C ALA B 300 19.85 7.16 -56.33
N LYS B 301 20.16 6.84 -57.60
CA LYS B 301 19.88 7.77 -58.68
C LYS B 301 18.39 8.05 -58.79
N GLY B 302 17.59 7.01 -59.06
CA GLY B 302 16.17 7.19 -59.29
C GLY B 302 15.29 6.78 -58.11
N VAL B 303 15.83 6.79 -56.89
CA VAL B 303 15.07 6.47 -55.68
C VAL B 303 15.56 7.41 -54.59
N HIS B 304 14.70 8.34 -54.19
CA HIS B 304 15.07 9.35 -53.21
C HIS B 304 14.55 9.04 -51.80
N GLN B 305 13.58 8.11 -51.68
CA GLN B 305 13.11 7.64 -50.39
C GLN B 305 14.20 6.83 -49.70
N PRO B 306 14.05 6.53 -48.40
CA PRO B 306 15.01 5.62 -47.75
C PRO B 306 14.98 4.21 -48.31
N PHE B 307 16.15 3.56 -48.27
CA PHE B 307 16.31 2.20 -48.77
C PHE B 307 17.66 1.67 -48.30
N ASP B 308 17.86 0.37 -48.52
CA ASP B 308 19.17 -0.24 -48.41
C ASP B 308 19.30 -1.29 -49.51
N VAL B 309 20.53 -1.53 -49.94
CA VAL B 309 20.80 -2.55 -50.94
C VAL B 309 22.19 -3.10 -50.69
N SER B 310 22.35 -4.40 -50.88
CA SER B 310 23.61 -5.05 -50.55
C SER B 310 23.76 -6.33 -51.38
N ALA B 311 24.97 -6.57 -51.85
CA ALA B 311 25.24 -7.84 -52.51
C ALA B 311 25.17 -8.98 -51.48
N PHE B 312 24.61 -10.10 -51.91
CA PHE B 312 24.44 -11.30 -51.09
C PHE B 312 25.32 -12.41 -51.64
N ASN B 313 26.12 -13.03 -50.78
CA ASN B 313 27.02 -14.09 -51.19
C ASN B 313 27.02 -15.20 -50.15
N ALA B 314 26.57 -16.37 -50.56
CA ALA B 314 26.50 -17.55 -49.71
C ALA B 314 27.08 -18.72 -50.49
N SER B 315 28.18 -19.29 -49.98
CA SER B 315 28.87 -20.39 -50.62
C SER B 315 28.83 -21.62 -49.72
N TYR B 316 28.62 -22.79 -50.32
CA TYR B 316 28.49 -24.05 -49.60
C TYR B 316 29.38 -25.12 -50.22
N SER B 317 29.27 -26.34 -49.66
CA SER B 317 30.16 -27.42 -50.07
C SER B 317 29.94 -27.79 -51.52
N ASP B 318 28.67 -27.84 -51.95
CA ASP B 318 28.31 -28.31 -53.28
C ASP B 318 27.46 -27.31 -54.07
N SER B 319 27.36 -26.06 -53.63
CA SER B 319 26.56 -25.09 -54.33
C SER B 319 26.86 -23.71 -53.75
N GLY B 320 26.15 -22.71 -54.26
CA GLY B 320 26.28 -21.36 -53.77
C GLY B 320 25.13 -20.52 -54.29
N LEU B 321 24.94 -19.36 -53.66
CA LEU B 321 23.93 -18.39 -54.06
C LEU B 321 24.55 -17.01 -54.09
N PHE B 322 24.39 -16.30 -55.20
CA PHE B 322 24.85 -14.92 -55.30
C PHE B 322 23.72 -14.03 -55.82
N GLY B 323 23.71 -12.79 -55.33
CA GLY B 323 22.72 -11.84 -55.76
C GLY B 323 22.76 -10.55 -54.98
N PHE B 324 21.58 -10.03 -54.64
CA PHE B 324 21.50 -8.81 -53.84
C PHE B 324 20.26 -8.85 -52.97
N TYR B 325 20.29 -8.03 -51.94
CA TYR B 325 19.23 -7.91 -50.94
C TYR B 325 18.80 -6.46 -50.87
N THR B 326 17.49 -6.22 -50.97
CA THR B 326 16.95 -4.87 -50.99
C THR B 326 15.98 -4.68 -49.82
N ILE B 327 15.99 -3.47 -49.28
CA ILE B 327 14.98 -2.99 -48.35
C ILE B 327 14.51 -1.65 -48.87
N SER B 328 13.20 -1.49 -49.01
CA SER B 328 12.67 -0.25 -49.55
C SER B 328 11.22 -0.07 -49.12
N GLN B 329 10.69 1.10 -49.43
CA GLN B 329 9.26 1.32 -49.25
C GLN B 329 8.51 0.34 -50.17
N ALA B 330 7.29 -0.01 -49.77
CA ALA B 330 6.54 -1.01 -50.52
C ALA B 330 6.27 -0.57 -51.96
N ALA B 331 6.01 0.72 -52.17
CA ALA B 331 5.73 1.21 -53.51
C ALA B 331 6.97 1.35 -54.38
N SER B 332 8.15 1.52 -53.77
CA SER B 332 9.41 1.65 -54.49
C SER B 332 10.14 0.33 -54.62
N ALA B 333 9.52 -0.79 -54.21
CA ALA B 333 10.23 -2.07 -54.18
C ALA B 333 10.65 -2.49 -55.58
N GLY B 334 9.74 -2.37 -56.55
CA GLY B 334 10.09 -2.76 -57.91
C GLY B 334 11.18 -1.87 -58.50
N ASP B 335 11.08 -0.57 -58.26
CA ASP B 335 12.11 0.35 -58.76
C ASP B 335 13.47 0.01 -58.17
N VAL B 336 13.54 -0.26 -56.88
CA VAL B 336 14.81 -0.53 -56.25
C VAL B 336 15.38 -1.83 -56.78
N ILE B 337 14.51 -2.83 -56.99
CA ILE B 337 14.98 -4.14 -57.44
C ILE B 337 15.48 -4.07 -58.87
N LYS B 338 14.69 -3.41 -59.74
CA LYS B 338 15.07 -3.31 -61.14
C LYS B 338 16.33 -2.46 -61.31
N ALA B 339 16.47 -1.41 -60.52
CA ALA B 339 17.69 -0.61 -60.57
C ALA B 339 18.89 -1.42 -60.13
N ALA B 340 18.71 -2.26 -59.10
CA ALA B 340 19.81 -3.10 -58.63
C ALA B 340 20.17 -4.17 -59.64
N TYR B 341 19.16 -4.79 -60.27
CA TYR B 341 19.43 -5.84 -61.25
C TYR B 341 20.12 -5.30 -62.49
N ASN B 342 19.72 -4.12 -62.96
CA ASN B 342 20.36 -3.53 -64.12
C ASN B 342 21.81 -3.18 -63.83
N GLN B 343 22.11 -2.77 -62.61
CA GLN B 343 23.50 -2.44 -62.28
C GLN B 343 24.38 -3.67 -62.41
N VAL B 344 23.85 -4.84 -62.08
CA VAL B 344 24.60 -6.07 -62.27
C VAL B 344 24.71 -6.39 -63.76
N LYS B 345 23.68 -6.07 -64.54
CA LYS B 345 23.72 -6.34 -65.97
C LYS B 345 24.86 -5.56 -66.64
N THR B 346 25.04 -4.30 -66.27
CA THR B 346 26.10 -3.48 -66.87
C THR B 346 27.47 -4.09 -66.59
N ILE B 347 27.63 -4.73 -65.43
CA ILE B 347 28.89 -5.41 -65.12
C ILE B 347 29.04 -6.63 -66.01
N ALA B 348 27.97 -7.40 -66.19
CA ALA B 348 27.99 -8.55 -67.10
C ALA B 348 28.27 -8.11 -68.53
N GLN B 349 27.88 -6.88 -68.88
CA GLN B 349 28.17 -6.32 -70.20
C GLN B 349 29.60 -5.83 -70.34
N GLY B 350 30.44 -5.99 -69.33
CA GLY B 350 31.85 -5.65 -69.42
C GLY B 350 32.24 -4.28 -68.90
N ASN B 351 31.29 -3.50 -68.39
CA ASN B 351 31.56 -2.16 -67.86
C ASN B 351 32.12 -2.27 -66.44
N LEU B 352 33.41 -2.56 -66.36
CA LEU B 352 34.09 -2.78 -65.09
C LEU B 352 35.53 -2.33 -65.22
N SER B 353 35.91 -1.29 -64.49
CA SER B 353 37.27 -0.78 -64.54
C SER B 353 38.20 -1.57 -63.63
N ASN B 354 39.49 -1.41 -63.87
CA ASN B 354 40.49 -2.08 -63.02
C ASN B 354 40.63 -1.42 -61.65
N PRO B 355 40.56 -0.09 -61.52
CA PRO B 355 40.54 0.48 -60.16
C PRO B 355 39.36 0.00 -59.33
N ASP B 356 38.25 -0.35 -59.96
CA ASP B 356 37.10 -0.85 -59.22
C ASP B 356 37.42 -2.20 -58.63
N VAL B 357 37.98 -3.12 -59.44
CA VAL B 357 38.27 -4.44 -58.93
C VAL B 357 39.42 -4.40 -57.93
N GLN B 358 40.35 -3.47 -58.08
CA GLN B 358 41.46 -3.43 -57.14
C GLN B 358 41.00 -2.94 -55.78
N ALA B 359 40.12 -1.94 -55.75
CA ALA B 359 39.53 -1.50 -54.49
C ALA B 359 38.70 -2.59 -53.85
N ALA B 360 37.97 -3.37 -54.65
CA ALA B 360 37.18 -4.46 -54.12
C ALA B 360 38.08 -5.52 -53.49
N LYS B 361 39.21 -5.82 -54.13
CA LYS B 361 40.14 -6.75 -53.54
C LYS B 361 40.67 -6.21 -52.21
N ASN B 362 40.89 -4.89 -52.14
CA ASN B 362 41.33 -4.30 -50.89
C ASN B 362 40.27 -4.44 -49.81
N LYS B 363 39.01 -4.17 -50.14
CA LYS B 363 37.93 -4.37 -49.17
C LYS B 363 37.84 -5.83 -48.74
N LEU B 364 37.93 -6.75 -49.71
CA LEU B 364 37.83 -8.17 -49.41
C LEU B 364 39.03 -8.64 -48.60
N LYS B 365 40.23 -8.33 -49.07
CA LYS B 365 41.43 -8.75 -48.34
C LYS B 365 41.46 -8.15 -46.95
N ALA B 366 41.14 -6.86 -46.82
CA ALA B 366 41.10 -6.24 -45.51
C ALA B 366 40.02 -6.87 -44.63
N GLY B 367 38.86 -7.16 -45.20
CA GLY B 367 37.77 -7.75 -44.43
C GLY B 367 38.11 -9.12 -43.89
N TYR B 368 38.83 -9.93 -44.67
CA TYR B 368 39.18 -11.27 -44.22
C TYR B 368 40.10 -11.20 -43.01
N LEU B 369 41.13 -10.37 -43.10
CA LEU B 369 42.08 -10.24 -42.02
C LEU B 369 41.40 -9.71 -40.77
N MET B 370 40.47 -8.77 -40.92
CA MET B 370 39.75 -8.25 -39.76
C MET B 370 38.82 -9.29 -39.15
N SER B 371 38.42 -10.29 -39.93
CA SER B 371 37.50 -11.32 -39.45
C SER B 371 38.21 -12.38 -38.62
N VAL B 372 39.54 -12.35 -38.53
CA VAL B 372 40.31 -13.36 -37.82
C VAL B 372 41.25 -12.75 -36.78
N GLU B 373 41.02 -11.48 -36.39
CA GLU B 373 41.84 -10.91 -35.34
C GLU B 373 41.38 -11.31 -33.94
N SER B 374 40.11 -11.69 -33.78
CA SER B 374 39.64 -12.24 -32.53
C SER B 374 39.80 -13.75 -32.49
N SER B 375 39.94 -14.28 -31.27
CA SER B 375 40.06 -15.72 -31.12
C SER B 375 38.81 -16.43 -31.58
N GLU B 376 37.65 -15.81 -31.31
CA GLU B 376 36.38 -16.39 -31.70
C GLU B 376 36.28 -16.52 -33.22
N GLY B 377 36.60 -15.43 -33.93
CA GLY B 377 36.53 -15.43 -35.39
C GLY B 377 37.61 -16.27 -36.04
N PHE B 378 38.78 -16.34 -35.39
CA PHE B 378 39.86 -17.20 -35.87
C PHE B 378 39.47 -18.66 -35.73
N LEU B 379 38.91 -19.04 -34.58
CA LEU B 379 38.55 -20.44 -34.34
C LEU B 379 37.50 -20.90 -35.32
N ASP B 380 36.53 -20.06 -35.63
CA ASP B 380 35.47 -20.45 -36.55
C ASP B 380 36.03 -20.64 -37.95
N GLU B 381 36.96 -19.79 -38.36
CA GLU B 381 37.57 -19.93 -39.69
C GLU B 381 38.37 -21.21 -39.80
N VAL B 382 39.18 -21.52 -38.79
CA VAL B 382 39.98 -22.74 -38.84
C VAL B 382 39.09 -23.97 -38.81
N GLY B 383 38.04 -23.94 -37.99
CA GLY B 383 37.13 -25.08 -37.96
C GLY B 383 36.38 -25.21 -39.27
N SER B 384 36.00 -24.09 -39.88
CA SER B 384 35.28 -24.14 -41.15
C SER B 384 36.18 -24.69 -42.26
N GLN B 385 37.42 -24.20 -42.33
CA GLN B 385 38.35 -24.71 -43.33
C GLN B 385 38.60 -26.20 -43.14
N ALA B 386 38.70 -26.65 -41.88
CA ALA B 386 39.03 -28.05 -41.62
C ALA B 386 37.97 -28.99 -42.18
N LEU B 387 36.69 -28.59 -42.08
CA LEU B 387 35.61 -29.44 -42.58
C LEU B 387 35.42 -29.23 -44.09
N ALA B 388 35.46 -27.98 -44.55
CA ALA B 388 35.27 -27.70 -45.97
C ALA B 388 36.45 -28.25 -46.77
N ALA B 389 37.68 -27.84 -46.43
CA ALA B 389 38.84 -28.10 -47.24
C ALA B 389 39.74 -29.22 -46.71
N GLY B 390 39.63 -29.58 -45.44
CA GLY B 390 40.51 -30.60 -44.89
C GLY B 390 41.92 -30.13 -44.68
N SER B 391 42.13 -28.82 -44.62
CA SER B 391 43.46 -28.23 -44.48
C SER B 391 43.32 -26.89 -43.77
N TYR B 392 44.45 -26.24 -43.52
CA TYR B 392 44.47 -24.85 -43.06
C TYR B 392 45.21 -24.02 -44.08
N THR B 393 44.55 -22.99 -44.61
CA THR B 393 45.19 -22.11 -45.58
C THR B 393 45.55 -20.80 -44.88
N PRO B 394 46.84 -20.47 -44.71
CA PRO B 394 47.17 -19.25 -43.96
C PRO B 394 46.70 -18.00 -44.67
N PRO B 395 46.67 -16.85 -43.98
CA PRO B 395 46.16 -15.62 -44.60
C PRO B 395 46.91 -15.19 -45.86
N SER B 396 48.23 -15.28 -45.88
CA SER B 396 49.00 -14.81 -47.03
C SER B 396 48.60 -15.56 -48.29
N THR B 397 48.35 -16.86 -48.16
CA THR B 397 47.88 -17.64 -49.30
C THR B 397 46.47 -17.25 -49.69
N VAL B 398 45.63 -16.84 -48.73
CA VAL B 398 44.28 -16.40 -49.07
C VAL B 398 44.33 -15.09 -49.85
N LEU B 399 45.20 -14.17 -49.45
CA LEU B 399 45.31 -12.93 -50.21
C LEU B 399 45.86 -13.21 -51.60
N GLN B 400 46.74 -14.20 -51.71
CA GLN B 400 47.25 -14.62 -53.02
C GLN B 400 46.11 -15.06 -53.92
N GLN B 401 45.23 -15.93 -53.39
CA GLN B 401 44.10 -16.42 -54.19
C GLN B 401 43.15 -15.29 -54.56
N ILE B 402 43.05 -14.28 -53.70
CA ILE B 402 42.22 -13.11 -54.00
C ILE B 402 42.87 -12.28 -55.10
N ASP B 403 44.20 -12.13 -55.05
CA ASP B 403 44.90 -11.37 -56.07
C ASP B 403 44.74 -12.03 -57.43
N ALA B 404 44.66 -13.37 -57.44
CA ALA B 404 44.57 -14.09 -58.71
C ALA B 404 43.26 -13.85 -59.44
N VAL B 405 42.23 -13.32 -58.77
CA VAL B 405 40.98 -13.04 -59.46
C VAL B 405 41.23 -11.99 -60.54
N ALA B 406 40.95 -12.35 -61.78
CA ALA B 406 41.01 -11.42 -62.90
C ALA B 406 39.69 -10.68 -63.07
N ASP B 407 39.75 -9.53 -63.73
CA ASP B 407 38.54 -8.78 -64.01
C ASP B 407 37.57 -9.60 -64.86
N ALA B 408 38.10 -10.35 -65.81
CA ALA B 408 37.24 -11.19 -66.64
C ALA B 408 36.52 -12.25 -65.81
N ASP B 409 37.16 -12.74 -64.74
CA ASP B 409 36.50 -13.68 -63.84
C ASP B 409 35.30 -13.03 -63.15
N VAL B 410 35.46 -11.77 -62.73
CA VAL B 410 34.40 -11.03 -62.08
C VAL B 410 33.24 -10.77 -63.04
N ILE B 411 33.56 -10.37 -64.28
CA ILE B 411 32.53 -10.16 -65.28
C ILE B 411 31.78 -11.45 -65.58
N ASN B 412 32.50 -12.56 -65.63
CA ASN B 412 31.87 -13.84 -65.95
C ASN B 412 30.92 -14.27 -64.85
N ALA B 413 31.29 -14.03 -63.58
CA ALA B 413 30.39 -14.31 -62.47
C ALA B 413 29.12 -13.49 -62.59
N ALA B 414 29.25 -12.21 -62.94
CA ALA B 414 28.08 -11.38 -63.15
C ALA B 414 27.26 -11.91 -64.31
N LYS B 415 27.92 -12.39 -65.37
CA LYS B 415 27.19 -13.01 -66.48
C LYS B 415 26.42 -14.23 -66.01
N LYS B 416 27.03 -15.03 -65.13
CA LYS B 416 26.38 -16.24 -64.66
C LYS B 416 25.11 -15.90 -63.88
N PHE B 417 25.15 -14.80 -63.12
CA PHE B 417 23.98 -14.41 -62.35
C PHE B 417 22.86 -13.94 -63.26
N VAL B 418 23.18 -13.08 -64.24
CA VAL B 418 22.15 -12.49 -65.09
C VAL B 418 21.43 -13.57 -65.89
N SER B 419 22.18 -14.55 -66.38
CA SER B 419 21.59 -15.57 -67.24
C SER B 419 21.08 -16.78 -66.48
N GLY B 420 21.46 -16.94 -65.22
CA GLY B 420 21.06 -18.13 -64.49
C GLY B 420 19.63 -18.05 -64.00
N ARG B 421 19.03 -19.23 -63.82
CA ARG B 421 17.68 -19.30 -63.32
C ARG B 421 17.66 -18.76 -61.90
N LYS B 422 16.72 -17.86 -61.64
CA LYS B 422 16.70 -17.06 -60.42
C LYS B 422 15.89 -17.73 -59.33
N SER B 423 16.24 -17.39 -58.08
CA SER B 423 15.46 -17.67 -56.88
C SER B 423 15.21 -16.35 -56.17
N MET B 424 14.02 -16.17 -55.63
CA MET B 424 13.63 -14.91 -55.02
C MET B 424 12.82 -15.15 -53.75
N ALA B 425 12.99 -14.27 -52.77
CA ALA B 425 12.14 -14.26 -51.59
C ALA B 425 11.89 -12.82 -51.18
N ALA B 426 10.66 -12.56 -50.74
CA ALA B 426 10.29 -11.21 -50.34
C ALA B 426 9.21 -11.28 -49.27
N SER B 427 9.21 -10.30 -48.38
CA SER B 427 8.22 -10.17 -47.32
C SER B 427 7.83 -8.71 -47.24
N GLY B 428 6.55 -8.45 -46.96
CA GLY B 428 6.07 -7.10 -46.76
C GLY B 428 4.77 -6.91 -47.49
N ASN B 429 4.44 -5.64 -47.78
CA ASN B 429 3.32 -5.34 -48.66
C ASN B 429 3.80 -5.42 -50.09
N LEU B 430 3.52 -6.54 -50.74
CA LEU B 430 4.13 -6.89 -52.01
C LEU B 430 3.30 -6.45 -53.21
N GLY B 431 2.44 -5.42 -53.06
CA GLY B 431 1.63 -4.99 -54.17
C GLY B 431 2.41 -4.38 -55.32
N HIS B 432 3.67 -4.03 -55.11
CA HIS B 432 4.52 -3.47 -56.15
C HIS B 432 5.87 -4.18 -56.17
N THR B 433 5.94 -5.38 -55.60
CA THR B 433 7.16 -6.16 -55.64
C THR B 433 7.05 -7.16 -56.78
N PRO B 434 7.87 -7.09 -57.81
CA PRO B 434 7.65 -7.93 -58.98
C PRO B 434 7.94 -9.40 -58.72
N PHE B 435 7.32 -10.24 -59.56
CA PHE B 435 7.71 -11.64 -59.64
C PHE B 435 9.01 -11.76 -60.43
N ILE B 436 9.56 -12.97 -60.51
CA ILE B 436 10.80 -13.16 -61.26
C ILE B 436 10.58 -12.87 -62.74
N ASP B 437 9.48 -13.36 -63.31
CA ASP B 437 9.26 -13.19 -64.74
C ASP B 437 8.94 -11.76 -65.14
N GLU B 438 8.77 -10.86 -64.17
CA GLU B 438 8.58 -9.44 -64.44
C GLU B 438 9.87 -8.64 -64.37
N LEU B 439 11.01 -9.30 -64.13
CA LEU B 439 12.30 -8.63 -64.05
C LEU B 439 13.00 -8.59 -65.41
N ASN C 3 7.77 -12.08 -1.05
CA ASN C 3 6.95 -13.01 -1.80
C ASN C 3 6.31 -14.07 -0.89
N ILE C 4 6.87 -14.27 0.31
CA ILE C 4 6.30 -15.28 1.20
C ILE C 4 5.05 -14.73 1.90
N ARG C 5 4.90 -13.41 1.96
CA ARG C 5 3.68 -12.79 2.45
C ARG C 5 2.48 -13.16 1.58
N LYS C 6 2.72 -13.47 0.30
CA LYS C 6 1.67 -13.74 -0.67
C LYS C 6 1.28 -15.22 -0.79
N SER C 7 2.14 -16.17 -0.44
CA SER C 7 1.86 -17.57 -0.74
C SER C 7 1.40 -18.38 0.47
N HIS C 8 1.74 -17.96 1.68
CA HIS C 8 1.33 -18.71 2.87
C HIS C 8 -0.20 -18.67 3.00
N PRO C 9 -0.87 -19.80 3.28
CA PRO C 9 -2.35 -19.78 3.26
C PRO C 9 -2.97 -18.78 4.20
N LEU C 10 -2.29 -18.45 5.31
CA LEU C 10 -2.82 -17.56 6.33
C LEU C 10 -2.39 -16.12 6.11
N MET C 11 -1.12 -15.90 5.72
CA MET C 11 -0.63 -14.53 5.57
C MET C 11 -1.17 -13.88 4.30
N LYS C 12 -1.57 -14.69 3.31
CA LYS C 12 -2.15 -14.14 2.09
C LYS C 12 -3.42 -13.36 2.39
N ILE C 13 -4.19 -13.81 3.38
CA ILE C 13 -5.38 -13.07 3.80
C ILE C 13 -5.00 -11.73 4.42
N VAL C 14 -3.96 -11.74 5.27
CA VAL C 14 -3.48 -10.51 5.90
C VAL C 14 -2.87 -9.58 4.87
N ASN C 15 -2.15 -10.13 3.88
CA ASN C 15 -1.51 -9.29 2.88
C ASN C 15 -2.55 -8.60 2.00
N ASN C 16 -3.55 -9.36 1.54
CA ASN C 16 -4.58 -8.82 0.65
C ASN C 16 -5.61 -7.95 1.36
N ALA C 17 -5.44 -7.69 2.66
CA ALA C 17 -6.37 -6.87 3.43
C ALA C 17 -5.72 -5.66 4.11
N PHE C 18 -4.42 -5.72 4.41
CA PHE C 18 -3.75 -4.65 5.17
C PHE C 18 -2.41 -4.21 4.60
N ILE C 19 -1.85 -4.89 3.59
CA ILE C 19 -0.49 -4.58 3.13
C ILE C 19 -0.49 -4.19 1.67
N ASP C 20 -0.89 -5.11 0.79
CA ASP C 20 -0.92 -4.88 -0.65
C ASP C 20 -2.30 -4.48 -1.15
N LEU C 21 -3.26 -4.29 -0.26
CA LEU C 21 -4.61 -3.89 -0.64
C LEU C 21 -4.54 -2.58 -1.42
N PRO C 22 -4.99 -2.53 -2.67
CA PRO C 22 -5.09 -1.23 -3.36
C PRO C 22 -6.15 -0.36 -2.71
N ALA C 23 -5.76 0.87 -2.34
CA ALA C 23 -6.64 1.81 -1.68
C ALA C 23 -6.56 3.15 -2.39
N PRO C 24 -7.62 3.96 -2.33
CA PRO C 24 -7.56 5.27 -2.99
C PRO C 24 -6.51 6.16 -2.37
N SER C 25 -5.87 6.96 -3.22
CA SER C 25 -4.83 7.87 -2.75
C SER C 25 -5.35 9.07 -1.97
N ASN C 26 -6.66 9.29 -1.91
CA ASN C 26 -7.24 10.55 -1.44
C ASN C 26 -8.32 10.37 -0.37
N ILE C 27 -8.36 9.22 0.32
CA ILE C 27 -9.36 9.05 1.38
C ILE C 27 -8.97 9.91 2.57
N SER C 28 -9.93 10.70 3.05
CA SER C 28 -9.70 11.71 4.07
C SER C 28 -9.71 11.08 5.45
N SER C 29 -9.64 11.95 6.47
CA SER C 29 -9.70 11.48 7.85
C SER C 29 -11.01 10.79 8.17
N TRP C 30 -12.06 11.05 7.39
CA TRP C 30 -13.34 10.40 7.63
C TRP C 30 -13.30 8.91 7.32
N TRP C 31 -12.28 8.44 6.59
CA TRP C 31 -12.08 7.02 6.38
C TRP C 31 -11.28 6.36 7.50
N ASN C 32 -10.88 7.11 8.52
CA ASN C 32 -10.14 6.52 9.63
C ASN C 32 -11.04 5.79 10.61
N PHE C 33 -12.34 6.11 10.63
CA PHE C 33 -13.21 5.56 11.66
C PHE C 33 -13.47 4.07 11.48
N GLY C 34 -13.22 3.52 10.28
CA GLY C 34 -13.38 2.09 10.12
C GLY C 34 -12.43 1.29 11.00
N SER C 35 -11.15 1.65 10.97
CA SER C 35 -10.18 0.97 11.82
C SER C 35 -10.38 1.35 13.28
N LEU C 36 -10.83 2.58 13.56
CA LEU C 36 -11.06 2.95 14.95
C LEU C 36 -12.23 2.18 15.53
N LEU C 37 -13.23 1.83 14.72
CA LEU C 37 -14.30 0.96 15.19
C LEU C 37 -13.76 -0.41 15.58
N GLY C 38 -12.78 -0.92 14.82
CA GLY C 38 -12.17 -2.18 15.21
C GLY C 38 -11.30 -2.05 16.44
N ILE C 39 -10.57 -0.94 16.55
CA ILE C 39 -9.81 -0.64 17.76
C ILE C 39 -10.75 -0.55 18.96
N CYS C 40 -11.87 0.17 18.81
CA CYS C 40 -12.85 0.24 19.89
C CYS C 40 -13.38 -1.14 20.24
N LEU C 41 -13.71 -1.96 19.23
CA LEU C 41 -14.22 -3.30 19.51
C LEU C 41 -13.19 -4.13 20.25
N ILE C 42 -11.91 -4.00 19.89
CA ILE C 42 -10.87 -4.74 20.60
C ILE C 42 -10.63 -4.15 22.00
N LEU C 43 -10.74 -2.84 22.14
CA LEU C 43 -10.60 -2.23 23.46
C LEU C 43 -11.70 -2.73 24.40
N GLN C 44 -12.96 -2.74 23.93
CA GLN C 44 -14.08 -3.16 24.78
C GLN C 44 -13.98 -4.63 25.15
N ILE C 45 -13.46 -5.46 24.26
CA ILE C 45 -13.35 -6.89 24.57
C ILE C 45 -12.31 -7.11 25.66
N LEU C 46 -11.18 -6.39 25.59
CA LEU C 46 -10.12 -6.58 26.56
C LEU C 46 -10.53 -6.04 27.92
N THR C 47 -10.93 -4.76 27.98
CA THR C 47 -11.40 -4.18 29.23
C THR C 47 -12.59 -4.95 29.77
N GLY C 48 -13.55 -5.25 28.89
CA GLY C 48 -14.73 -5.98 29.33
C GLY C 48 -14.38 -7.34 29.89
N LEU C 49 -13.48 -8.07 29.24
CA LEU C 49 -13.07 -9.39 29.74
C LEU C 49 -12.44 -9.31 31.12
N PHE C 50 -11.62 -8.28 31.36
CA PHE C 50 -11.01 -8.10 32.67
C PHE C 50 -12.01 -7.62 33.71
N LEU C 51 -13.11 -7.00 33.29
CA LEU C 51 -14.19 -6.67 34.21
C LEU C 51 -15.03 -7.88 34.58
N ALA C 52 -15.16 -8.87 33.69
CA ALA C 52 -15.92 -10.07 34.03
C ALA C 52 -15.18 -10.99 35.00
N MET C 53 -13.87 -10.81 35.17
CA MET C 53 -13.11 -11.57 36.16
C MET C 53 -13.43 -11.13 37.58
N HIS C 54 -14.05 -9.96 37.76
CA HIS C 54 -14.36 -9.43 39.08
C HIS C 54 -15.78 -8.88 39.13
N TYR C 55 -16.70 -9.46 38.37
CA TYR C 55 -18.10 -9.06 38.32
C TYR C 55 -18.99 -10.24 38.67
N THR C 56 -20.06 -9.97 39.41
CA THR C 56 -21.07 -10.97 39.76
C THR C 56 -22.44 -10.47 39.32
N SER C 57 -23.20 -11.32 38.64
CA SER C 57 -24.50 -10.93 38.12
C SER C 57 -25.62 -11.16 39.13
N ASP C 58 -25.32 -11.27 40.41
CA ASP C 58 -26.34 -11.35 41.44
C ASP C 58 -26.91 -9.97 41.72
N THR C 59 -28.23 -9.83 41.76
CA THR C 59 -28.83 -8.52 42.00
C THR C 59 -28.41 -7.95 43.34
N THR C 60 -28.09 -8.81 44.32
CA THR C 60 -27.72 -8.38 45.65
C THR C 60 -26.25 -8.03 45.77
N THR C 61 -25.44 -8.34 44.76
CA THR C 61 -24.01 -8.06 44.81
C THR C 61 -23.51 -7.48 43.49
N ALA C 62 -24.39 -7.28 42.51
CA ALA C 62 -23.93 -6.76 41.22
C ALA C 62 -23.46 -5.32 41.39
N PHE C 63 -24.22 -4.54 42.16
CA PHE C 63 -23.82 -3.17 42.44
C PHE C 63 -22.51 -3.17 43.21
N SER C 64 -22.38 -4.05 44.21
CA SER C 64 -21.20 -4.05 45.07
C SER C 64 -19.98 -4.61 44.35
N SER C 65 -20.17 -5.55 43.41
CA SER C 65 -19.02 -6.07 42.68
C SER C 65 -18.37 -5.01 41.80
N VAL C 66 -19.15 -4.08 41.27
CA VAL C 66 -18.56 -3.01 40.47
C VAL C 66 -17.80 -2.04 41.37
N THR C 67 -18.34 -1.74 42.55
CA THR C 67 -17.63 -0.89 43.49
C THR C 67 -16.35 -1.59 43.96
N HIS C 68 -16.43 -2.90 44.18
CA HIS C 68 -15.24 -3.67 44.52
C HIS C 68 -14.15 -3.52 43.45
N ILE C 69 -14.54 -3.40 42.18
CA ILE C 69 -13.56 -3.21 41.13
C ILE C 69 -12.90 -1.84 41.26
N CYS C 70 -13.70 -0.80 41.43
CA CYS C 70 -13.19 0.56 41.47
C CYS C 70 -12.54 0.94 42.78
N ARG C 71 -12.55 0.07 43.79
CA ARG C 71 -11.98 0.39 45.11
C ARG C 71 -10.83 -0.54 45.48
N ASP C 72 -11.00 -1.85 45.33
CA ASP C 72 -10.01 -2.82 45.79
C ASP C 72 -9.19 -3.48 44.70
N VAL C 73 -9.73 -3.68 43.50
CA VAL C 73 -8.96 -4.33 42.44
C VAL C 73 -7.86 -3.40 41.95
N ASN C 74 -6.65 -3.94 41.83
CA ASN C 74 -5.51 -3.15 41.37
C ASN C 74 -5.78 -2.59 39.98
N TYR C 75 -5.91 -1.27 39.89
CA TYR C 75 -6.23 -0.60 38.64
C TYR C 75 -7.54 -1.11 38.04
N GLY C 76 -8.45 -1.60 38.88
CA GLY C 76 -9.76 -1.98 38.37
C GLY C 76 -10.59 -0.81 37.90
N TRP C 77 -10.44 0.36 38.54
CA TRP C 77 -11.23 1.53 38.17
C TRP C 77 -10.88 2.01 36.77
N ILE C 78 -9.58 2.06 36.43
CA ILE C 78 -9.18 2.56 35.11
C ILE C 78 -9.68 1.62 34.02
N ILE C 79 -9.70 0.31 34.28
CA ILE C 79 -10.22 -0.63 33.30
C ILE C 79 -11.72 -0.39 33.16
N ARG C 80 -12.38 -0.16 34.29
CA ARG C 80 -13.83 0.04 34.34
C ARG C 80 -14.23 1.26 33.52
N TYR C 81 -13.56 2.39 33.74
CA TYR C 81 -13.94 3.62 33.06
C TYR C 81 -13.49 3.69 31.61
N MET C 82 -12.42 2.96 31.25
CA MET C 82 -12.12 2.72 29.84
C MET C 82 -13.25 1.97 29.16
N HIS C 83 -13.83 0.98 29.85
CA HIS C 83 -14.90 0.20 29.25
C HIS C 83 -16.15 1.04 29.09
N ALA C 84 -16.49 1.86 30.08
CA ALA C 84 -17.67 2.71 29.99
C ALA C 84 -17.47 3.80 28.93
N ASN C 85 -16.37 4.55 29.05
CA ASN C 85 -16.11 5.61 28.08
C ASN C 85 -15.78 5.05 26.70
N GLY C 86 -15.17 3.86 26.64
CA GLY C 86 -14.95 3.22 25.37
C GLY C 86 -16.25 2.94 24.63
N ALA C 87 -17.32 2.62 25.37
CA ALA C 87 -18.62 2.41 24.74
C ALA C 87 -19.12 3.71 24.13
N SER C 88 -18.93 4.84 24.81
CA SER C 88 -19.33 6.12 24.23
C SER C 88 -18.49 6.46 23.02
N MET C 89 -17.18 6.22 23.09
CA MET C 89 -16.32 6.42 21.93
C MET C 89 -16.74 5.52 20.77
N PHE C 90 -17.25 4.32 21.09
CA PHE C 90 -17.77 3.42 20.06
C PHE C 90 -18.89 4.09 19.28
N PHE C 91 -19.81 4.76 19.98
CA PHE C 91 -20.94 5.42 19.32
C PHE C 91 -20.52 6.70 18.61
N ILE C 92 -19.48 7.39 19.10
CA ILE C 92 -18.95 8.52 18.35
C ILE C 92 -18.45 8.05 17.00
N CYS C 93 -17.68 6.95 16.99
CA CYS C 93 -17.15 6.44 15.73
C CYS C 93 -18.26 5.89 14.83
N LEU C 94 -19.27 5.24 15.41
CA LEU C 94 -20.37 4.72 14.59
C LEU C 94 -21.06 5.85 13.83
N TYR C 95 -21.43 6.91 14.53
CA TYR C 95 -22.18 7.97 13.86
C TYR C 95 -21.34 8.70 12.83
N MET C 96 -20.04 8.88 13.08
CA MET C 96 -19.18 9.47 12.06
C MET C 96 -18.99 8.51 10.88
N HIS C 97 -18.81 7.22 11.15
CA HIS C 97 -18.71 6.21 10.09
C HIS C 97 -19.96 6.24 9.22
N VAL C 98 -21.14 6.30 9.84
CA VAL C 98 -22.39 6.33 9.09
C VAL C 98 -22.50 7.64 8.33
N GLY C 99 -22.26 8.76 9.01
CA GLY C 99 -22.37 10.07 8.37
C GLY C 99 -21.41 10.23 7.22
N ARG C 100 -20.20 9.65 7.33
CA ARG C 100 -19.27 9.61 6.22
C ARG C 100 -19.92 8.94 5.01
N GLY C 101 -20.51 7.75 5.23
CA GLY C 101 -21.07 7.01 4.12
C GLY C 101 -22.27 7.69 3.49
N LEU C 102 -23.08 8.39 4.29
CA LEU C 102 -24.21 9.12 3.73
C LEU C 102 -23.75 10.29 2.88
N TYR C 103 -22.77 11.05 3.38
CA TYR C 103 -22.33 12.23 2.64
C TYR C 103 -21.70 11.83 1.32
N TYR C 104 -20.79 10.86 1.36
CA TYR C 104 -19.99 10.49 0.19
C TYR C 104 -20.62 9.36 -0.62
N GLY C 105 -21.86 8.97 -0.33
CA GLY C 105 -22.53 7.97 -1.13
C GLY C 105 -22.00 6.56 -1.02
N SER C 106 -21.30 6.22 0.05
CA SER C 106 -20.76 4.87 0.19
C SER C 106 -21.84 3.81 0.34
N TYR C 107 -23.08 4.19 0.63
CA TYR C 107 -24.18 3.23 0.75
C TYR C 107 -24.46 2.47 -0.54
N THR C 108 -23.96 2.92 -1.69
CA THR C 108 -24.19 2.20 -2.92
C THR C 108 -23.52 0.82 -2.93
N PHE C 109 -22.62 0.55 -1.99
CA PHE C 109 -22.23 -0.83 -1.68
C PHE C 109 -23.32 -1.45 -0.83
N LEU C 110 -24.30 -2.09 -1.47
CA LEU C 110 -25.49 -2.53 -0.72
C LEU C 110 -25.14 -3.59 0.32
N GLU C 111 -24.39 -4.63 -0.07
CA GLU C 111 -24.09 -5.68 0.91
C GLU C 111 -23.28 -5.12 2.07
N THR C 112 -22.26 -4.31 1.78
CA THR C 112 -21.47 -3.72 2.85
C THR C 112 -22.31 -2.80 3.72
N TRP C 113 -23.15 -1.96 3.09
CA TRP C 113 -23.99 -1.05 3.86
C TRP C 113 -24.98 -1.82 4.73
N ASN C 114 -25.71 -2.76 4.12
CA ASN C 114 -26.73 -3.50 4.86
C ASN C 114 -26.10 -4.32 5.98
N ILE C 115 -24.94 -4.91 5.72
CA ILE C 115 -24.21 -5.57 6.79
C ILE C 115 -23.82 -4.54 7.85
N GLY C 116 -23.55 -3.32 7.42
CA GLY C 116 -23.27 -2.25 8.39
C GLY C 116 -24.45 -1.97 9.31
N VAL C 117 -25.66 -1.89 8.74
CA VAL C 117 -26.85 -1.62 9.55
C VAL C 117 -27.03 -2.71 10.60
N ILE C 118 -26.73 -3.96 10.24
CA ILE C 118 -26.77 -5.04 11.21
C ILE C 118 -25.75 -4.79 12.32
N LEU C 119 -24.55 -4.32 11.96
CA LEU C 119 -23.54 -4.06 12.98
C LEU C 119 -23.98 -2.96 13.93
N LEU C 120 -24.65 -1.93 13.40
CA LEU C 120 -25.11 -0.85 14.25
C LEU C 120 -26.12 -1.36 15.28
N LEU C 121 -27.06 -2.19 14.84
CA LEU C 121 -28.11 -2.67 15.74
C LEU C 121 -27.55 -3.60 16.82
N THR C 122 -26.61 -4.46 16.46
CA THR C 122 -26.05 -5.37 17.47
C THR C 122 -25.19 -4.61 18.49
N VAL C 123 -24.45 -3.59 18.05
CA VAL C 123 -23.68 -2.79 19.00
C VAL C 123 -24.62 -2.01 19.89
N MET C 124 -25.77 -1.59 19.35
CA MET C 124 -26.78 -0.91 20.17
C MET C 124 -27.33 -1.86 21.21
N ALA C 125 -27.72 -3.07 20.78
CA ALA C 125 -28.20 -4.07 21.72
C ALA C 125 -27.13 -4.41 22.77
N THR C 126 -25.87 -4.53 22.33
CA THR C 126 -24.80 -4.84 23.28
C THR C 126 -24.65 -3.76 24.34
N ALA C 127 -24.61 -2.48 23.92
CA ALA C 127 -24.38 -1.41 24.87
C ALA C 127 -25.58 -1.23 25.80
N PHE C 128 -26.79 -1.49 25.33
CA PHE C 128 -27.96 -1.37 26.18
C PHE C 128 -27.88 -2.36 27.33
N MET C 129 -27.54 -3.61 27.03
CA MET C 129 -27.46 -4.63 28.07
C MET C 129 -26.28 -4.34 29.00
N GLY C 130 -25.17 -3.84 28.45
CA GLY C 130 -24.05 -3.45 29.29
C GLY C 130 -24.42 -2.43 30.35
N TYR C 131 -25.22 -1.43 29.97
CA TYR C 131 -25.66 -0.41 30.93
C TYR C 131 -26.59 -0.95 32.02
N VAL C 132 -27.20 -2.12 31.81
CA VAL C 132 -28.06 -2.71 32.83
C VAL C 132 -27.25 -3.43 33.91
N LEU C 133 -26.03 -3.87 33.59
CA LEU C 133 -25.28 -4.70 34.51
C LEU C 133 -24.93 -4.04 35.84
N PRO C 134 -24.44 -2.80 35.92
CA PRO C 134 -24.09 -2.25 37.24
C PRO C 134 -25.28 -2.09 38.19
N TRP C 135 -26.52 -2.14 37.69
CA TRP C 135 -27.71 -2.22 38.52
C TRP C 135 -27.96 -0.95 39.32
N GLY C 136 -27.61 0.21 38.78
CA GLY C 136 -28.02 1.47 39.37
C GLY C 136 -29.47 1.78 39.04
N GLN C 137 -29.90 2.99 39.44
CA GLN C 137 -31.27 3.39 39.17
C GLN C 137 -31.54 3.51 37.67
N MET C 138 -30.66 4.20 36.93
CA MET C 138 -30.87 4.33 35.50
C MET C 138 -30.69 2.99 34.80
N SER C 139 -29.85 2.12 35.35
CA SER C 139 -29.72 0.78 34.79
C SER C 139 -31.06 0.06 34.81
N PHE C 140 -31.73 0.05 35.98
CA PHE C 140 -32.97 -0.69 36.14
C PHE C 140 -34.09 -0.08 35.30
N TRP C 141 -34.29 1.24 35.42
CA TRP C 141 -35.36 1.91 34.70
C TRP C 141 -35.04 2.09 33.23
N GLY C 142 -33.76 2.03 32.86
CA GLY C 142 -33.42 1.92 31.45
C GLY C 142 -33.87 0.58 30.90
N ALA C 143 -33.64 -0.49 31.67
CA ALA C 143 -34.10 -1.82 31.27
C ALA C 143 -35.62 -1.89 31.24
N THR C 144 -36.28 -1.21 32.17
CA THR C 144 -37.74 -1.23 32.23
C THR C 144 -38.33 -0.59 30.98
N VAL C 145 -37.90 0.64 30.65
CA VAL C 145 -38.52 1.37 29.54
C VAL C 145 -38.25 0.67 28.22
N ILE C 146 -36.99 0.36 27.92
CA ILE C 146 -36.64 -0.13 26.60
C ILE C 146 -37.24 -1.52 26.37
N THR C 147 -37.15 -2.42 27.36
CA THR C 147 -37.74 -3.74 27.21
C THR C 147 -39.26 -3.68 27.05
N ASN C 148 -39.91 -2.74 27.73
CA ASN C 148 -41.35 -2.61 27.58
C ASN C 148 -41.77 -2.17 26.18
N LEU C 149 -40.84 -1.72 25.34
CA LEU C 149 -41.17 -1.33 23.98
C LEU C 149 -41.80 -2.48 23.20
N LEU C 150 -41.38 -3.73 23.50
CA LEU C 150 -41.99 -4.89 22.86
C LEU C 150 -43.45 -5.07 23.23
N SER C 151 -43.90 -4.51 24.37
CA SER C 151 -45.30 -4.62 24.73
C SER C 151 -46.20 -3.92 23.71
N ALA C 152 -45.64 -3.00 22.94
CA ALA C 152 -46.34 -2.32 21.85
C ALA C 152 -46.67 -3.25 20.68
N ILE C 153 -45.94 -4.34 20.50
CA ILE C 153 -46.23 -5.29 19.43
C ILE C 153 -47.61 -5.88 19.71
N PRO C 154 -48.59 -5.75 18.79
CA PRO C 154 -49.93 -6.27 19.11
C PRO C 154 -49.97 -7.78 19.22
N TYR C 155 -50.76 -8.24 20.21
CA TYR C 155 -51.24 -9.61 20.37
C TYR C 155 -50.17 -10.59 20.85
N ILE C 156 -48.89 -10.19 20.84
CA ILE C 156 -47.82 -11.04 21.37
C ILE C 156 -46.84 -10.24 22.23
N GLY C 157 -47.08 -8.92 22.36
CA GLY C 157 -46.08 -8.07 22.98
C GLY C 157 -45.79 -8.43 24.43
N THR C 158 -46.82 -8.56 25.26
CA THR C 158 -46.59 -8.90 26.66
C THR C 158 -45.91 -10.25 26.81
N ASN C 159 -46.26 -11.21 25.95
CA ASN C 159 -45.59 -12.51 26.02
C ASN C 159 -44.10 -12.38 25.69
N LEU C 160 -43.77 -11.59 24.67
CA LEU C 160 -42.35 -11.39 24.34
C LEU C 160 -41.64 -10.67 25.47
N VAL C 161 -42.30 -9.69 26.09
CA VAL C 161 -41.69 -8.97 27.20
C VAL C 161 -41.47 -9.88 28.40
N GLU C 162 -42.54 -10.55 28.87
CA GLU C 162 -42.40 -11.43 30.02
C GLU C 162 -41.47 -12.60 29.74
N TRP C 163 -41.45 -13.09 28.49
CA TRP C 163 -40.51 -14.15 28.12
C TRP C 163 -39.07 -13.66 28.21
N ILE C 164 -38.82 -12.43 27.77
CA ILE C 164 -37.48 -11.87 27.85
C ILE C 164 -37.10 -11.57 29.28
N TRP C 165 -38.03 -11.00 30.06
CA TRP C 165 -37.74 -10.70 31.47
C TRP C 165 -37.49 -11.95 32.29
N GLY C 166 -38.12 -13.08 31.95
CA GLY C 166 -38.06 -14.22 32.85
C GLY C 166 -38.94 -14.03 34.07
N GLY C 167 -40.02 -13.27 33.92
CA GLY C 167 -40.88 -12.96 35.04
C GLY C 167 -41.83 -11.85 34.66
N PHE C 168 -42.60 -11.41 35.64
CA PHE C 168 -43.59 -10.35 35.41
C PHE C 168 -42.97 -8.96 35.43
N SER C 169 -41.66 -8.85 35.61
CA SER C 169 -40.96 -7.57 35.65
C SER C 169 -39.46 -7.86 35.53
N VAL C 170 -38.70 -6.79 35.29
CA VAL C 170 -37.25 -6.91 35.27
C VAL C 170 -36.81 -7.31 36.67
N ASP C 171 -36.00 -8.36 36.75
CA ASP C 171 -35.63 -8.92 38.05
C ASP C 171 -34.32 -9.67 37.89
N LYS C 172 -33.99 -10.51 38.89
CA LYS C 172 -32.70 -11.21 38.88
C LYS C 172 -32.53 -12.05 37.62
N ALA C 173 -33.60 -12.68 37.14
CA ALA C 173 -33.47 -13.53 35.95
C ALA C 173 -33.12 -12.71 34.72
N THR C 174 -33.57 -11.45 34.67
CA THR C 174 -33.31 -10.58 33.53
C THR C 174 -31.86 -10.11 33.51
N LEU C 175 -31.28 -9.86 34.67
CA LEU C 175 -29.93 -9.33 34.73
C LEU C 175 -28.90 -10.41 34.39
N THR C 176 -29.12 -11.63 34.88
CA THR C 176 -28.16 -12.71 34.66
C THR C 176 -28.06 -13.03 33.17
N ARG C 177 -29.18 -13.01 32.45
CA ARG C 177 -29.16 -13.34 31.03
C ARG C 177 -28.64 -12.17 30.21
N PHE C 178 -28.94 -10.95 30.63
CA PHE C 178 -28.37 -9.78 29.95
C PHE C 178 -26.84 -9.81 30.04
N PHE C 179 -26.30 -10.33 31.15
CA PHE C 179 -24.86 -10.50 31.25
C PHE C 179 -24.33 -11.53 30.26
N ALA C 180 -25.06 -12.64 30.08
CA ALA C 180 -24.63 -13.65 29.11
C ALA C 180 -24.68 -13.10 27.69
N PHE C 181 -25.76 -12.39 27.35
CA PHE C 181 -25.86 -11.75 26.05
C PHE C 181 -24.77 -10.71 25.87
N HIS C 182 -24.56 -9.86 26.88
CA HIS C 182 -23.54 -8.82 26.75
C HIS C 182 -22.14 -9.41 26.58
N PHE C 183 -21.90 -10.61 27.09
CA PHE C 183 -20.59 -11.24 26.94
C PHE C 183 -20.38 -11.70 25.50
N ILE C 184 -21.36 -12.41 24.95
CA ILE C 184 -21.20 -13.12 23.68
C ILE C 184 -21.46 -12.25 22.46
N LEU C 185 -22.26 -11.23 22.60
CA LEU C 185 -22.71 -10.48 21.43
C LEU C 185 -21.54 -9.73 20.79
N PRO C 186 -20.56 -9.21 21.55
CA PRO C 186 -19.38 -8.61 20.89
C PRO C 186 -18.62 -9.56 19.99
N PHE C 187 -18.54 -10.85 20.32
CA PHE C 187 -17.82 -11.78 19.45
C PHE C 187 -18.56 -12.04 18.14
N ILE C 188 -19.89 -12.11 18.19
CA ILE C 188 -20.68 -12.16 16.96
C ILE C 188 -20.47 -10.89 16.13
N ILE C 189 -20.36 -9.73 16.80
CA ILE C 189 -20.12 -8.48 16.08
C ILE C 189 -18.79 -8.53 15.35
N MET C 190 -17.76 -9.05 16.02
CA MET C 190 -16.45 -9.15 15.38
C MET C 190 -16.53 -10.04 14.14
N ALA C 191 -17.26 -11.15 14.22
CA ALA C 191 -17.44 -12.02 13.07
C ALA C 191 -18.20 -11.31 11.95
N ILE C 192 -19.27 -10.57 12.28
CA ILE C 192 -20.02 -9.84 11.26
C ILE C 192 -19.18 -8.70 10.69
N ALA C 193 -18.26 -8.15 11.49
CA ALA C 193 -17.38 -7.11 10.97
C ALA C 193 -16.42 -7.67 9.92
N MET C 194 -16.12 -8.97 9.99
CA MET C 194 -15.28 -9.57 8.96
C MET C 194 -16.04 -9.72 7.66
N VAL C 195 -17.31 -10.14 7.73
CA VAL C 195 -18.12 -10.19 6.51
C VAL C 195 -18.33 -8.77 5.97
N HIS C 196 -18.43 -7.77 6.85
CA HIS C 196 -18.45 -6.37 6.43
C HIS C 196 -17.24 -6.06 5.58
N LEU C 197 -16.05 -6.44 6.06
CA LEU C 197 -14.84 -6.17 5.29
C LEU C 197 -14.71 -7.07 4.06
N LEU C 198 -15.23 -8.30 4.14
CA LEU C 198 -15.17 -9.21 3.00
C LEU C 198 -15.88 -8.61 1.80
N PHE C 199 -17.11 -8.12 2.00
CA PHE C 199 -17.86 -7.53 0.90
C PHE C 199 -17.23 -6.23 0.43
N LEU C 200 -16.60 -5.47 1.35
CA LEU C 200 -15.96 -4.23 0.95
C LEU C 200 -14.82 -4.46 -0.02
N HIS C 201 -13.96 -5.45 0.27
CA HIS C 201 -12.78 -5.67 -0.55
C HIS C 201 -13.13 -6.09 -1.96
N GLU C 202 -14.33 -6.61 -2.20
CA GLU C 202 -14.77 -6.91 -3.56
C GLU C 202 -14.65 -5.69 -4.46
N THR C 203 -14.98 -4.52 -3.95
CA THR C 203 -14.97 -3.27 -4.71
C THR C 203 -13.83 -2.32 -4.35
N GLY C 204 -13.25 -2.47 -3.16
CA GLY C 204 -12.35 -1.47 -2.63
C GLY C 204 -13.11 -0.26 -2.09
N SER C 205 -12.35 0.71 -1.59
CA SER C 205 -12.96 1.86 -0.93
C SER C 205 -13.46 2.90 -1.92
N ASN C 206 -14.51 3.61 -1.51
CA ASN C 206 -14.88 4.88 -2.11
C ASN C 206 -13.88 5.95 -1.67
N ASN C 207 -14.02 7.15 -2.24
CA ASN C 207 -13.16 8.28 -1.89
C ASN C 207 -13.98 9.57 -1.86
N PRO C 208 -13.41 10.68 -1.37
CA PRO C 208 -14.21 11.90 -1.24
C PRO C 208 -14.85 12.41 -2.53
N THR C 209 -14.24 12.16 -3.69
CA THR C 209 -14.83 12.68 -4.93
C THR C 209 -15.99 11.84 -5.44
N GLY C 210 -16.16 10.62 -4.96
CA GLY C 210 -17.16 9.74 -5.53
C GLY C 210 -16.84 9.25 -6.92
N ILE C 211 -15.64 9.53 -7.43
CA ILE C 211 -15.20 9.11 -8.75
C ILE C 211 -14.30 7.92 -8.55
N SER C 212 -14.36 6.98 -9.50
CA SER C 212 -13.53 5.78 -9.45
C SER C 212 -12.06 6.17 -9.35
N SER C 213 -11.32 5.45 -8.52
CA SER C 213 -9.93 5.77 -8.21
C SER C 213 -8.95 4.72 -8.71
N ASP C 214 -9.40 3.80 -9.58
CA ASP C 214 -8.48 2.79 -10.13
C ASP C 214 -7.34 3.41 -10.94
N VAL C 215 -7.52 4.62 -11.47
CA VAL C 215 -6.42 5.28 -12.14
C VAL C 215 -5.33 5.76 -11.18
N ASP C 216 -5.63 5.88 -9.89
CA ASP C 216 -4.64 6.35 -8.90
C ASP C 216 -4.88 5.60 -7.58
N LYS C 217 -4.20 4.48 -7.42
CA LYS C 217 -4.28 3.67 -6.23
C LYS C 217 -2.90 3.60 -5.60
N ILE C 218 -2.87 3.50 -4.27
CA ILE C 218 -1.62 3.33 -3.53
C ILE C 218 -1.79 2.12 -2.63
N PRO C 219 -0.70 1.43 -2.27
CA PRO C 219 -0.85 0.28 -1.37
C PRO C 219 -1.21 0.74 0.03
N PHE C 220 -2.00 -0.09 0.71
CA PHE C 220 -2.42 0.27 2.07
C PHE C 220 -1.21 0.49 2.98
N HIS C 221 -0.20 -0.39 2.88
CA HIS C 221 1.06 -0.20 3.58
C HIS C 221 2.06 0.52 2.68
N PRO C 222 2.79 1.54 3.15
CA PRO C 222 2.87 2.14 4.49
C PRO C 222 1.99 3.35 4.68
N TYR C 223 1.15 3.65 3.68
CA TYR C 223 0.44 4.93 3.66
C TYR C 223 -0.68 4.95 4.69
N TYR C 224 -1.56 3.94 4.66
CA TYR C 224 -2.70 3.91 5.57
C TYR C 224 -2.45 3.08 6.82
N THR C 225 -1.35 2.33 6.89
CA THR C 225 -0.97 1.78 8.18
C THR C 225 -0.56 2.90 9.13
N ILE C 226 0.26 3.84 8.65
CA ILE C 226 0.71 4.91 9.54
C ILE C 226 -0.39 5.94 9.76
N LYS C 227 -1.24 6.17 8.76
CA LYS C 227 -2.36 7.08 8.97
C LYS C 227 -3.35 6.50 9.97
N ASP C 228 -3.56 5.18 9.92
CA ASP C 228 -4.43 4.54 10.91
C ASP C 228 -3.80 4.51 12.29
N ILE C 229 -2.47 4.37 12.36
CA ILE C 229 -1.77 4.42 13.64
C ILE C 229 -1.92 5.79 14.27
N LEU C 230 -1.73 6.86 13.48
CA LEU C 230 -1.91 8.21 13.98
C LEU C 230 -3.33 8.43 14.49
N GLY C 231 -4.33 7.99 13.73
CA GLY C 231 -5.70 8.15 14.18
C GLY C 231 -6.00 7.39 15.47
N ALA C 232 -5.39 6.21 15.64
CA ALA C 232 -5.59 5.47 16.88
C ALA C 232 -5.05 6.25 18.08
N LEU C 233 -3.87 6.86 17.93
CA LEU C 233 -3.32 7.67 19.01
C LEU C 233 -4.25 8.82 19.37
N LEU C 234 -4.98 9.35 18.38
CA LEU C 234 -5.97 10.40 18.67
C LEU C 234 -7.21 9.81 19.31
N LEU C 235 -7.56 8.56 18.97
CA LEU C 235 -8.65 7.91 19.68
C LEU C 235 -8.30 7.68 21.15
N ILE C 236 -7.08 7.20 21.41
CA ILE C 236 -6.64 7.01 22.78
C ILE C 236 -6.62 8.33 23.53
N LEU C 237 -6.23 9.42 22.85
CA LEU C 237 -6.26 10.73 23.48
C LEU C 237 -7.68 11.10 23.89
N ALA C 238 -8.65 10.92 22.98
CA ALA C 238 -10.03 11.25 23.30
C ALA C 238 -10.55 10.38 24.43
N LEU C 239 -10.19 9.09 24.43
CA LEU C 239 -10.64 8.20 25.50
C LEU C 239 -10.01 8.57 26.83
N MET C 240 -8.69 8.78 26.84
CA MET C 240 -8.02 8.99 28.11
C MET C 240 -8.33 10.35 28.71
N LEU C 241 -8.69 11.35 27.89
CA LEU C 241 -9.17 12.59 28.46
C LEU C 241 -10.42 12.36 29.30
N LEU C 242 -11.36 11.55 28.80
CA LEU C 242 -12.54 11.24 29.60
C LEU C 242 -12.16 10.42 30.83
N VAL C 243 -11.40 9.34 30.63
CA VAL C 243 -11.14 8.41 31.72
C VAL C 243 -10.34 9.07 32.84
N LEU C 244 -9.36 9.91 32.48
CA LEU C 244 -8.38 10.45 33.43
C LEU C 244 -8.69 11.86 33.91
N PHE C 245 -9.68 12.54 33.33
CA PHE C 245 -10.04 13.88 33.77
C PHE C 245 -11.53 14.10 33.96
N ALA C 246 -12.40 13.26 33.42
CA ALA C 246 -13.83 13.46 33.58
C ALA C 246 -14.61 12.16 33.44
N PRO C 247 -14.36 11.17 34.30
CA PRO C 247 -14.95 9.84 34.10
C PRO C 247 -16.47 9.77 34.31
N ASP C 248 -17.11 10.78 34.92
CA ASP C 248 -18.54 10.75 35.16
C ASP C 248 -19.30 11.77 34.31
N LEU C 249 -18.61 12.45 33.40
CA LEU C 249 -19.25 13.52 32.63
C LEU C 249 -20.35 12.97 31.74
N LEU C 250 -20.12 11.79 31.15
CA LEU C 250 -21.10 11.18 30.25
C LEU C 250 -22.05 10.22 30.95
N GLY C 251 -21.86 9.94 32.25
CA GLY C 251 -22.76 9.08 32.98
C GLY C 251 -23.81 9.88 33.72
N ASP C 252 -24.67 9.16 34.42
CA ASP C 252 -25.74 9.78 35.18
C ASP C 252 -25.45 9.58 36.67
N PRO C 253 -25.57 10.59 37.53
CA PRO C 253 -25.33 10.33 38.96
C PRO C 253 -26.27 9.34 39.62
N ASP C 254 -27.53 9.22 39.18
CA ASP C 254 -28.47 8.32 39.83
C ASP C 254 -28.03 6.86 39.73
N ASN C 255 -27.17 6.54 38.75
CA ASN C 255 -26.72 5.17 38.59
C ASN C 255 -25.79 4.74 39.73
N TYR C 256 -25.22 5.69 40.50
CA TYR C 256 -24.46 5.36 41.71
C TYR C 256 -25.32 5.04 42.94
N THR C 257 -26.65 5.06 42.83
CA THR C 257 -27.55 4.56 43.86
C THR C 257 -28.05 3.19 43.44
N PRO C 258 -28.08 2.17 44.30
CA PRO C 258 -28.55 0.85 43.84
C PRO C 258 -29.97 0.90 43.31
N ALA C 259 -30.28 -0.08 42.47
CA ALA C 259 -31.60 -0.16 41.85
C ALA C 259 -32.66 -0.33 42.91
N ASN C 260 -33.82 0.27 42.65
CA ASN C 260 -34.99 0.23 43.51
C ASN C 260 -36.23 0.10 42.65
N PRO C 261 -36.88 -1.08 42.60
CA PRO C 261 -38.06 -1.22 41.73
C PRO C 261 -39.26 -0.38 42.18
N LEU C 262 -39.25 0.15 43.40
CA LEU C 262 -40.43 0.83 43.93
C LEU C 262 -40.51 2.30 43.55
N ASN C 263 -39.40 2.95 43.21
CA ASN C 263 -39.40 4.37 42.92
C ASN C 263 -38.57 4.60 41.65
N THR C 264 -39.12 5.37 40.70
CA THR C 264 -38.45 5.84 39.50
C THR C 264 -37.94 7.28 39.64
N PRO C 265 -36.73 7.64 39.21
CA PRO C 265 -36.27 9.03 39.40
C PRO C 265 -37.13 9.96 38.58
N PRO C 266 -37.24 11.26 38.95
CA PRO C 266 -38.11 12.14 38.16
C PRO C 266 -37.54 12.56 36.81
N HIS C 267 -36.21 12.76 36.75
CA HIS C 267 -35.54 13.29 35.56
C HIS C 267 -34.79 12.21 34.77
N ILE C 268 -35.55 11.35 34.09
CA ILE C 268 -34.95 10.27 33.31
C ILE C 268 -34.12 10.90 32.21
N LYS C 269 -32.82 10.56 32.16
CA LYS C 269 -31.96 10.99 31.06
C LYS C 269 -31.07 9.84 30.58
N PRO C 270 -31.36 9.25 29.42
CA PRO C 270 -30.47 8.19 28.91
C PRO C 270 -29.08 8.72 28.59
N GLU C 271 -28.20 7.78 28.24
CA GLU C 271 -26.92 8.15 27.64
C GLU C 271 -27.13 9.01 26.40
N TRP C 272 -26.11 9.84 26.14
CA TRP C 272 -26.19 10.83 25.07
C TRP C 272 -26.42 10.21 23.70
N TYR C 273 -25.92 8.99 23.49
CA TYR C 273 -26.04 8.34 22.18
C TYR C 273 -27.39 7.71 21.91
N PHE C 274 -28.36 7.85 22.82
CA PHE C 274 -29.73 7.40 22.57
C PHE C 274 -30.70 8.56 22.62
N LEU C 275 -30.24 9.78 22.89
CA LEU C 275 -31.18 10.86 23.16
C LEU C 275 -31.95 11.28 21.90
N PHE C 276 -31.35 11.18 20.71
CA PHE C 276 -32.06 11.63 19.52
C PHE C 276 -33.25 10.72 19.22
N ALA C 277 -33.08 9.41 19.42
CA ALA C 277 -34.15 8.45 19.15
C ALA C 277 -35.17 8.40 20.28
N TYR C 278 -34.72 8.64 21.51
CA TYR C 278 -35.66 8.77 22.63
C TYR C 278 -36.59 9.95 22.38
N ALA C 279 -36.06 11.04 21.82
CA ALA C 279 -36.87 12.22 21.51
C ALA C 279 -37.90 11.94 20.42
N ILE C 280 -37.54 11.09 19.44
CA ILE C 280 -38.47 10.76 18.36
C ILE C 280 -39.67 10.00 18.91
N LEU C 281 -39.42 9.06 19.83
CA LEU C 281 -40.48 8.19 20.33
C LEU C 281 -41.53 9.00 21.09
N ARG C 282 -41.10 9.84 22.03
CA ARG C 282 -42.05 10.56 22.86
C ARG C 282 -42.75 11.70 22.14
N SER C 283 -42.30 12.11 20.96
CA SER C 283 -43.09 13.09 20.20
C SER C 283 -44.41 12.52 19.68
N ILE C 284 -44.54 11.20 19.68
CA ILE C 284 -45.77 10.49 19.32
C ILE C 284 -46.43 10.02 20.60
N PRO C 285 -47.60 10.54 21.00
CA PRO C 285 -48.21 10.02 22.22
C PRO C 285 -48.79 8.63 22.07
N ASN C 286 -49.18 8.19 20.88
CA ASN C 286 -49.70 6.84 20.74
C ASN C 286 -48.60 5.85 21.10
N LYS C 287 -48.98 4.77 21.81
CA LYS C 287 -47.97 3.82 22.28
C LYS C 287 -47.32 3.10 21.11
N LEU C 288 -48.12 2.42 20.29
CA LEU C 288 -47.57 1.65 19.19
C LEU C 288 -46.96 2.58 18.13
N GLY C 289 -47.58 3.74 17.91
CA GLY C 289 -47.06 4.67 16.92
C GLY C 289 -45.67 5.17 17.27
N GLY C 290 -45.48 5.58 18.53
CA GLY C 290 -44.18 6.06 18.95
C GLY C 290 -43.10 5.00 18.93
N VAL C 291 -43.48 3.74 19.19
CA VAL C 291 -42.50 2.66 19.20
C VAL C 291 -42.09 2.32 17.77
N LEU C 292 -43.03 2.39 16.83
CA LEU C 292 -42.69 2.16 15.43
C LEU C 292 -41.81 3.29 14.89
N ALA C 293 -42.11 4.54 15.25
CA ALA C 293 -41.27 5.67 14.83
C ALA C 293 -39.86 5.54 15.38
N LEU C 294 -39.70 5.02 16.59
CA LEU C 294 -38.36 4.78 17.14
C LEU C 294 -37.61 3.80 16.24
N ALA C 295 -38.22 2.65 15.96
CA ALA C 295 -37.55 1.65 15.14
C ALA C 295 -37.29 2.17 13.73
N PHE C 296 -38.24 2.89 13.15
CA PHE C 296 -38.03 3.38 11.79
C PHE C 296 -36.98 4.49 11.73
N SER C 297 -36.71 5.20 12.82
CA SER C 297 -35.67 6.22 12.77
C SER C 297 -34.29 5.63 12.56
N ILE C 298 -34.10 4.34 12.85
CA ILE C 298 -32.84 3.65 12.63
C ILE C 298 -32.92 2.78 11.39
N LEU C 299 -34.01 2.03 11.23
CA LEU C 299 -34.13 1.11 10.11
C LEU C 299 -34.24 1.84 8.79
N ILE C 300 -34.49 3.15 8.80
CA ILE C 300 -34.58 3.94 7.58
C ILE C 300 -33.25 3.93 6.82
N LEU C 301 -32.13 3.71 7.53
CA LEU C 301 -30.83 3.59 6.87
C LEU C 301 -30.83 2.52 5.79
N ALA C 302 -31.58 1.43 5.99
CA ALA C 302 -31.66 0.40 4.96
C ALA C 302 -32.35 0.89 3.69
N LEU C 303 -33.15 1.96 3.77
CA LEU C 303 -33.82 2.57 2.64
C LEU C 303 -33.00 3.63 1.91
N ILE C 304 -31.93 4.15 2.54
CA ILE C 304 -31.17 5.24 1.90
C ILE C 304 -30.66 4.85 0.51
N PRO C 305 -30.15 3.64 0.26
CA PRO C 305 -29.76 3.29 -1.12
C PRO C 305 -30.87 3.42 -2.14
N LEU C 306 -32.12 3.17 -1.75
CA LEU C 306 -33.24 3.24 -2.67
C LEU C 306 -33.69 4.67 -2.93
N LEU C 307 -33.28 5.61 -2.09
CA LEU C 307 -33.66 7.02 -2.24
C LEU C 307 -32.60 7.85 -2.95
N HIS C 308 -31.52 7.22 -3.43
CA HIS C 308 -30.48 7.97 -4.14
C HIS C 308 -30.97 8.36 -5.53
N THR C 309 -31.10 9.67 -5.77
CA THR C 309 -31.58 10.17 -7.06
C THR C 309 -30.50 10.85 -7.89
N SER C 310 -29.43 11.34 -7.26
CA SER C 310 -28.41 12.10 -7.99
C SER C 310 -27.65 11.17 -8.92
N LYS C 311 -27.32 11.68 -10.10
CA LYS C 311 -26.45 10.96 -11.02
C LYS C 311 -24.98 11.01 -10.60
N GLN C 312 -24.65 11.73 -9.52
CA GLN C 312 -23.32 11.73 -8.92
C GLN C 312 -23.38 11.02 -7.58
N ARG C 313 -22.29 10.32 -7.23
CA ARG C 313 -22.27 9.52 -6.01
C ARG C 313 -22.04 10.34 -4.75
N SER C 314 -21.03 11.21 -4.76
CA SER C 314 -20.66 11.96 -3.58
C SER C 314 -21.31 13.33 -3.58
N MET C 315 -21.47 13.90 -2.38
CA MET C 315 -21.98 15.25 -2.23
C MET C 315 -20.92 16.32 -2.38
N MET C 316 -19.66 15.95 -2.67
CA MET C 316 -18.59 16.95 -2.79
C MET C 316 -18.95 18.01 -3.82
N PHE C 317 -19.65 17.62 -4.89
CA PHE C 317 -20.03 18.50 -5.99
C PHE C 317 -21.54 18.78 -6.01
N ARG C 318 -22.19 18.74 -4.84
CA ARG C 318 -23.64 18.88 -4.73
C ARG C 318 -23.97 19.85 -3.60
N PRO C 319 -23.92 21.16 -3.87
CA PRO C 319 -24.17 22.14 -2.80
C PRO C 319 -25.55 22.04 -2.15
N LEU C 320 -26.61 21.88 -2.95
CA LEU C 320 -27.96 21.80 -2.38
C LEU C 320 -28.09 20.58 -1.46
N SER C 321 -27.48 19.45 -1.82
CA SER C 321 -27.52 18.29 -0.93
C SER C 321 -26.70 18.52 0.32
N GLN C 322 -25.58 19.25 0.20
CA GLN C 322 -24.76 19.56 1.37
C GLN C 322 -25.56 20.29 2.44
N CYS C 323 -26.31 21.32 2.05
CA CYS C 323 -27.07 22.08 3.04
C CYS C 323 -28.12 21.20 3.71
N LEU C 324 -28.82 20.37 2.93
CA LEU C 324 -29.78 19.45 3.52
C LEU C 324 -29.10 18.40 4.39
N PHE C 325 -27.88 17.99 4.03
CA PHE C 325 -27.14 17.05 4.86
C PHE C 325 -26.86 17.65 6.24
N TRP C 326 -26.41 18.90 6.26
CA TRP C 326 -26.11 19.57 7.53
C TRP C 326 -27.37 20.00 8.26
N ALA C 327 -28.48 20.19 7.55
CA ALA C 327 -29.76 20.38 8.23
C ALA C 327 -30.18 19.09 8.94
N LEU C 328 -29.72 17.95 8.46
CA LEU C 328 -29.99 16.69 9.14
C LEU C 328 -29.12 16.52 10.38
N VAL C 329 -27.86 16.96 10.31
CA VAL C 329 -26.99 16.85 11.47
C VAL C 329 -27.47 17.79 12.58
N ALA C 330 -27.79 19.04 12.22
CA ALA C 330 -28.29 19.98 13.21
C ALA C 330 -29.66 19.56 13.72
N ASP C 331 -30.47 18.93 12.86
CA ASP C 331 -31.75 18.41 13.34
C ASP C 331 -31.55 17.23 14.29
N LEU C 332 -30.58 16.36 14.00
CA LEU C 332 -30.26 15.29 14.93
C LEU C 332 -29.66 15.84 16.20
N LEU C 333 -28.87 16.91 16.10
CA LEU C 333 -28.38 17.57 17.31
C LEU C 333 -29.53 18.18 18.11
N THR C 334 -30.59 18.63 17.43
CA THR C 334 -31.75 19.16 18.13
C THR C 334 -32.47 18.06 18.89
N LEU C 335 -32.70 16.91 18.23
CA LEU C 335 -33.38 15.80 18.90
C LEU C 335 -32.58 15.28 20.08
N THR C 336 -31.25 15.28 19.98
CA THR C 336 -30.42 14.89 21.12
C THR C 336 -30.64 15.85 22.27
N TRP C 337 -30.71 17.15 21.98
CA TRP C 337 -31.00 18.14 23.02
C TRP C 337 -32.40 17.95 23.61
N ILE C 338 -33.42 17.80 22.75
CA ILE C 338 -34.78 17.61 23.24
C ILE C 338 -34.87 16.29 24.02
N GLY C 339 -34.11 15.29 23.60
CA GLY C 339 -34.11 14.01 24.30
C GLY C 339 -33.61 14.11 25.73
N GLY C 340 -32.76 15.10 26.03
CA GLY C 340 -32.22 15.30 27.35
C GLY C 340 -32.99 16.25 28.25
N GLN C 341 -34.16 16.71 27.82
CA GLN C 341 -35.01 17.64 28.53
C GLN C 341 -36.34 16.99 28.87
N PRO C 342 -37.05 17.47 29.88
CA PRO C 342 -38.31 16.82 30.27
C PRO C 342 -39.43 17.11 29.26
N VAL C 343 -40.46 16.29 29.33
CA VAL C 343 -41.57 16.38 28.39
C VAL C 343 -42.51 17.50 28.83
N GLU C 344 -42.20 18.73 28.41
CA GLU C 344 -42.96 19.90 28.80
C GLU C 344 -42.88 20.93 27.69
N HIS C 345 -43.72 21.97 27.78
CA HIS C 345 -43.69 23.07 26.82
C HIS C 345 -42.41 23.87 26.96
N PRO C 346 -41.78 24.30 25.84
CA PRO C 346 -42.07 24.12 24.41
C PRO C 346 -41.35 22.92 23.82
N TYR C 347 -40.66 22.15 24.65
CA TYR C 347 -39.82 21.07 24.12
C TYR C 347 -40.65 20.01 23.42
N ILE C 348 -41.92 19.85 23.82
CA ILE C 348 -42.78 18.86 23.20
C ILE C 348 -43.00 19.21 21.74
N THR C 349 -43.31 20.48 21.46
CA THR C 349 -43.57 20.91 20.10
C THR C 349 -42.28 20.98 19.29
N ILE C 350 -41.18 21.41 19.90
CA ILE C 350 -39.90 21.43 19.18
C ILE C 350 -39.52 20.02 18.78
N GLY C 351 -39.66 19.06 19.70
CA GLY C 351 -39.33 17.69 19.41
C GLY C 351 -40.22 17.08 18.34
N GLN C 352 -41.48 17.50 18.30
CA GLN C 352 -42.36 17.04 17.23
C GLN C 352 -41.92 17.60 15.88
N LEU C 353 -41.60 18.90 15.83
CA LEU C 353 -41.16 19.51 14.58
C LEU C 353 -39.82 18.94 14.12
N ALA C 354 -38.92 18.65 15.06
CA ALA C 354 -37.63 18.09 14.67
C ALA C 354 -37.79 16.65 14.18
N SER C 355 -38.67 15.88 14.81
CA SER C 355 -38.92 14.52 14.35
C SER C 355 -39.49 14.51 12.94
N VAL C 356 -40.42 15.43 12.65
CA VAL C 356 -40.92 15.51 11.28
C VAL C 356 -39.83 15.93 10.33
N LEU C 357 -38.98 16.88 10.74
CA LEU C 357 -37.90 17.33 9.86
C LEU C 357 -36.89 16.22 9.59
N TYR C 358 -36.66 15.34 10.57
CA TYR C 358 -35.73 14.24 10.38
C TYR C 358 -36.20 13.33 9.25
N PHE C 359 -37.44 12.86 9.34
CA PHE C 359 -37.97 11.98 8.30
C PHE C 359 -38.28 12.75 7.02
N LEU C 360 -38.59 14.04 7.13
CA LEU C 360 -38.86 14.82 5.94
C LEU C 360 -37.59 14.99 5.11
N LEU C 361 -36.46 15.21 5.78
CA LEU C 361 -35.21 15.36 5.06
C LEU C 361 -34.83 14.07 4.33
N ILE C 362 -34.86 12.94 5.03
CA ILE C 362 -34.39 11.70 4.42
C ILE C 362 -35.31 11.26 3.29
N LEU C 363 -36.62 11.35 3.48
CA LEU C 363 -37.57 10.78 2.54
C LEU C 363 -37.92 11.70 1.38
N VAL C 364 -37.99 13.01 1.61
CA VAL C 364 -38.57 13.93 0.65
C VAL C 364 -37.52 14.90 0.13
N LEU C 365 -36.95 15.69 1.04
CA LEU C 365 -36.15 16.85 0.62
C LEU C 365 -34.86 16.40 -0.05
N MET C 366 -34.12 15.49 0.57
CA MET C 366 -32.81 15.13 0.01
C MET C 366 -32.95 14.43 -1.34
N PRO C 367 -33.85 13.45 -1.53
CA PRO C 367 -34.02 12.92 -2.90
C PRO C 367 -34.47 13.95 -3.92
N THR C 368 -35.30 14.93 -3.51
CA THR C 368 -35.71 15.95 -4.46
C THR C 368 -34.56 16.89 -4.79
N ALA C 369 -33.66 17.13 -3.83
CA ALA C 369 -32.50 17.98 -4.13
C ALA C 369 -31.61 17.34 -5.16
N GLY C 370 -31.39 16.03 -5.04
CA GLY C 370 -30.56 15.33 -6.01
C GLY C 370 -31.12 15.39 -7.42
N THR C 371 -32.44 15.45 -7.54
CA THR C 371 -33.07 15.56 -8.86
C THR C 371 -32.98 16.98 -9.41
N ILE C 372 -33.13 17.99 -8.55
CA ILE C 372 -32.91 19.37 -8.97
C ILE C 372 -31.49 19.58 -9.47
N GLU C 373 -30.52 18.95 -8.79
CA GLU C 373 -29.13 19.10 -9.19
C GLU C 373 -28.87 18.48 -10.55
N ASN C 374 -29.49 17.33 -10.82
CA ASN C 374 -29.34 16.71 -12.14
C ASN C 374 -29.84 17.64 -13.23
N LYS C 375 -31.02 18.23 -13.01
CA LYS C 375 -31.59 19.15 -14.00
C LYS C 375 -30.74 20.39 -14.17
N LEU C 376 -30.15 20.89 -13.07
CA LEU C 376 -29.28 22.07 -13.17
C LEU C 376 -28.05 21.78 -14.02
N LEU C 377 -27.52 20.56 -13.97
CA LEU C 377 -26.41 20.18 -14.83
C LEU C 377 -26.86 19.68 -16.20
N LYS C 378 -28.17 19.68 -16.49
CA LYS C 378 -28.70 19.31 -17.80
C LYS C 378 -28.47 17.83 -18.10
N TRP C 379 -28.70 16.95 -17.13
CA TRP C 379 -28.69 15.52 -17.41
C TRP C 379 -29.61 14.74 -16.46
N SER D 1 -43.98 23.69 44.59
CA SER D 1 -42.62 23.90 45.13
C SER D 1 -41.59 23.17 44.26
N ASP D 2 -41.82 23.22 42.95
CA ASP D 2 -40.95 22.58 41.97
C ASP D 2 -39.88 23.52 41.43
N LEU D 3 -39.76 24.73 41.97
CA LEU D 3 -38.61 25.57 41.69
C LEU D 3 -37.33 24.94 42.23
N GLU D 4 -36.22 25.21 41.53
CA GLU D 4 -34.91 24.68 41.87
C GLU D 4 -33.92 25.82 42.14
N LEU D 5 -33.03 25.59 43.11
CA LEU D 5 -31.85 26.42 43.34
C LEU D 5 -30.63 25.54 43.23
N HIS D 6 -29.78 25.83 42.26
CA HIS D 6 -28.56 25.05 42.05
C HIS D 6 -27.41 25.62 42.88
N PRO D 7 -26.48 24.77 43.34
CA PRO D 7 -25.39 25.28 44.19
C PRO D 7 -24.37 26.07 43.39
N PRO D 8 -23.78 27.12 43.97
CA PRO D 8 -22.65 27.79 43.30
C PRO D 8 -21.41 26.90 43.33
N SER D 9 -20.38 27.35 42.62
CA SER D 9 -19.11 26.64 42.53
C SER D 9 -18.11 27.21 43.52
N TYR D 10 -17.82 26.44 44.56
CA TYR D 10 -16.81 26.82 45.54
C TYR D 10 -15.42 26.42 45.03
N PRO D 11 -14.37 27.21 45.35
CA PRO D 11 -13.04 26.88 44.81
C PRO D 11 -12.30 25.83 45.63
N TRP D 12 -12.86 24.62 45.65
CA TRP D 12 -12.18 23.48 46.28
C TRP D 12 -10.75 23.34 45.76
N SER D 13 -9.86 22.89 46.63
CA SER D 13 -8.46 22.80 46.25
C SER D 13 -8.18 21.61 45.36
N HIS D 14 -9.16 20.71 45.19
CA HIS D 14 -9.10 19.59 44.25
C HIS D 14 -9.95 19.83 43.00
N ARG D 15 -10.43 21.06 42.80
CA ARG D 15 -11.24 21.39 41.64
C ARG D 15 -10.42 21.35 40.35
N GLY D 16 -9.19 21.85 40.39
CA GLY D 16 -8.39 21.97 39.18
C GLY D 16 -8.11 20.64 38.52
N LEU D 17 -7.71 20.73 37.25
CA LEU D 17 -7.50 19.53 36.43
C LEU D 17 -6.41 18.64 37.00
N LEU D 18 -5.34 19.22 37.54
CA LEU D 18 -4.21 18.48 38.07
C LEU D 18 -4.15 18.51 39.60
N SER D 19 -5.20 18.97 40.28
CA SER D 19 -5.14 19.27 41.70
C SER D 19 -5.65 18.11 42.56
N SER D 20 -4.79 17.64 43.47
CA SER D 20 -5.09 16.55 44.37
C SER D 20 -6.00 17.02 45.51
N LEU D 21 -6.59 16.05 46.21
CA LEU D 21 -7.23 16.32 47.49
C LEU D 21 -6.26 16.86 48.53
N ASP D 22 -6.79 17.62 49.48
CA ASP D 22 -6.02 18.09 50.65
C ASP D 22 -6.21 17.04 51.74
N HIS D 23 -5.15 16.29 52.03
CA HIS D 23 -5.25 15.16 52.94
C HIS D 23 -5.37 15.57 54.40
N THR D 24 -4.95 16.80 54.75
CA THR D 24 -5.24 17.28 56.09
C THR D 24 -6.73 17.53 56.26
N SER D 25 -7.38 18.01 55.19
CA SER D 25 -8.82 18.23 55.22
C SER D 25 -9.60 16.92 55.21
N ILE D 26 -9.10 15.92 54.48
CA ILE D 26 -9.64 14.55 54.61
C ILE D 26 -9.61 14.07 56.05
N ARG D 27 -8.43 14.17 56.70
CA ARG D 27 -8.30 13.74 58.10
C ARG D 27 -9.34 14.41 59.00
N ARG D 28 -9.47 15.73 58.89
CA ARG D 28 -10.47 16.43 59.69
C ARG D 28 -11.87 16.01 59.29
N GLY D 29 -12.10 15.76 57.99
CA GLY D 29 -13.41 15.36 57.52
C GLY D 29 -13.87 14.00 58.04
N PHE D 30 -12.92 13.07 58.20
CA PHE D 30 -13.26 11.78 58.81
C PHE D 30 -13.75 11.97 60.24
N GLN D 31 -13.14 12.90 60.97
CA GLN D 31 -13.54 13.15 62.34
C GLN D 31 -14.98 13.66 62.40
N VAL D 32 -15.38 14.44 61.40
CA VAL D 32 -16.77 14.90 61.33
C VAL D 32 -17.72 13.73 61.10
N TYR D 33 -17.40 12.86 60.13
CA TYR D 33 -18.23 11.69 59.86
C TYR D 33 -18.39 10.81 61.11
N LYS D 34 -17.26 10.48 61.76
CA LYS D 34 -17.31 9.60 62.92
C LYS D 34 -18.18 10.16 64.02
N GLN D 35 -17.90 11.38 64.44
CA GLN D 35 -18.55 11.96 65.62
C GLN D 35 -19.99 12.41 65.35
N VAL D 36 -20.27 12.95 64.17
CA VAL D 36 -21.57 13.57 63.89
C VAL D 36 -22.43 12.70 62.97
N CYS D 37 -21.91 12.29 61.81
CA CYS D 37 -22.78 11.69 60.80
C CYS D 37 -23.03 10.19 61.04
N SER D 38 -22.07 9.49 61.64
CA SER D 38 -22.12 8.03 61.67
C SER D 38 -23.29 7.48 62.50
N SER D 39 -23.91 8.31 63.35
CA SER D 39 -25.04 7.85 64.15
C SER D 39 -26.34 7.70 63.35
N CYS D 40 -26.44 8.34 62.18
CA CYS D 40 -27.59 8.17 61.28
C CYS D 40 -27.24 7.61 59.92
N HIS D 41 -26.01 7.81 59.42
CA HIS D 41 -25.64 7.46 58.04
C HIS D 41 -24.64 6.31 58.01
N SER D 42 -24.94 5.28 57.22
CA SER D 42 -23.98 4.22 56.99
C SER D 42 -22.94 4.65 55.96
N MET D 43 -21.84 3.88 55.89
CA MET D 43 -20.86 3.99 54.81
C MET D 43 -20.39 2.57 54.50
N ASP D 44 -21.23 1.83 53.77
CA ASP D 44 -21.05 0.38 53.66
C ASP D 44 -19.81 -0.04 52.88
N TYR D 45 -19.20 0.86 52.10
CA TYR D 45 -18.13 0.49 51.18
C TYR D 45 -16.76 1.03 51.57
N VAL D 46 -16.61 1.62 52.74
CA VAL D 46 -15.31 2.08 53.23
C VAL D 46 -14.96 1.29 54.48
N ALA D 47 -13.72 0.80 54.54
CA ALA D 47 -13.20 0.03 55.65
C ALA D 47 -12.02 0.78 56.24
N TYR D 48 -11.68 0.43 57.48
CA TYR D 48 -10.63 1.16 58.19
C TYR D 48 -9.31 1.08 57.45
N ARG D 49 -9.03 -0.07 56.82
CA ARG D 49 -7.81 -0.24 56.04
C ARG D 49 -7.72 0.76 54.90
N HIS D 50 -8.86 1.20 54.33
CA HIS D 50 -8.82 2.22 53.28
C HIS D 50 -8.22 3.54 53.77
N LEU D 51 -8.25 3.78 55.08
CA LEU D 51 -7.67 5.01 55.62
C LEU D 51 -6.16 4.98 55.64
N VAL D 52 -5.54 3.79 55.63
CA VAL D 52 -4.12 3.65 55.88
C VAL D 52 -3.34 4.28 54.73
N GLY D 53 -2.39 5.16 55.08
CA GLY D 53 -1.60 5.83 54.07
C GLY D 53 -2.32 6.91 53.29
N VAL D 54 -3.55 7.26 53.66
CA VAL D 54 -4.27 8.40 53.09
C VAL D 54 -4.34 9.55 54.09
N CYS D 55 -4.87 9.29 55.28
CA CYS D 55 -4.98 10.29 56.33
C CYS D 55 -4.60 9.79 57.71
N TYR D 56 -4.34 8.49 57.89
CA TYR D 56 -3.88 7.94 59.15
C TYR D 56 -2.79 6.92 58.90
N THR D 57 -1.90 6.75 59.89
CA THR D 57 -0.95 5.65 59.86
C THR D 57 -1.67 4.34 60.12
N GLU D 58 -0.96 3.23 59.86
CA GLU D 58 -1.49 1.91 60.18
C GLU D 58 -1.82 1.79 61.66
N ASP D 59 -0.90 2.22 62.52
CA ASP D 59 -1.15 2.19 63.96
C ASP D 59 -2.33 3.07 64.36
N GLU D 60 -2.41 4.28 63.80
CA GLU D 60 -3.55 5.16 64.04
C GLU D 60 -4.87 4.53 63.59
N ALA D 61 -4.89 3.98 62.37
CA ALA D 61 -6.11 3.39 61.84
C ALA D 61 -6.50 2.13 62.58
N LYS D 62 -5.52 1.36 63.06
CA LYS D 62 -5.82 0.20 63.90
C LYS D 62 -6.48 0.62 65.21
N ALA D 63 -5.88 1.59 65.91
CA ALA D 63 -6.48 2.12 67.14
C ALA D 63 -7.89 2.68 66.89
N LEU D 64 -8.10 3.33 65.74
CA LEU D 64 -9.42 3.83 65.40
C LEU D 64 -10.43 2.70 65.24
N ALA D 65 -10.03 1.61 64.57
CA ALA D 65 -10.92 0.47 64.42
C ALA D 65 -11.27 -0.15 65.77
N GLU D 66 -10.34 -0.13 66.71
CA GLU D 66 -10.52 -0.76 68.01
C GLU D 66 -11.41 0.06 68.95
N GLU D 67 -11.81 1.27 68.54
CA GLU D 67 -12.67 2.13 69.34
C GLU D 67 -14.15 1.75 69.26
N VAL D 68 -14.50 0.79 68.40
CA VAL D 68 -15.87 0.32 68.22
C VAL D 68 -15.88 -1.20 68.37
N GLU D 69 -17.07 -1.73 68.66
CA GLU D 69 -17.27 -3.18 68.76
C GLU D 69 -18.12 -3.62 67.58
N VAL D 70 -17.73 -4.73 66.96
CA VAL D 70 -18.44 -5.30 65.82
C VAL D 70 -18.72 -6.78 66.06
N GLN D 71 -19.72 -7.30 65.36
CA GLN D 71 -20.13 -8.68 65.52
C GLN D 71 -19.25 -9.61 64.72
N ASP D 72 -18.98 -10.78 65.28
CA ASP D 72 -18.21 -11.82 64.61
C ASP D 72 -18.76 -13.16 65.06
N GLY D 73 -18.25 -14.24 64.45
CA GLY D 73 -18.67 -15.58 64.78
C GLY D 73 -19.17 -16.35 63.59
N PRO D 74 -19.71 -17.56 63.81
CA PRO D 74 -19.94 -18.25 65.10
C PRO D 74 -18.65 -18.73 65.79
N ASN D 75 -18.69 -18.87 67.12
CA ASN D 75 -17.65 -19.57 67.87
C ASN D 75 -17.96 -21.07 67.88
N GLU D 76 -17.28 -21.85 68.72
CA GLU D 76 -17.46 -23.29 68.72
C GLU D 76 -18.80 -23.73 69.30
N ASP D 77 -19.54 -22.84 69.95
CA ASP D 77 -20.86 -23.13 70.50
C ASP D 77 -21.98 -22.67 69.58
N GLY D 78 -21.66 -22.07 68.43
CA GLY D 78 -22.64 -21.57 67.51
C GLY D 78 -23.18 -20.19 67.82
N GLU D 79 -22.55 -19.45 68.73
CA GLU D 79 -23.01 -18.13 69.14
C GLU D 79 -22.21 -17.03 68.46
N MET D 80 -22.88 -15.93 68.12
CA MET D 80 -22.22 -14.70 67.70
C MET D 80 -21.72 -13.92 68.91
N PHE D 81 -20.70 -13.09 68.68
CA PHE D 81 -20.08 -12.33 69.76
C PHE D 81 -19.49 -11.03 69.21
N MET D 82 -19.04 -10.19 70.14
CA MET D 82 -18.49 -8.87 69.84
C MET D 82 -16.98 -8.87 70.08
N ARG D 83 -16.25 -8.19 69.22
CA ARG D 83 -14.82 -7.97 69.38
C ARG D 83 -14.49 -6.55 68.96
N PRO D 84 -13.31 -6.04 69.35
CA PRO D 84 -12.89 -4.74 68.83
C PRO D 84 -12.69 -4.79 67.33
N GLY D 85 -12.95 -3.66 66.67
CA GLY D 85 -12.74 -3.59 65.23
C GLY D 85 -11.27 -3.79 64.88
N LYS D 86 -11.04 -4.31 63.68
CA LYS D 86 -9.72 -4.34 63.06
C LYS D 86 -9.79 -3.69 61.69
N LEU D 87 -8.60 -3.53 61.07
CA LEU D 87 -8.47 -2.80 59.80
C LEU D 87 -9.36 -3.36 58.70
N SER D 88 -9.65 -4.66 58.71
CA SER D 88 -10.42 -5.29 57.63
C SER D 88 -11.93 -5.08 57.75
N ASP D 89 -12.43 -4.58 58.87
CA ASP D 89 -13.86 -4.37 59.03
C ASP D 89 -14.34 -3.12 58.29
N TYR D 90 -15.52 -3.24 57.67
CA TYR D 90 -16.17 -2.06 57.12
C TYR D 90 -16.77 -1.23 58.26
N PHE D 91 -16.96 0.06 57.99
CA PHE D 91 -17.54 0.95 58.99
C PHE D 91 -18.90 0.44 59.48
N PRO D 92 -19.13 0.37 60.80
CA PRO D 92 -20.41 -0.15 61.32
C PRO D 92 -21.63 0.58 60.77
N LYS D 93 -22.65 -0.20 60.41
CA LYS D 93 -23.92 0.42 60.04
C LYS D 93 -24.65 0.87 61.31
N PRO D 94 -25.29 2.05 61.31
CA PRO D 94 -26.03 2.45 62.51
C PRO D 94 -27.33 1.70 62.74
N TYR D 95 -27.96 1.16 61.69
CA TYR D 95 -29.20 0.40 61.79
C TYR D 95 -29.10 -0.93 61.06
N PRO D 96 -29.78 -1.98 61.55
CA PRO D 96 -29.73 -3.27 60.83
C PRO D 96 -30.38 -3.23 59.46
N ASN D 97 -31.36 -2.36 59.23
CA ASN D 97 -32.07 -2.34 57.96
C ASN D 97 -32.71 -0.96 57.79
N PRO D 98 -33.15 -0.60 56.57
CA PRO D 98 -33.75 0.74 56.38
C PRO D 98 -35.05 0.97 57.14
N GLU D 99 -35.81 -0.07 57.45
CA GLU D 99 -37.07 0.14 58.18
C GLU D 99 -36.83 0.67 59.58
N ALA D 100 -35.82 0.15 60.30
CA ALA D 100 -35.46 0.70 61.59
C ALA D 100 -34.97 2.14 61.44
N ALA D 101 -34.24 2.41 60.36
CA ALA D 101 -33.70 3.75 60.13
C ALA D 101 -34.82 4.77 59.93
N ARG D 102 -35.80 4.43 59.07
CA ARG D 102 -36.94 5.32 58.88
C ARG D 102 -37.69 5.55 60.19
N ALA D 103 -37.85 4.50 60.99
CA ALA D 103 -38.58 4.64 62.24
C ALA D 103 -37.84 5.55 63.22
N ALA D 104 -36.51 5.54 63.18
CA ALA D 104 -35.69 6.37 64.05
C ALA D 104 -35.51 7.79 63.55
N ASN D 105 -35.95 8.12 62.33
CA ASN D 105 -35.74 9.43 61.72
C ASN D 105 -37.05 9.99 61.16
N ASN D 106 -38.12 9.91 61.96
CA ASN D 106 -39.46 10.42 61.59
C ASN D 106 -39.89 9.98 60.18
N GLY D 107 -39.53 8.76 59.81
CA GLY D 107 -39.98 8.19 58.55
C GLY D 107 -39.04 8.39 57.38
N ALA D 108 -38.02 9.24 57.53
CA ALA D 108 -37.07 9.50 56.46
C ALA D 108 -35.87 8.56 56.59
N LEU D 109 -35.23 8.30 55.45
CA LEU D 109 -34.14 7.34 55.37
C LEU D 109 -32.82 8.05 55.08
N PRO D 110 -31.89 8.14 56.03
CA PRO D 110 -30.57 8.70 55.71
C PRO D 110 -29.85 7.80 54.72
N PRO D 111 -29.47 8.28 53.54
CA PRO D 111 -28.80 7.40 52.58
C PRO D 111 -27.39 7.03 53.01
N ASP D 112 -26.92 5.92 52.48
CA ASP D 112 -25.51 5.60 52.58
C ASP D 112 -24.69 6.74 51.98
N LEU D 113 -23.56 7.05 52.61
CA LEU D 113 -22.74 8.19 52.19
C LEU D 113 -21.50 7.78 51.41
N SER D 114 -21.29 6.48 51.16
CA SER D 114 -20.08 6.05 50.45
C SER D 114 -19.94 6.77 49.12
N TYR D 115 -21.07 7.03 48.44
CA TYR D 115 -21.08 7.54 47.08
C TYR D 115 -21.88 8.83 46.95
N ILE D 116 -22.18 9.50 48.08
CA ILE D 116 -23.16 10.58 48.06
C ILE D 116 -22.70 11.71 47.14
N VAL D 117 -21.39 11.98 47.11
CA VAL D 117 -20.89 13.07 46.28
C VAL D 117 -21.06 12.75 44.79
N ARG D 118 -21.00 11.47 44.41
CA ARG D 118 -21.13 11.10 43.00
C ARG D 118 -22.57 10.79 42.61
N ALA D 119 -23.45 10.56 43.58
CA ALA D 119 -24.83 10.21 43.33
C ALA D 119 -25.77 11.42 43.36
N ARG D 120 -25.23 12.64 43.47
CA ARG D 120 -26.02 13.85 43.52
C ARG D 120 -25.36 14.87 42.59
N HIS D 121 -26.15 15.48 41.71
CA HIS D 121 -25.64 16.57 40.88
C HIS D 121 -25.07 17.70 41.73
N GLY D 122 -23.85 18.12 41.39
CA GLY D 122 -23.15 19.18 42.09
C GLY D 122 -22.16 18.70 43.13
N GLY D 123 -22.17 17.41 43.45
CA GLY D 123 -21.16 16.83 44.35
C GLY D 123 -20.96 17.59 45.64
N GLU D 124 -19.70 17.84 46.00
CA GLU D 124 -19.40 18.56 47.24
C GLU D 124 -19.95 19.98 47.24
N ASP D 125 -20.09 20.62 46.07
CA ASP D 125 -20.76 21.92 46.04
C ASP D 125 -22.19 21.81 46.55
N TYR D 126 -22.89 20.75 46.17
CA TYR D 126 -24.25 20.56 46.67
C TYR D 126 -24.25 20.27 48.17
N VAL D 127 -23.41 19.34 48.61
CA VAL D 127 -23.40 18.96 50.02
C VAL D 127 -22.99 20.14 50.89
N PHE D 128 -21.97 20.88 50.44
CA PHE D 128 -21.52 22.05 51.21
C PHE D 128 -22.66 23.06 51.35
N SER D 129 -23.37 23.32 50.24
CA SER D 129 -24.45 24.30 50.25
C SER D 129 -25.64 23.82 51.09
N LEU D 130 -25.91 22.51 51.08
CA LEU D 130 -27.03 21.97 51.84
C LEU D 130 -26.78 22.12 53.34
N LEU D 131 -25.62 21.67 53.82
CA LEU D 131 -25.36 21.68 55.26
C LEU D 131 -25.36 23.11 55.80
N THR D 132 -24.83 24.04 55.02
CA THR D 132 -24.59 25.42 55.43
C THR D 132 -25.69 26.36 54.97
N GLY D 133 -26.79 25.84 54.42
CA GLY D 133 -27.79 26.64 53.74
C GLY D 133 -29.14 26.68 54.39
N TYR D 134 -29.28 26.19 55.62
CA TYR D 134 -30.57 26.21 56.30
C TYR D 134 -30.99 27.63 56.60
N CYS D 135 -32.31 27.86 56.54
CA CYS D 135 -32.86 29.17 56.86
C CYS D 135 -34.35 29.04 57.15
N GLU D 136 -34.93 30.12 57.66
CA GLU D 136 -36.35 30.12 58.00
C GLU D 136 -37.18 29.97 56.72
N PRO D 137 -38.35 29.34 56.78
CA PRO D 137 -39.20 29.23 55.58
C PRO D 137 -39.65 30.59 55.07
N PRO D 138 -39.75 30.77 53.75
CA PRO D 138 -40.32 32.02 53.22
C PRO D 138 -41.77 32.18 53.65
N THR D 139 -42.25 33.41 53.57
CA THR D 139 -43.66 33.69 53.78
C THR D 139 -44.55 32.79 52.92
N GLY D 140 -45.56 32.21 53.57
CA GLY D 140 -46.49 31.31 52.91
C GLY D 140 -46.11 29.84 52.87
N VAL D 141 -44.90 29.49 53.30
CA VAL D 141 -44.46 28.10 53.38
C VAL D 141 -44.58 27.64 54.83
N SER D 142 -45.39 26.59 55.06
CA SER D 142 -45.57 26.02 56.39
C SER D 142 -45.30 24.52 56.33
N LEU D 143 -44.14 24.13 56.86
CA LEU D 143 -43.70 22.74 56.83
C LEU D 143 -44.33 21.95 57.99
N ARG D 144 -44.71 20.71 57.71
CA ARG D 144 -45.23 19.86 58.76
C ARG D 144 -44.14 19.61 59.79
N GLU D 145 -44.55 19.39 61.04
CA GLU D 145 -43.59 19.01 62.07
C GLU D 145 -42.79 17.80 61.61
N GLY D 146 -41.51 17.75 62.01
CA GLY D 146 -40.61 16.71 61.57
C GLY D 146 -39.71 17.08 60.41
N LEU D 147 -40.11 18.06 59.61
CA LEU D 147 -39.38 18.48 58.40
C LEU D 147 -38.77 19.85 58.62
N TYR D 148 -37.69 20.13 57.90
CA TYR D 148 -36.90 21.34 58.08
C TYR D 148 -36.69 22.02 56.72
N PHE D 149 -36.85 23.33 56.68
CA PHE D 149 -36.65 24.08 55.45
C PHE D 149 -35.17 24.14 55.08
N ASN D 150 -34.87 23.77 53.82
CA ASN D 150 -33.52 23.91 53.28
C ASN D 150 -33.63 24.17 51.78
N PRO D 151 -33.29 25.37 51.29
CA PRO D 151 -33.64 25.71 49.90
C PRO D 151 -32.89 24.92 48.82
N TYR D 152 -31.76 24.29 49.15
CA TYR D 152 -31.04 23.48 48.18
C TYR D 152 -31.57 22.06 48.05
N PHE D 153 -32.40 21.60 48.98
CA PHE D 153 -32.93 20.25 48.88
C PHE D 153 -34.13 20.24 47.93
N PRO D 154 -34.25 19.23 47.06
CA PRO D 154 -35.39 19.23 46.12
C PRO D 154 -36.70 19.24 46.91
N GLY D 155 -37.57 20.19 46.56
CA GLY D 155 -38.81 20.39 47.28
C GLY D 155 -38.68 21.34 48.46
N GLN D 156 -37.45 21.70 48.85
CA GLN D 156 -37.11 22.61 49.95
C GLN D 156 -37.54 22.10 51.33
N ALA D 157 -38.04 20.87 51.45
CA ALA D 157 -38.43 20.30 52.74
C ALA D 157 -37.68 18.99 52.96
N ILE D 158 -36.75 19.00 53.93
CA ILE D 158 -35.84 17.90 54.18
C ILE D 158 -36.09 17.36 55.59
N GLY D 159 -36.00 16.05 55.73
CA GLY D 159 -36.23 15.39 57.01
C GLY D 159 -35.03 15.32 57.93
N MET D 160 -33.91 15.95 57.56
CA MET D 160 -32.72 15.99 58.40
C MET D 160 -32.61 17.35 59.07
N ALA D 161 -32.60 17.36 60.40
CA ALA D 161 -32.35 18.57 61.16
C ALA D 161 -30.92 19.04 60.87
N PRO D 162 -30.64 20.34 60.94
CA PRO D 162 -29.26 20.82 60.71
C PRO D 162 -28.26 20.06 61.57
N PRO D 163 -27.30 19.35 60.96
CA PRO D 163 -26.47 18.43 61.75
C PRO D 163 -25.17 19.04 62.25
N ILE D 164 -24.76 20.20 61.74
CA ILE D 164 -23.48 20.81 62.11
C ILE D 164 -23.69 22.24 62.54
N TYR D 165 -22.78 22.71 63.37
CA TYR D 165 -22.83 24.01 64.02
C TYR D 165 -21.46 24.25 64.65
N ASN D 166 -21.22 25.49 65.04
CA ASN D 166 -19.96 25.87 65.69
C ASN D 166 -19.63 24.96 66.88
N GLU D 167 -18.37 24.52 66.95
CA GLU D 167 -17.85 23.69 68.02
C GLU D 167 -18.53 22.33 68.18
N VAL D 168 -19.04 21.76 67.08
CA VAL D 168 -19.62 20.41 67.16
C VAL D 168 -18.55 19.39 67.52
N LEU D 169 -17.31 19.62 67.11
CA LEU D 169 -16.18 18.81 67.52
C LEU D 169 -14.96 19.69 67.73
N GLU D 170 -13.92 19.10 68.31
CA GLU D 170 -12.61 19.70 68.41
C GLU D 170 -11.67 18.93 67.50
N PHE D 171 -10.94 19.66 66.66
CA PHE D 171 -9.99 19.03 65.75
C PHE D 171 -8.67 18.73 66.44
N ASP D 172 -8.04 17.63 66.00
CA ASP D 172 -6.78 17.20 66.59
C ASP D 172 -5.66 18.23 66.43
N ASP D 173 -5.70 19.05 65.36
CA ASP D 173 -4.67 20.04 65.11
C ASP D 173 -5.05 21.45 65.53
N GLY D 174 -6.14 21.62 66.27
CA GLY D 174 -6.50 22.90 66.82
C GLY D 174 -7.32 23.80 65.91
N THR D 175 -7.62 23.36 64.71
CA THR D 175 -8.35 24.18 63.75
C THR D 175 -9.69 24.63 64.32
N PRO D 176 -10.06 25.91 64.19
CA PRO D 176 -11.38 26.34 64.70
C PRO D 176 -12.51 25.60 64.01
N ALA D 177 -13.36 24.95 64.81
CA ALA D 177 -14.46 24.14 64.27
C ALA D 177 -15.69 25.01 64.02
N THR D 178 -15.55 25.93 63.06
CA THR D 178 -16.66 26.73 62.57
C THR D 178 -17.50 25.90 61.59
N MET D 179 -18.77 26.31 61.43
CA MET D 179 -19.67 25.57 60.54
C MET D 179 -19.08 25.43 59.14
N SER D 180 -18.58 26.52 58.58
CA SER D 180 -18.05 26.42 57.21
C SER D 180 -16.79 25.56 57.18
N GLN D 181 -15.94 25.68 58.20
CA GLN D 181 -14.76 24.82 58.28
C GLN D 181 -15.14 23.35 58.37
N VAL D 182 -16.07 23.01 59.27
CA VAL D 182 -16.46 21.61 59.46
C VAL D 182 -17.07 21.08 58.18
N ALA D 183 -17.90 21.90 57.51
CA ALA D 183 -18.52 21.50 56.25
C ALA D 183 -17.46 21.26 55.17
N LYS D 184 -16.47 22.15 55.08
CA LYS D 184 -15.45 21.99 54.04
C LYS D 184 -14.67 20.69 54.24
N ASP D 185 -14.28 20.40 55.47
CA ASP D 185 -13.53 19.17 55.72
C ASP D 185 -14.38 17.93 55.49
N VAL D 186 -15.63 17.91 55.97
CA VAL D 186 -16.41 16.69 55.80
C VAL D 186 -16.71 16.45 54.32
N CYS D 187 -16.90 17.53 53.55
CA CYS D 187 -17.16 17.35 52.13
C CYS D 187 -15.93 16.82 51.41
N THR D 188 -14.75 17.29 51.81
CA THR D 188 -13.52 16.78 51.22
C THR D 188 -13.36 15.30 51.52
N PHE D 189 -13.61 14.89 52.76
CA PHE D 189 -13.57 13.47 53.10
C PHE D 189 -14.58 12.65 52.31
N LEU D 190 -15.80 13.17 52.15
CA LEU D 190 -16.83 12.44 51.41
C LEU D 190 -16.47 12.31 49.93
N ARG D 191 -15.83 13.32 49.35
CA ARG D 191 -15.29 13.18 48.01
C ARG D 191 -14.31 12.02 47.93
N TRP D 192 -13.36 11.95 48.86
CA TRP D 192 -12.43 10.83 48.89
C TRP D 192 -13.17 9.50 49.04
N ALA D 193 -14.20 9.47 49.89
CA ALA D 193 -14.95 8.23 50.09
C ALA D 193 -15.57 7.78 48.78
N ALA D 194 -16.10 8.72 47.99
CA ALA D 194 -16.73 8.38 46.72
C ALA D 194 -15.74 8.16 45.59
N GLU D 195 -14.53 8.73 45.67
CA GLU D 195 -13.56 8.67 44.58
C GLU D 195 -12.15 8.59 45.16
N PRO D 196 -11.82 7.48 45.84
CA PRO D 196 -10.46 7.33 46.39
C PRO D 196 -9.34 7.40 45.36
N GLU D 197 -9.60 7.04 44.10
CA GLU D 197 -8.61 7.09 43.04
C GLU D 197 -8.30 8.50 42.54
N HIS D 198 -8.98 9.52 43.09
CA HIS D 198 -8.87 10.91 42.65
C HIS D 198 -7.41 11.34 42.43
N ASP D 199 -6.57 11.23 43.47
CA ASP D 199 -5.22 11.75 43.37
C ASP D 199 -4.40 10.97 42.35
N HIS D 200 -4.57 9.65 42.31
CA HIS D 200 -3.74 8.82 41.44
C HIS D 200 -4.11 9.05 39.98
N ARG D 201 -5.41 9.24 39.73
CA ARG D 201 -5.89 9.49 38.38
C ARG D 201 -5.38 10.82 37.82
N LYS D 202 -5.28 11.83 38.68
CA LYS D 202 -4.74 13.12 38.26
C LYS D 202 -3.26 13.02 37.91
N ARG D 203 -2.49 12.23 38.69
CA ARG D 203 -1.09 12.00 38.37
C ARG D 203 -0.93 11.28 37.04
N MET D 204 -1.76 10.28 36.80
CA MET D 204 -1.76 9.59 35.50
C MET D 204 -2.16 10.53 34.38
N GLY D 205 -3.18 11.36 34.63
CA GLY D 205 -3.60 12.32 33.62
C GLY D 205 -2.47 13.23 33.19
N LEU D 206 -1.62 13.65 34.15
CA LEU D 206 -0.49 14.49 33.79
C LEU D 206 0.48 13.74 32.91
N LYS D 207 0.79 12.49 33.26
CA LYS D 207 1.70 11.69 32.44
C LYS D 207 1.11 11.42 31.06
N MET D 208 -0.21 11.25 30.98
CA MET D 208 -0.84 10.99 29.69
C MET D 208 -0.72 12.20 28.77
N LEU D 209 -0.92 13.40 29.32
CA LEU D 209 -0.80 14.62 28.52
C LEU D 209 0.63 14.82 28.02
N LEU D 210 1.62 14.58 28.89
CA LEU D 210 3.01 14.79 28.48
C LEU D 210 3.43 13.79 27.40
N MET D 211 3.08 12.51 27.56
CA MET D 211 3.43 11.53 26.54
C MET D 211 2.72 11.83 25.23
N MET D 212 1.46 12.28 25.29
CA MET D 212 0.74 12.58 24.05
C MET D 212 1.37 13.79 23.39
N GLY D 213 1.85 14.73 24.20
CA GLY D 213 2.50 15.91 23.65
C GLY D 213 3.79 15.56 22.95
N LEU D 214 4.40 14.44 23.34
CA LEU D 214 5.55 13.89 22.62
C LEU D 214 5.08 13.05 21.44
N LEU D 215 4.20 12.07 21.68
CA LEU D 215 3.91 11.05 20.67
C LEU D 215 3.09 11.62 19.52
N LEU D 216 2.23 12.60 19.78
CA LEU D 216 1.39 13.10 18.70
C LEU D 216 2.23 13.77 17.62
N PRO D 217 3.16 14.67 17.93
CA PRO D 217 3.94 15.25 16.82
C PRO D 217 4.93 14.28 16.20
N LEU D 218 5.49 13.34 16.97
CA LEU D 218 6.39 12.35 16.37
C LEU D 218 5.65 11.39 15.43
N VAL D 219 4.48 10.90 15.84
CA VAL D 219 3.73 10.00 14.97
C VAL D 219 3.19 10.77 13.77
N TYR D 220 2.76 12.01 14.00
CA TYR D 220 2.41 12.89 12.90
C TYR D 220 3.59 13.04 11.93
N ALA D 221 4.80 13.16 12.47
CA ALA D 221 5.98 13.31 11.61
C ALA D 221 6.25 12.03 10.81
N MET D 222 6.01 10.86 11.41
CA MET D 222 6.17 9.61 10.66
C MET D 222 5.16 9.52 9.53
N LYS D 223 3.93 9.96 9.76
CA LYS D 223 2.92 9.96 8.69
C LYS D 223 3.36 10.83 7.54
N ARG D 224 3.74 12.09 7.83
CA ARG D 224 4.15 12.99 6.76
C ARG D 224 5.42 12.52 6.06
N HIS D 225 6.35 11.90 6.79
CA HIS D 225 7.58 11.40 6.19
C HIS D 225 7.26 10.43 5.06
N LYS D 226 6.45 9.41 5.35
CA LYS D 226 6.10 8.42 4.35
C LYS D 226 5.28 9.05 3.23
N TRP D 227 4.30 9.88 3.60
CA TRP D 227 3.40 10.48 2.63
C TRP D 227 4.07 11.52 1.73
N SER D 228 5.23 12.04 2.13
CA SER D 228 5.90 13.08 1.34
C SER D 228 6.22 12.62 -0.08
N VAL D 229 6.51 11.32 -0.28
CA VAL D 229 6.67 10.76 -1.61
C VAL D 229 5.51 11.13 -2.52
N LEU D 230 4.30 11.08 -1.98
CA LEU D 230 3.10 11.34 -2.76
C LEU D 230 2.75 12.82 -2.78
N LYS D 231 2.94 13.51 -1.67
CA LYS D 231 2.50 14.90 -1.59
C LYS D 231 3.30 15.82 -2.51
N SER D 232 4.53 15.45 -2.86
CA SER D 232 5.35 16.25 -3.76
C SER D 232 5.49 15.62 -5.14
N ARG D 233 4.84 14.49 -5.39
CA ARG D 233 4.86 13.91 -6.72
C ARG D 233 4.30 14.89 -7.74
N LYS D 234 4.85 14.82 -8.96
CA LYS D 234 4.42 15.65 -10.07
C LYS D 234 3.97 14.77 -11.23
N LEU D 235 2.90 15.17 -11.90
CA LEU D 235 2.31 14.43 -13.01
C LEU D 235 2.47 15.21 -14.31
N ALA D 236 2.61 14.48 -15.41
CA ALA D 236 2.59 15.08 -16.74
C ALA D 236 1.91 14.14 -17.72
N TYR D 237 1.15 14.71 -18.64
CA TYR D 237 0.37 13.95 -19.62
C TYR D 237 0.98 14.27 -20.99
N ARG D 238 1.50 13.25 -21.67
CA ARG D 238 2.10 13.41 -23.00
C ARG D 238 1.53 12.41 -23.99
N PRO D 239 0.30 12.64 -24.46
CA PRO D 239 -0.31 11.69 -25.40
C PRO D 239 0.28 11.88 -26.79
N PRO D 240 0.34 10.84 -27.62
CA PRO D 240 0.73 11.03 -29.01
C PRO D 240 -0.29 11.89 -29.74
N LYS D 241 0.20 12.71 -30.68
CA LYS D 241 -0.67 13.45 -31.57
C LYS D 241 -0.36 13.09 -33.02
N SER E 1 -14.05 -50.31 -32.48
CA SER E 1 -13.51 -51.02 -31.28
C SER E 1 -14.20 -50.51 -30.03
N HIS E 2 -14.69 -49.27 -30.07
CA HIS E 2 -15.53 -48.78 -28.98
C HIS E 2 -16.90 -49.45 -28.97
N THR E 3 -17.28 -50.11 -30.07
CA THR E 3 -18.49 -50.92 -30.13
C THR E 3 -18.35 -52.26 -29.43
N ASP E 4 -17.13 -52.67 -29.09
CA ASP E 4 -16.92 -53.84 -28.24
C ASP E 4 -17.29 -53.58 -26.79
N ILE E 5 -17.53 -52.32 -26.42
CA ILE E 5 -17.91 -51.97 -25.06
C ILE E 5 -19.40 -52.24 -24.86
N LYS E 6 -19.72 -53.02 -23.84
CA LYS E 6 -21.08 -53.26 -23.41
C LYS E 6 -21.16 -52.93 -21.93
N VAL E 7 -22.30 -52.40 -21.50
CA VAL E 7 -22.47 -52.13 -20.07
C VAL E 7 -22.65 -53.46 -19.34
N PRO E 8 -21.98 -53.69 -18.20
CA PRO E 8 -22.14 -54.99 -17.53
C PRO E 8 -23.56 -55.15 -16.99
N ASP E 9 -23.84 -56.37 -16.55
CA ASP E 9 -25.16 -56.70 -16.03
C ASP E 9 -25.27 -56.26 -14.57
N PHE E 10 -26.34 -55.51 -14.26
CA PHE E 10 -26.62 -55.06 -12.91
C PHE E 10 -27.72 -55.89 -12.22
N SER E 11 -28.08 -57.04 -12.77
CA SER E 11 -29.26 -57.76 -12.33
C SER E 11 -29.24 -58.06 -10.84
N ASP E 12 -28.06 -58.33 -10.28
CA ASP E 12 -27.95 -58.54 -8.83
C ASP E 12 -27.86 -57.24 -8.03
N TYR E 13 -28.30 -56.11 -8.61
CA TYR E 13 -28.41 -54.84 -7.92
C TYR E 13 -29.77 -54.18 -8.15
N ARG E 14 -30.40 -54.47 -9.29
CA ARG E 14 -31.60 -53.75 -9.70
C ARG E 14 -32.77 -54.10 -8.78
N ARG E 15 -33.71 -53.15 -8.68
CA ARG E 15 -34.93 -53.39 -7.95
C ARG E 15 -35.80 -54.38 -8.72
N PRO E 16 -36.77 -55.03 -8.05
CA PRO E 16 -37.54 -56.10 -8.72
C PRO E 16 -38.26 -55.65 -9.98
N GLU E 17 -38.83 -54.44 -9.98
CA GLU E 17 -39.66 -54.01 -11.11
C GLU E 17 -38.83 -53.84 -12.37
N VAL E 18 -37.59 -53.38 -12.23
CA VAL E 18 -36.79 -52.92 -13.36
C VAL E 18 -35.82 -54.01 -13.85
N LEU E 19 -36.10 -55.28 -13.54
CA LEU E 19 -35.22 -56.37 -13.95
C LEU E 19 -35.57 -56.95 -15.30
N ASP E 20 -36.76 -56.66 -15.83
CA ASP E 20 -37.22 -57.22 -17.10
C ASP E 20 -36.81 -56.30 -18.23
N SER E 21 -35.97 -56.80 -19.15
CA SER E 21 -35.55 -55.99 -20.29
C SER E 21 -36.71 -55.67 -21.23
N THR E 22 -37.71 -56.54 -21.29
CA THR E 22 -38.87 -56.36 -22.16
C THR E 22 -40.03 -55.66 -21.47
N LYS E 23 -39.77 -54.95 -20.36
CA LYS E 23 -40.81 -54.21 -19.64
C LYS E 23 -40.33 -52.79 -19.39
N SER E 24 -41.23 -51.83 -19.60
CA SER E 24 -40.87 -50.43 -19.49
C SER E 24 -40.61 -50.05 -18.04
N SER E 25 -39.63 -49.17 -17.83
CA SER E 25 -39.37 -48.60 -16.52
C SER E 25 -40.41 -47.54 -16.15
N LYS E 26 -41.14 -47.01 -17.14
CA LYS E 26 -42.22 -46.07 -16.84
C LYS E 26 -43.28 -46.71 -15.95
N GLU E 27 -43.46 -48.03 -16.05
CA GLU E 27 -44.48 -48.71 -15.26
C GLU E 27 -44.26 -48.50 -13.77
N SER E 28 -43.03 -48.74 -13.31
CA SER E 28 -42.65 -48.60 -11.91
C SER E 28 -41.99 -47.27 -11.59
N SER E 29 -41.93 -46.35 -12.56
CA SER E 29 -41.39 -45.02 -12.30
C SER E 29 -42.11 -44.35 -11.15
N GLU E 30 -43.44 -44.47 -11.13
CA GLU E 30 -44.24 -43.80 -10.10
C GLU E 30 -43.94 -44.37 -8.71
N ALA E 31 -43.90 -45.70 -8.59
CA ALA E 31 -43.79 -46.33 -7.27
C ALA E 31 -42.39 -46.18 -6.70
N ARG E 32 -41.36 -46.31 -7.54
CA ARG E 32 -39.99 -46.31 -7.05
C ARG E 32 -39.63 -44.96 -6.41
N LYS E 33 -40.01 -43.87 -7.07
CA LYS E 33 -39.73 -42.54 -6.50
C LYS E 33 -40.47 -42.34 -5.19
N GLY E 34 -41.74 -42.76 -5.14
CA GLY E 34 -42.53 -42.57 -3.93
C GLY E 34 -41.97 -43.31 -2.74
N PHE E 35 -41.43 -44.52 -2.97
CA PHE E 35 -40.84 -45.28 -1.88
C PHE E 35 -39.64 -44.56 -1.27
N SER E 36 -38.77 -43.99 -2.12
CA SER E 36 -37.56 -43.33 -1.63
C SER E 36 -37.87 -41.95 -1.06
N TYR E 37 -38.78 -41.21 -1.70
CA TYR E 37 -39.17 -39.91 -1.18
C TYR E 37 -40.09 -40.02 0.03
N LEU E 38 -40.77 -41.15 0.21
CA LEU E 38 -41.49 -41.38 1.46
C LEU E 38 -40.53 -41.48 2.63
N VAL E 39 -39.39 -42.15 2.44
CA VAL E 39 -38.40 -42.29 3.51
C VAL E 39 -37.85 -40.93 3.89
N THR E 40 -37.64 -40.06 2.91
CA THR E 40 -37.14 -38.71 3.21
C THR E 40 -38.15 -37.92 4.01
N ALA E 41 -39.43 -37.96 3.59
CA ALA E 41 -40.47 -37.18 4.25
C ALA E 41 -40.68 -37.63 5.69
N THR E 42 -40.65 -38.95 5.93
CA THR E 42 -40.74 -39.46 7.29
C THR E 42 -39.58 -38.98 8.14
N THR E 43 -38.37 -38.96 7.58
CA THR E 43 -37.22 -38.47 8.34
C THR E 43 -37.39 -37.03 8.76
N THR E 44 -37.89 -36.18 7.85
CA THR E 44 -38.13 -34.78 8.20
C THR E 44 -39.20 -34.67 9.28
N VAL E 45 -40.22 -35.53 9.23
CA VAL E 45 -41.26 -35.52 10.25
C VAL E 45 -40.66 -35.85 11.62
N GLY E 46 -39.80 -36.87 11.69
CA GLY E 46 -39.16 -37.19 12.94
C GLY E 46 -38.24 -36.09 13.44
N VAL E 47 -37.45 -35.51 12.54
CA VAL E 47 -36.63 -34.35 12.90
C VAL E 47 -37.52 -33.18 13.29
N ALA E 48 -38.63 -32.99 12.57
CA ALA E 48 -39.54 -31.90 12.87
C ALA E 48 -40.08 -32.02 14.29
N TYR E 49 -40.52 -33.23 14.66
CA TYR E 49 -41.00 -33.46 16.01
C TYR E 49 -39.89 -33.25 17.03
N ALA E 50 -38.71 -33.82 16.76
CA ALA E 50 -37.59 -33.68 17.69
C ALA E 50 -37.14 -32.22 17.77
N ALA E 51 -36.95 -31.56 16.61
CA ALA E 51 -36.44 -30.20 16.62
C ALA E 51 -37.38 -29.25 17.35
N LYS E 52 -38.69 -29.49 17.23
CA LYS E 52 -39.65 -28.68 17.98
C LYS E 52 -39.43 -28.83 19.47
N ASN E 53 -39.23 -30.06 19.95
CA ASN E 53 -39.11 -30.29 21.39
C ASN E 53 -37.87 -29.60 21.97
N VAL E 54 -36.74 -29.65 21.26
CA VAL E 54 -35.53 -29.02 21.78
C VAL E 54 -35.68 -27.50 21.78
N VAL E 55 -36.16 -26.94 20.66
CA VAL E 55 -36.32 -25.50 20.56
C VAL E 55 -37.36 -25.01 21.57
N SER E 56 -38.40 -25.82 21.81
CA SER E 56 -39.40 -25.48 22.82
C SER E 56 -38.79 -25.48 24.22
N GLN E 57 -38.03 -26.53 24.55
CA GLN E 57 -37.46 -26.62 25.89
C GLN E 57 -36.47 -25.50 26.16
N PHE E 58 -35.62 -25.19 25.18
CA PHE E 58 -34.74 -24.03 25.33
C PHE E 58 -35.53 -22.73 25.43
N VAL E 59 -36.71 -22.66 24.80
CA VAL E 59 -37.54 -21.47 24.92
C VAL E 59 -38.09 -21.35 26.33
N SER E 60 -38.63 -22.45 26.89
CA SER E 60 -39.18 -22.40 28.25
C SER E 60 -38.09 -22.16 29.28
N SER E 61 -36.85 -22.52 28.99
CA SER E 61 -35.73 -22.21 29.88
C SER E 61 -35.69 -20.72 30.22
N MET E 62 -35.97 -19.87 29.24
CA MET E 62 -35.97 -18.43 29.47
C MET E 62 -37.23 -17.98 30.18
N SER E 63 -38.35 -18.68 30.00
CA SER E 63 -39.56 -18.36 30.73
C SER E 63 -39.29 -18.48 32.23
N ALA E 64 -40.12 -17.78 33.01
CA ALA E 64 -39.89 -17.65 34.44
C ALA E 64 -39.85 -19.00 35.11
N SER E 65 -38.85 -19.17 35.99
CA SER E 65 -38.62 -20.45 36.65
C SER E 65 -39.74 -20.76 37.63
N ALA E 66 -39.66 -21.93 38.26
CA ALA E 66 -40.67 -22.33 39.23
C ALA E 66 -40.71 -21.38 40.43
N ASP E 67 -39.54 -20.94 40.89
CA ASP E 67 -39.50 -20.08 42.07
C ASP E 67 -40.07 -18.70 41.76
N VAL E 68 -39.85 -18.19 40.55
CA VAL E 68 -40.42 -16.89 40.19
C VAL E 68 -41.94 -16.96 40.17
N LEU E 69 -42.49 -18.02 39.56
CA LEU E 69 -43.94 -18.19 39.53
C LEU E 69 -44.53 -18.40 40.92
N ALA E 70 -43.71 -18.76 41.91
CA ALA E 70 -44.19 -18.97 43.28
C ALA E 70 -44.25 -17.62 44.01
N MET E 71 -45.16 -16.77 43.53
CA MET E 71 -45.45 -15.50 44.17
C MET E 71 -46.57 -15.70 45.18
N SER E 72 -46.37 -15.19 46.39
CA SER E 72 -47.35 -15.28 47.46
C SER E 72 -48.09 -13.96 47.61
N LYS E 73 -49.33 -14.04 48.09
CA LYS E 73 -50.15 -12.85 48.27
C LYS E 73 -49.58 -11.99 49.40
N ILE E 74 -50.25 -10.86 49.64
CA ILE E 74 -49.77 -9.84 50.57
C ILE E 74 -50.87 -9.51 51.56
N GLU E 75 -50.52 -9.45 52.85
CA GLU E 75 -51.43 -9.01 53.90
C GLU E 75 -51.27 -7.50 54.07
N ILE E 76 -52.36 -6.76 53.91
CA ILE E 76 -52.37 -5.31 53.97
C ILE E 76 -53.23 -4.88 55.15
N LYS E 77 -52.64 -4.10 56.05
CA LYS E 77 -53.32 -3.64 57.26
C LYS E 77 -54.07 -2.35 56.93
N LEU E 78 -55.41 -2.43 56.83
CA LEU E 78 -56.19 -1.31 56.35
C LEU E 78 -56.24 -0.15 57.34
N SER E 79 -55.90 -0.40 58.61
CA SER E 79 -55.88 0.68 59.60
C SER E 79 -54.72 1.65 59.41
N ASP E 80 -53.77 1.33 58.54
CA ASP E 80 -52.63 2.19 58.26
C ASP E 80 -52.87 3.16 57.11
N ILE E 81 -54.08 3.18 56.55
CA ILE E 81 -54.37 3.95 55.33
C ILE E 81 -55.60 4.83 55.61
N PRO E 82 -55.42 6.06 56.09
CA PRO E 82 -56.55 7.00 56.20
C PRO E 82 -56.92 7.59 54.84
N GLU E 83 -57.96 8.42 54.85
CA GLU E 83 -58.45 9.04 53.63
C GLU E 83 -57.44 10.02 53.06
N GLY E 84 -57.41 10.11 51.73
CA GLY E 84 -56.50 11.01 51.04
C GLY E 84 -55.08 10.52 50.92
N LYS E 85 -54.80 9.29 51.32
CA LYS E 85 -53.46 8.72 51.32
C LYS E 85 -53.38 7.61 50.27
N ASN E 86 -52.20 7.49 49.67
CA ASN E 86 -51.86 6.41 48.75
C ASN E 86 -50.67 5.66 49.34
N MET E 87 -50.96 4.66 50.16
CA MET E 87 -49.91 3.82 50.73
C MET E 87 -49.33 2.91 49.65
N ALA E 88 -48.01 2.91 49.52
CA ALA E 88 -47.30 2.13 48.51
C ALA E 88 -46.72 0.88 49.15
N PHE E 89 -47.20 -0.29 48.71
CA PHE E 89 -46.70 -1.59 49.15
C PHE E 89 -45.83 -2.20 48.04
N LYS E 90 -45.42 -3.45 48.22
CA LYS E 90 -44.65 -4.19 47.23
C LYS E 90 -45.32 -5.55 46.99
N TRP E 91 -45.58 -5.85 45.72
CA TRP E 91 -46.22 -7.10 45.33
C TRP E 91 -45.71 -7.50 43.95
N ARG E 92 -45.23 -8.73 43.83
CA ARG E 92 -44.63 -9.28 42.60
C ARG E 92 -43.35 -8.55 42.19
N GLY E 93 -42.81 -7.67 43.04
CA GLY E 93 -41.64 -6.88 42.72
C GLY E 93 -41.97 -5.42 42.43
N LYS E 94 -43.07 -5.18 41.71
CA LYS E 94 -43.49 -3.83 41.35
C LYS E 94 -44.42 -3.26 42.42
N PRO E 95 -44.59 -1.94 42.46
CA PRO E 95 -45.40 -1.34 43.54
C PRO E 95 -46.86 -1.78 43.46
N LEU E 96 -47.50 -1.79 44.63
CA LEU E 96 -48.93 -2.06 44.78
C LEU E 96 -49.54 -0.89 45.55
N PHE E 97 -50.08 0.08 44.81
CA PHE E 97 -50.71 1.23 45.45
C PHE E 97 -52.04 0.83 46.06
N VAL E 98 -52.22 1.14 47.35
CA VAL E 98 -53.49 0.97 48.04
C VAL E 98 -53.91 2.34 48.56
N ARG E 99 -55.08 2.81 48.10
CA ARG E 99 -55.50 4.18 48.30
C ARG E 99 -56.92 4.24 48.85
N HIS E 100 -57.13 5.17 49.78
CA HIS E 100 -58.43 5.41 50.41
C HIS E 100 -58.95 6.74 49.88
N ARG E 101 -60.13 6.73 49.28
CA ARG E 101 -60.68 7.89 48.57
C ARG E 101 -61.68 8.64 49.43
N THR E 102 -61.75 9.95 49.21
CA THR E 102 -62.71 10.81 49.89
C THR E 102 -64.02 10.84 49.11
N LYS E 103 -65.07 11.37 49.74
CA LYS E 103 -66.34 11.52 49.04
C LYS E 103 -66.22 12.53 47.90
N LYS E 104 -65.35 13.53 48.05
CA LYS E 104 -65.08 14.49 46.98
C LYS E 104 -64.40 13.85 45.78
N GLU E 105 -63.84 12.65 45.94
CA GLU E 105 -63.24 11.89 44.85
C GLU E 105 -64.14 10.80 44.31
N ILE E 106 -64.91 10.13 45.18
CA ILE E 106 -65.76 9.04 44.73
C ILE E 106 -66.84 9.55 43.78
N ASP E 107 -67.47 10.66 44.13
CA ASP E 107 -68.49 11.26 43.27
C ASP E 107 -67.90 12.00 42.07
N GLN E 108 -66.63 12.43 42.17
CA GLN E 108 -65.97 13.06 41.02
C GLN E 108 -65.76 12.05 39.89
N GLU E 109 -65.22 10.87 40.23
CA GLU E 109 -64.99 9.85 39.22
C GLU E 109 -66.28 9.15 38.80
N ALA E 110 -67.28 9.11 39.68
CA ALA E 110 -68.56 8.51 39.32
C ALA E 110 -69.22 9.27 38.16
N ALA E 111 -69.19 10.60 38.21
CA ALA E 111 -69.74 11.45 37.16
C ALA E 111 -68.63 11.74 36.15
N VAL E 112 -68.66 11.02 35.02
CA VAL E 112 -67.61 11.12 34.02
C VAL E 112 -68.16 10.57 32.70
N GLU E 113 -67.79 11.23 31.60
CA GLU E 113 -68.18 10.76 30.27
C GLU E 113 -67.37 9.51 29.95
N VAL E 114 -68.00 8.35 30.11
CA VAL E 114 -67.28 7.09 29.93
C VAL E 114 -67.05 6.81 28.45
N SER E 115 -67.94 7.29 27.56
CA SER E 115 -67.79 7.03 26.14
C SER E 115 -66.56 7.69 25.54
N GLN E 116 -66.04 8.75 26.16
CA GLN E 116 -64.92 9.49 25.64
C GLN E 116 -63.56 8.94 26.10
N LEU E 117 -63.55 7.95 26.98
CA LEU E 117 -62.30 7.44 27.54
C LEU E 117 -61.58 6.54 26.54
N ARG E 118 -60.25 6.49 26.67
CA ARG E 118 -59.44 5.64 25.81
C ARG E 118 -59.73 4.17 26.04
N ASP E 119 -59.90 3.78 27.31
CA ASP E 119 -60.26 2.42 27.72
C ASP E 119 -61.57 2.55 28.51
N PRO E 120 -62.72 2.53 27.84
CA PRO E 120 -63.98 2.87 28.55
C PRO E 120 -64.31 1.87 29.64
N GLN E 121 -64.46 2.37 30.86
CA GLN E 121 -64.79 1.52 32.01
C GLN E 121 -65.25 2.46 33.12
N HIS E 122 -66.45 2.22 33.65
CA HIS E 122 -66.97 3.07 34.71
C HIS E 122 -66.28 2.75 36.04
N ASP E 123 -66.21 3.76 36.90
CA ASP E 123 -65.51 3.61 38.17
C ASP E 123 -66.16 2.53 39.04
N LEU E 124 -67.46 2.31 38.90
CA LEU E 124 -68.15 1.36 39.78
C LEU E 124 -67.77 -0.09 39.48
N GLU E 125 -67.44 -0.40 38.23
CA GLU E 125 -67.13 -1.78 37.84
C GLU E 125 -65.63 -2.11 37.94
N ARG E 126 -64.85 -1.25 38.60
CA ARG E 126 -63.45 -1.53 38.88
C ARG E 126 -63.18 -1.82 40.36
N VAL E 127 -63.92 -1.20 41.27
CA VAL E 127 -63.74 -1.35 42.71
C VAL E 127 -65.03 -1.93 43.29
N LYS E 128 -64.90 -2.96 44.12
CA LYS E 128 -66.06 -3.52 44.80
C LYS E 128 -66.65 -2.53 45.79
N LYS E 129 -65.78 -1.84 46.55
CA LYS E 129 -66.19 -0.83 47.51
C LYS E 129 -65.68 0.53 47.06
N PRO E 130 -66.53 1.55 46.85
CA PRO E 130 -66.00 2.85 46.39
C PRO E 130 -64.97 3.48 47.33
N GLU E 131 -65.04 3.18 48.63
CA GLU E 131 -64.08 3.78 49.56
C GLU E 131 -62.66 3.26 49.33
N TRP E 132 -62.50 2.02 48.90
CA TRP E 132 -61.20 1.39 48.70
C TRP E 132 -60.94 1.17 47.23
N VAL E 133 -59.75 1.58 46.77
CA VAL E 133 -59.27 1.32 45.42
C VAL E 133 -57.84 0.79 45.53
N ILE E 134 -57.55 -0.27 44.77
CA ILE E 134 -56.25 -0.93 44.78
C ILE E 134 -55.76 -1.04 43.34
N LEU E 135 -54.53 -0.60 43.10
CA LEU E 135 -53.97 -0.52 41.75
C LEU E 135 -52.55 -1.06 41.75
N ILE E 136 -52.12 -1.54 40.59
CA ILE E 136 -50.72 -1.89 40.36
C ILE E 136 -49.97 -0.62 39.98
N GLY E 137 -48.87 -0.33 40.67
CA GLY E 137 -48.15 0.90 40.43
C GLY E 137 -47.20 0.87 39.26
N VAL E 138 -47.61 0.27 38.14
CA VAL E 138 -46.83 0.25 36.90
C VAL E 138 -47.61 1.03 35.85
N CYS E 139 -46.94 1.98 35.20
CA CYS E 139 -47.55 2.70 34.10
C CYS E 139 -47.76 1.74 32.94
N THR E 140 -48.92 1.85 32.28
CA THR E 140 -49.22 1.00 31.14
C THR E 140 -48.46 1.38 29.88
N HIS E 141 -47.83 2.56 29.84
CA HIS E 141 -47.06 2.93 28.66
C HIS E 141 -45.79 2.08 28.59
N LEU E 142 -44.85 2.28 29.52
CA LEU E 142 -43.58 1.55 29.49
C LEU E 142 -43.11 1.17 30.89
N GLY E 143 -44.04 0.99 31.84
CA GLY E 143 -43.73 0.34 33.10
C GLY E 143 -43.15 1.20 34.20
N CYS E 144 -43.14 2.52 34.04
CA CYS E 144 -42.67 3.39 35.12
C CYS E 144 -43.67 3.41 36.28
N VAL E 145 -43.25 4.03 37.38
CA VAL E 145 -44.01 4.07 38.64
C VAL E 145 -44.62 5.46 38.79
N PRO E 146 -45.93 5.63 38.60
CA PRO E 146 -46.51 6.97 38.74
C PRO E 146 -46.43 7.52 40.17
N ILE E 147 -46.30 8.83 40.26
CA ILE E 147 -46.28 9.52 41.55
C ILE E 147 -47.71 9.77 41.99
N ALA E 148 -48.03 9.31 43.19
CA ALA E 148 -49.41 9.32 43.66
C ALA E 148 -49.88 10.72 44.02
N ASN E 149 -51.20 10.95 43.86
CA ASN E 149 -51.85 12.20 44.23
C ASN E 149 -51.23 13.41 43.53
N ALA E 150 -50.87 13.22 42.26
CA ALA E 150 -50.26 14.27 41.45
C ALA E 150 -50.90 14.25 40.07
N GLY E 151 -50.48 15.17 39.22
CA GLY E 151 -51.04 15.31 37.90
C GLY E 151 -52.24 16.24 37.87
N ASP E 152 -52.70 16.52 36.64
CA ASP E 152 -53.82 17.43 36.46
C ASP E 152 -55.10 16.88 37.08
N PHE E 153 -55.36 15.58 36.89
CA PHE E 153 -56.62 14.98 37.28
C PHE E 153 -56.68 14.59 38.76
N GLY E 154 -55.74 15.05 39.58
CA GLY E 154 -55.76 14.72 40.99
C GLY E 154 -55.60 13.25 41.29
N GLY E 155 -55.04 12.49 40.35
CA GLY E 155 -54.89 11.05 40.51
C GLY E 155 -53.43 10.63 40.63
N TYR E 156 -52.88 10.10 39.54
CA TYR E 156 -51.50 9.67 39.46
C TYR E 156 -50.87 10.25 38.19
N TYR E 157 -49.60 10.66 38.30
CA TYR E 157 -48.84 11.18 37.17
C TYR E 157 -47.56 10.39 37.03
N CYS E 158 -47.21 10.09 35.78
CA CYS E 158 -46.00 9.36 35.45
C CYS E 158 -44.94 10.36 34.97
N PRO E 159 -43.83 10.56 35.68
CA PRO E 159 -42.84 11.55 35.21
C PRO E 159 -42.09 11.13 33.96
N CYS E 160 -42.13 9.86 33.59
CA CYS E 160 -41.26 9.35 32.53
C CYS E 160 -41.61 9.97 31.18
N HIS E 161 -42.88 9.93 30.78
CA HIS E 161 -43.31 10.48 29.50
C HIS E 161 -44.63 11.25 29.55
N GLY E 162 -45.24 11.41 30.72
CA GLY E 162 -46.37 12.32 30.88
C GLY E 162 -47.76 11.69 30.82
N SER E 163 -47.95 10.55 31.50
CA SER E 163 -49.23 9.88 31.53
C SER E 163 -50.02 10.33 32.74
N HIS E 164 -51.27 10.76 32.52
CA HIS E 164 -52.14 11.27 33.57
C HIS E 164 -53.23 10.26 33.88
N TYR E 165 -53.48 10.06 35.18
CA TYR E 165 -54.54 9.19 35.67
C TYR E 165 -55.36 9.96 36.68
N ASP E 166 -56.48 9.36 37.09
CA ASP E 166 -57.43 9.97 38.02
C ASP E 166 -57.52 9.10 39.28
N ALA E 167 -58.46 9.45 40.17
CA ALA E 167 -58.60 8.71 41.43
C ALA E 167 -59.06 7.27 41.21
N SER E 168 -59.66 6.96 40.07
CA SER E 168 -60.05 5.59 39.72
C SER E 168 -58.94 4.82 39.03
N GLY E 169 -57.83 5.46 38.67
CA GLY E 169 -56.75 4.80 37.95
C GLY E 169 -56.95 4.71 36.45
N ARG E 170 -57.98 5.35 35.91
CA ARG E 170 -58.24 5.29 34.48
C ARG E 170 -57.37 6.26 33.71
N ILE E 171 -57.01 5.88 32.49
CA ILE E 171 -56.17 6.70 31.62
C ILE E 171 -57.03 7.80 30.99
N ARG E 172 -56.56 9.04 31.09
CA ARG E 172 -57.32 10.20 30.65
C ARG E 172 -56.52 11.05 29.66
N LYS E 173 -55.20 11.09 29.82
CA LYS E 173 -54.32 11.88 28.96
C LYS E 173 -52.94 11.25 28.96
N GLY E 174 -52.15 11.60 27.95
CA GLY E 174 -50.79 11.15 27.86
C GLY E 174 -50.64 9.95 26.95
N PRO E 175 -49.44 9.37 26.90
CA PRO E 175 -49.19 8.31 25.92
C PRO E 175 -49.60 6.91 26.35
N ALA E 176 -49.95 6.68 27.61
CA ALA E 176 -50.30 5.34 28.05
C ALA E 176 -51.62 4.91 27.41
N PRO E 177 -51.76 3.62 27.01
CA PRO E 177 -52.94 3.22 26.23
C PRO E 177 -54.07 2.60 27.04
N LEU E 178 -53.84 2.30 28.31
CA LEU E 178 -54.81 1.57 29.11
C LEU E 178 -54.84 2.09 30.54
N ASN E 179 -55.93 1.76 31.23
CA ASN E 179 -56.05 2.08 32.65
C ASN E 179 -55.03 1.28 33.45
N LEU E 180 -54.67 1.79 34.62
CA LEU E 180 -53.78 1.06 35.51
C LEU E 180 -54.41 -0.29 35.86
N GLU E 181 -53.55 -1.29 36.00
CA GLU E 181 -54.03 -2.64 36.26
C GLU E 181 -54.72 -2.73 37.61
N VAL E 182 -55.85 -3.42 37.64
CA VAL E 182 -56.62 -3.69 38.85
C VAL E 182 -56.49 -5.18 39.17
N PRO E 183 -55.82 -5.58 40.26
CA PRO E 183 -55.75 -7.00 40.58
C PRO E 183 -57.07 -7.51 41.13
N SER E 184 -57.17 -8.83 41.24
CA SER E 184 -58.33 -9.49 41.82
C SER E 184 -58.17 -9.55 43.33
N TYR E 185 -59.17 -9.02 44.06
CA TYR E 185 -59.09 -8.94 45.51
C TYR E 185 -60.50 -9.05 46.09
N GLU E 186 -60.55 -9.44 47.37
CA GLU E 186 -61.80 -9.48 48.12
C GLU E 186 -61.53 -9.04 49.55
N PHE E 187 -62.54 -8.44 50.18
CA PHE E 187 -62.45 -7.95 51.55
C PHE E 187 -62.98 -9.04 52.49
N THR E 188 -62.07 -9.83 53.05
CA THR E 188 -62.49 -10.88 53.97
C THR E 188 -63.11 -10.31 55.24
N SER E 189 -62.67 -9.13 55.67
CA SER E 189 -63.26 -8.45 56.81
C SER E 189 -63.02 -6.95 56.64
N ASP E 190 -63.32 -6.18 57.69
CA ASP E 190 -63.23 -4.73 57.65
C ASP E 190 -61.87 -4.19 58.09
N ASP E 191 -60.90 -5.06 58.38
CA ASP E 191 -59.56 -4.67 58.79
C ASP E 191 -58.45 -5.22 57.90
N MET E 192 -58.67 -6.37 57.25
CA MET E 192 -57.68 -7.01 56.39
C MET E 192 -58.25 -7.16 54.99
N VAL E 193 -57.39 -6.95 54.00
CA VAL E 193 -57.74 -7.13 52.59
C VAL E 193 -56.70 -8.06 51.97
N ILE E 194 -57.17 -9.06 51.23
CA ILE E 194 -56.32 -10.05 50.59
C ILE E 194 -56.26 -9.75 49.10
N VAL E 195 -55.05 -9.59 48.58
CA VAL E 195 -54.81 -9.24 47.18
C VAL E 195 -54.32 -10.49 46.46
N GLY E 196 -55.10 -10.96 45.48
CA GLY E 196 -54.74 -12.14 44.70
C GLY E 196 -55.95 -12.93 44.26
N VAL F 6 -34.27 35.11 -28.24
CA VAL F 6 -34.71 34.30 -27.11
C VAL F 6 -33.78 34.51 -25.92
N SER F 7 -33.25 35.73 -25.79
CA SER F 7 -32.18 35.99 -24.82
C SER F 7 -32.72 36.22 -23.41
N ALA F 8 -33.88 36.85 -23.26
CA ALA F 8 -34.32 37.31 -21.95
C ALA F 8 -34.50 36.14 -20.97
N SER F 9 -35.45 35.24 -21.27
CA SER F 9 -35.74 34.15 -20.32
C SER F 9 -34.72 33.03 -20.38
N SER F 10 -34.11 32.78 -21.54
CA SER F 10 -33.15 31.68 -21.66
C SER F 10 -31.89 31.96 -20.87
N ARG F 11 -31.35 33.18 -20.97
CA ARG F 11 -30.08 33.51 -20.32
C ARG F 11 -30.19 33.52 -18.80
N TRP F 12 -31.38 33.76 -18.25
CA TRP F 12 -31.52 33.68 -16.80
C TRP F 12 -31.46 32.25 -16.32
N LEU F 13 -32.12 31.33 -17.03
CA LEU F 13 -31.98 29.90 -16.71
C LEU F 13 -30.53 29.46 -16.88
N GLU F 14 -29.91 29.78 -18.02
CA GLU F 14 -28.50 29.45 -18.21
C GLU F 14 -27.62 30.15 -17.19
N GLY F 15 -28.03 31.33 -16.73
CA GLY F 15 -27.27 32.02 -15.70
C GLY F 15 -27.29 31.30 -14.36
N ILE F 16 -28.44 30.68 -14.04
CA ILE F 16 -28.53 29.90 -12.81
C ILE F 16 -27.77 28.59 -12.94
N ARG F 17 -27.75 28.02 -14.14
CA ARG F 17 -26.97 26.81 -14.38
C ARG F 17 -25.48 27.09 -14.25
N LYS F 18 -25.03 28.22 -14.80
CA LYS F 18 -23.62 28.57 -14.64
C LYS F 18 -23.30 28.88 -13.18
N TRP F 19 -24.23 29.46 -12.44
CA TRP F 19 -24.02 29.65 -11.00
C TRP F 19 -23.80 28.30 -10.32
N TYR F 20 -24.70 27.34 -10.57
CA TYR F 20 -24.59 26.02 -9.94
C TYR F 20 -23.31 25.31 -10.38
N TYR F 21 -22.94 25.43 -11.65
CA TYR F 21 -21.74 24.78 -12.16
C TYR F 21 -20.51 25.20 -11.34
N ASN F 22 -20.33 26.51 -11.13
CA ASN F 22 -19.23 27.01 -10.30
C ASN F 22 -19.40 26.64 -8.84
N ALA F 23 -20.65 26.53 -8.37
CA ALA F 23 -20.88 26.14 -6.99
C ALA F 23 -20.55 24.66 -6.78
N ALA F 24 -20.85 23.82 -7.77
CA ALA F 24 -20.48 22.40 -7.68
C ALA F 24 -18.98 22.23 -7.49
N GLY F 25 -18.18 23.01 -8.23
CA GLY F 25 -16.77 23.10 -7.96
C GLY F 25 -15.91 22.01 -8.54
N PHE F 26 -16.48 21.07 -9.31
CA PHE F 26 -15.63 20.08 -9.95
C PHE F 26 -14.75 20.71 -11.03
N ASN F 27 -15.16 21.85 -11.58
CA ASN F 27 -14.30 22.57 -12.50
C ASN F 27 -13.03 23.08 -11.84
N LYS F 28 -13.06 23.27 -10.51
CA LYS F 28 -11.87 23.75 -9.80
C LYS F 28 -10.76 22.71 -9.75
N LEU F 29 -11.09 21.44 -9.97
CA LEU F 29 -10.10 20.37 -10.09
C LEU F 29 -9.78 20.02 -11.53
N GLY F 30 -10.16 20.86 -12.49
CA GLY F 30 -9.93 20.57 -13.88
C GLY F 30 -10.85 19.53 -14.49
N LEU F 31 -11.86 19.08 -13.77
CA LEU F 31 -12.74 18.03 -14.26
C LEU F 31 -13.83 18.63 -15.15
N MET F 32 -14.43 17.76 -15.95
CA MET F 32 -15.64 18.06 -16.70
C MET F 32 -16.82 17.32 -16.07
N ARG F 33 -18.03 17.73 -16.45
CA ARG F 33 -19.25 17.16 -15.87
C ARG F 33 -19.27 15.64 -16.02
N ASP F 34 -18.99 15.13 -17.23
CA ASP F 34 -19.10 13.70 -17.47
C ASP F 34 -18.04 12.92 -16.70
N ASP F 35 -16.97 13.56 -16.25
CA ASP F 35 -15.98 12.88 -15.41
C ASP F 35 -16.54 12.53 -14.02
N THR F 36 -17.60 13.22 -13.59
CA THR F 36 -18.12 13.05 -12.25
C THR F 36 -19.31 12.09 -12.17
N ILE F 37 -19.82 11.61 -13.31
CA ILE F 37 -21.00 10.76 -13.27
C ILE F 37 -20.66 9.45 -12.54
N HIS F 38 -21.68 8.90 -11.87
CA HIS F 38 -21.52 7.66 -11.13
C HIS F 38 -21.52 6.48 -12.10
N GLU F 39 -20.53 5.60 -11.94
CA GLU F 39 -20.33 4.48 -12.85
C GLU F 39 -21.29 3.35 -12.47
N ASN F 40 -22.37 3.25 -13.22
CA ASN F 40 -23.22 2.07 -13.22
C ASN F 40 -22.93 1.28 -14.51
N ASP F 41 -23.69 0.22 -14.75
CA ASP F 41 -23.41 -0.64 -15.90
C ASP F 41 -23.58 0.12 -17.22
N ASP F 42 -24.56 1.03 -17.29
CA ASP F 42 -24.69 1.84 -18.50
C ASP F 42 -23.47 2.73 -18.69
N VAL F 43 -22.90 3.26 -17.61
CA VAL F 43 -21.78 4.17 -17.76
C VAL F 43 -20.47 3.43 -18.05
N LYS F 44 -20.29 2.23 -17.50
CA LYS F 44 -19.08 1.47 -17.81
C LYS F 44 -19.02 1.12 -19.28
N GLU F 45 -20.17 0.76 -19.87
CA GLU F 45 -20.19 0.45 -21.30
C GLU F 45 -19.90 1.68 -22.14
N ALA F 46 -20.48 2.82 -21.80
CA ALA F 46 -20.23 4.03 -22.58
C ALA F 46 -18.76 4.41 -22.50
N ILE F 47 -18.17 4.35 -21.32
CA ILE F 47 -16.74 4.62 -21.18
C ILE F 47 -15.93 3.63 -22.02
N ARG F 48 -16.36 2.38 -22.06
CA ARG F 48 -15.67 1.36 -22.85
C ARG F 48 -15.69 1.73 -24.33
N ARG F 49 -16.79 2.32 -24.78
CA ARG F 49 -16.98 2.69 -26.17
C ARG F 49 -16.26 3.98 -26.55
N LEU F 50 -15.64 4.68 -25.60
CA LEU F 50 -15.01 5.94 -25.94
C LEU F 50 -13.80 5.68 -26.84
N PRO F 51 -13.51 6.58 -27.78
CA PRO F 51 -12.28 6.42 -28.56
C PRO F 51 -11.06 6.63 -27.70
N GLU F 52 -9.90 6.28 -28.28
CA GLU F 52 -8.64 6.26 -27.53
C GLU F 52 -8.36 7.60 -26.87
N ASN F 53 -8.47 8.69 -27.63
CA ASN F 53 -8.04 9.99 -27.11
C ASN F 53 -8.94 10.43 -25.97
N LEU F 54 -10.26 10.30 -26.14
CA LEU F 54 -11.17 10.75 -25.10
C LEU F 54 -11.04 9.90 -23.84
N TYR F 55 -10.82 8.60 -24.00
CA TYR F 55 -10.57 7.74 -22.84
C TYR F 55 -9.31 8.19 -22.10
N ASN F 56 -8.22 8.39 -22.83
CA ASN F 56 -6.96 8.76 -22.19
C ASN F 56 -7.06 10.13 -21.53
N ASP F 57 -7.79 11.06 -22.14
CA ASP F 57 -8.01 12.37 -21.52
C ASP F 57 -8.83 12.25 -20.24
N ARG F 58 -9.87 11.42 -20.27
CA ARG F 58 -10.68 11.18 -19.08
C ARG F 58 -9.84 10.60 -17.95
N VAL F 59 -8.91 9.69 -18.27
CA VAL F 59 -8.09 9.06 -17.24
C VAL F 59 -7.21 10.09 -16.56
N PHE F 60 -6.57 10.96 -17.35
CA PHE F 60 -5.60 11.88 -16.74
C PHE F 60 -6.29 12.97 -15.94
N ARG F 61 -7.44 13.46 -16.41
CA ARG F 61 -8.16 14.48 -15.64
C ARG F 61 -8.59 13.94 -14.29
N ILE F 62 -9.15 12.72 -14.27
CA ILE F 62 -9.53 12.11 -13.01
C ILE F 62 -8.30 11.88 -12.14
N LYS F 63 -7.19 11.44 -12.74
CA LYS F 63 -5.97 11.24 -11.98
C LYS F 63 -5.46 12.55 -11.40
N ARG F 64 -5.57 13.64 -12.17
CA ARG F 64 -5.12 14.93 -11.69
C ARG F 64 -6.01 15.44 -10.57
N ALA F 65 -7.32 15.14 -10.64
CA ALA F 65 -8.26 15.59 -9.61
C ALA F 65 -8.08 14.81 -8.32
N LEU F 66 -7.87 13.50 -8.42
CA LEU F 66 -7.61 12.71 -7.23
C LEU F 66 -6.32 13.16 -6.55
N ASP F 67 -5.30 13.49 -7.34
CA ASP F 67 -4.07 14.03 -6.77
C ASP F 67 -4.33 15.34 -6.03
N LEU F 68 -5.15 16.21 -6.60
CA LEU F 68 -5.52 17.45 -5.92
C LEU F 68 -6.32 17.16 -4.65
N SER F 69 -7.31 16.27 -4.74
CA SER F 69 -8.12 15.92 -3.59
C SER F 69 -7.28 15.35 -2.45
N MET F 70 -6.24 14.60 -2.79
CA MET F 70 -5.30 14.13 -1.77
C MET F 70 -4.65 15.31 -1.06
N ARG F 71 -4.22 16.31 -1.83
CA ARG F 71 -3.54 17.48 -1.28
C ARG F 71 -4.49 18.58 -0.83
N GLN F 72 -5.81 18.38 -0.94
CA GLN F 72 -6.80 19.37 -0.52
C GLN F 72 -6.59 20.70 -1.24
N GLN F 73 -6.19 20.62 -2.51
CA GLN F 73 -5.89 21.78 -3.33
C GLN F 73 -6.85 21.83 -4.51
N ILE F 74 -6.79 22.96 -5.22
CA ILE F 74 -7.49 23.16 -6.48
C ILE F 74 -6.48 23.70 -7.49
N LEU F 75 -6.88 23.73 -8.75
CA LEU F 75 -6.02 24.32 -9.77
C LEU F 75 -6.06 25.84 -9.64
N PRO F 76 -5.07 26.54 -10.19
CA PRO F 76 -5.21 27.99 -10.31
C PRO F 76 -6.46 28.34 -11.12
N LYS F 77 -6.97 29.55 -10.89
CA LYS F 77 -8.24 29.93 -11.50
C LYS F 77 -8.17 29.93 -13.02
N GLU F 78 -6.98 30.16 -13.59
CA GLU F 78 -6.85 30.14 -15.05
C GLU F 78 -7.18 28.78 -15.63
N GLN F 79 -6.87 27.71 -14.89
CA GLN F 79 -7.02 26.34 -15.37
C GLN F 79 -8.34 25.69 -14.99
N TRP F 80 -9.28 26.43 -14.40
CA TRP F 80 -10.59 25.88 -14.11
C TRP F 80 -11.34 25.59 -15.42
N THR F 81 -12.16 24.55 -15.39
CA THR F 81 -13.00 24.20 -16.54
C THR F 81 -14.09 25.26 -16.74
N LYS F 82 -13.99 26.03 -17.81
CA LYS F 82 -15.00 27.03 -18.10
C LYS F 82 -16.33 26.37 -18.45
N TYR F 83 -17.42 26.93 -17.91
CA TYR F 83 -18.76 26.36 -18.09
C TYR F 83 -19.11 26.23 -19.56
N GLU F 84 -18.73 27.21 -20.37
CA GLU F 84 -19.05 27.21 -21.79
C GLU F 84 -18.19 26.24 -22.58
N GLU F 85 -17.04 25.84 -22.04
CA GLU F 85 -16.12 24.93 -22.71
C GLU F 85 -16.24 23.49 -22.22
N ASP F 86 -17.19 23.19 -21.35
CA ASP F 86 -17.36 21.83 -20.86
C ASP F 86 -18.01 20.98 -21.94
N LYS F 87 -17.31 19.94 -22.38
CA LYS F 87 -17.77 19.08 -23.46
C LYS F 87 -18.40 17.83 -22.86
N SER F 88 -19.64 17.55 -23.25
CA SER F 88 -20.34 16.34 -22.79
C SER F 88 -19.99 15.18 -23.72
N TYR F 89 -18.70 14.83 -23.67
CA TYR F 89 -18.14 13.83 -24.56
C TYR F 89 -18.76 12.45 -24.34
N LEU F 90 -19.26 12.17 -23.14
CA LEU F 90 -19.75 10.83 -22.84
C LEU F 90 -21.24 10.68 -23.10
N GLU F 91 -21.99 11.78 -23.01
CA GLU F 91 -23.45 11.73 -23.12
C GLU F 91 -23.92 11.02 -24.38
N PRO F 92 -23.41 11.30 -25.59
CA PRO F 92 -23.97 10.59 -26.76
C PRO F 92 -23.75 9.10 -26.72
N TYR F 93 -22.62 8.64 -26.18
CA TYR F 93 -22.42 7.20 -26.06
C TYR F 93 -23.39 6.61 -25.05
N LEU F 94 -23.52 7.29 -23.90
CA LEU F 94 -24.42 6.82 -22.84
C LEU F 94 -25.87 6.80 -23.30
N LYS F 95 -26.28 7.78 -24.11
CA LYS F 95 -27.65 7.80 -24.59
C LYS F 95 -27.94 6.57 -25.43
N GLU F 96 -26.99 6.17 -26.29
CA GLU F 96 -27.15 4.96 -27.12
C GLU F 96 -27.17 3.70 -26.27
N VAL F 97 -26.28 3.62 -25.28
CA VAL F 97 -26.26 2.46 -24.39
C VAL F 97 -27.60 2.31 -23.68
N ILE F 98 -28.16 3.42 -23.20
CA ILE F 98 -29.46 3.38 -22.56
C ILE F 98 -30.55 2.99 -23.55
N ARG F 99 -30.47 3.52 -24.77
CA ARG F 99 -31.48 3.20 -25.78
C ARG F 99 -31.44 1.73 -26.12
N GLU F 100 -30.25 1.13 -26.11
CA GLU F 100 -30.14 -0.29 -26.41
C GLU F 100 -30.73 -1.13 -25.28
N ARG F 101 -30.49 -0.73 -24.03
CA ARG F 101 -31.02 -1.49 -22.90
C ARG F 101 -32.53 -1.43 -22.86
N LYS F 102 -33.10 -0.28 -23.20
CA LYS F 102 -34.55 -0.16 -23.18
C LYS F 102 -35.17 -1.03 -24.27
N GLU F 103 -34.49 -1.16 -25.42
CA GLU F 103 -34.97 -2.05 -26.47
C GLU F 103 -35.01 -3.50 -25.99
N ARG F 104 -33.95 -3.94 -25.31
CA ARG F 104 -33.95 -5.30 -24.75
C ARG F 104 -35.11 -5.47 -23.80
N GLU F 105 -35.32 -4.49 -22.91
CA GLU F 105 -36.38 -4.56 -21.93
C GLU F 105 -37.76 -4.60 -22.59
N GLU F 106 -37.94 -3.84 -23.68
CA GLU F 106 -39.23 -3.88 -24.37
C GLU F 106 -39.45 -5.24 -25.05
N TRP F 107 -38.38 -5.86 -25.55
CA TRP F 107 -38.51 -7.21 -26.10
C TRP F 107 -38.75 -8.25 -25.01
N ALA F 108 -38.24 -8.00 -23.81
CA ALA F 108 -38.43 -8.95 -22.72
C ALA F 108 -39.84 -8.95 -22.17
N LYS F 109 -40.67 -7.97 -22.54
CA LYS F 109 -42.05 -7.85 -22.07
C LYS F 109 -43.03 -8.68 -22.89
N LYS F 110 -42.86 -8.72 -24.21
CA LYS F 110 -43.83 -9.45 -25.05
C LYS F 110 -43.73 -10.95 -24.76
N GLY G 1 -11.20 -9.54 -3.82
CA GLY G 1 -10.17 -8.48 -3.65
C GLY G 1 -9.38 -8.28 -4.92
N ARG G 2 -9.33 -7.05 -5.40
CA ARG G 2 -8.57 -6.73 -6.60
C ARG G 2 -7.08 -6.59 -6.27
N GLN G 3 -6.25 -6.59 -7.31
CA GLN G 3 -4.80 -6.52 -7.14
C GLN G 3 -4.18 -5.64 -8.22
N PHE G 4 -3.05 -5.03 -7.87
CA PHE G 4 -2.29 -4.22 -8.82
C PHE G 4 -1.88 -5.01 -10.05
N GLY G 5 -1.95 -4.36 -11.22
CA GLY G 5 -1.78 -4.99 -12.51
C GLY G 5 -3.05 -5.45 -13.17
N HIS G 6 -4.19 -5.38 -12.46
CA HIS G 6 -5.49 -5.77 -12.98
C HIS G 6 -6.55 -4.70 -12.71
N LEU G 7 -6.14 -3.49 -12.33
CA LEU G 7 -7.11 -2.48 -11.93
C LEU G 7 -7.75 -1.81 -13.13
N THR G 8 -6.97 -1.08 -13.93
CA THR G 8 -7.54 -0.37 -15.08
C THR G 8 -6.44 -0.11 -16.11
N ARG G 9 -6.79 0.64 -17.16
CA ARG G 9 -5.90 0.94 -18.28
C ARG G 9 -5.49 2.39 -18.22
N VAL G 10 -4.18 2.65 -18.33
CA VAL G 10 -3.62 3.99 -18.30
C VAL G 10 -2.50 4.10 -19.33
N ARG G 11 -2.48 5.24 -20.03
CA ARG G 11 -1.52 5.48 -21.09
C ARG G 11 -1.03 6.91 -21.05
N HIS G 12 0.28 7.08 -21.27
CA HIS G 12 0.88 8.37 -21.56
C HIS G 12 0.86 9.31 -20.36
N VAL G 13 1.04 8.76 -19.16
CA VAL G 13 1.04 9.53 -17.92
C VAL G 13 2.35 9.26 -17.21
N ILE G 14 3.10 10.33 -16.93
CA ILE G 14 4.39 10.26 -16.27
C ILE G 14 4.24 10.79 -14.85
N THR G 15 4.86 10.09 -13.90
CA THR G 15 4.86 10.51 -12.50
C THR G 15 6.30 10.63 -12.02
N TYR G 16 6.64 11.80 -11.48
CA TYR G 16 7.93 12.08 -10.88
C TYR G 16 7.76 12.09 -9.37
N SER G 17 8.56 11.27 -8.67
CA SER G 17 8.52 11.19 -7.22
C SER G 17 9.92 11.40 -6.67
N LEU G 18 9.99 11.93 -5.45
CA LEU G 18 11.24 12.17 -4.74
C LEU G 18 11.27 11.31 -3.48
N SER G 19 12.45 10.80 -3.15
CA SER G 19 12.60 9.97 -1.95
C SER G 19 12.22 10.76 -0.71
N PRO G 20 11.67 10.10 0.33
CA PRO G 20 11.28 10.86 1.53
C PRO G 20 12.47 11.33 2.36
N PHE G 21 13.63 10.69 2.24
CA PHE G 21 14.84 11.17 2.88
C PHE G 21 15.50 12.31 2.12
N GLU G 22 14.93 12.75 1.00
CA GLU G 22 15.49 13.84 0.20
C GLU G 22 14.73 15.15 0.34
N GLN G 23 13.57 15.16 1.00
CA GLN G 23 12.69 16.31 1.05
C GLN G 23 12.18 16.51 2.46
N ARG G 24 11.55 17.67 2.69
CA ARG G 24 11.03 17.99 4.00
C ARG G 24 9.69 17.31 4.22
N ALA G 25 9.46 16.91 5.48
CA ALA G 25 8.16 16.38 5.89
C ALA G 25 7.16 17.49 6.22
N PHE G 26 7.64 18.68 6.58
CA PHE G 26 6.80 19.84 6.88
C PHE G 26 7.29 21.02 6.06
N PRO G 27 7.16 20.96 4.74
CA PRO G 27 7.59 22.09 3.89
C PRO G 27 6.58 23.22 3.93
N HIS G 28 7.01 24.38 4.44
CA HIS G 28 6.15 25.56 4.49
C HIS G 28 4.85 25.26 5.23
N TYR G 29 4.97 24.68 6.43
CA TYR G 29 3.80 24.19 7.14
C TYR G 29 2.81 25.32 7.45
N PHE G 30 3.31 26.44 7.96
CA PHE G 30 2.45 27.58 8.28
C PHE G 30 2.41 28.59 7.15
N SER G 31 3.54 28.80 6.46
CA SER G 31 3.60 29.80 5.39
C SER G 31 2.67 29.46 4.23
N LYS G 32 2.37 28.18 4.02
CA LYS G 32 1.44 27.73 2.99
C LYS G 32 0.19 27.06 3.54
N GLY G 33 0.26 26.43 4.71
CA GLY G 33 -0.89 25.70 5.23
C GLY G 33 -2.03 26.60 5.69
N ILE G 34 -1.73 27.69 6.39
CA ILE G 34 -2.78 28.57 6.89
C ILE G 34 -3.60 29.18 5.76
N PRO G 35 -3.01 29.73 4.69
CA PRO G 35 -3.83 30.14 3.52
C PRO G 35 -4.75 29.06 2.98
N ASN G 36 -4.33 27.80 2.97
CA ASN G 36 -5.19 26.75 2.43
C ASN G 36 -6.38 26.44 3.33
N VAL G 37 -6.19 26.54 4.65
CA VAL G 37 -7.31 26.32 5.56
C VAL G 37 -8.37 27.40 5.36
N LEU G 38 -7.94 28.65 5.19
CA LEU G 38 -8.89 29.73 4.97
C LEU G 38 -9.64 29.55 3.65
N ARG G 39 -8.96 29.07 2.61
CA ARG G 39 -9.62 28.83 1.33
C ARG G 39 -10.71 27.78 1.48
N ARG G 40 -10.39 26.65 2.13
CA ARG G 40 -11.35 25.57 2.30
C ARG G 40 -12.52 25.97 3.21
N THR G 41 -12.25 26.75 4.26
CA THR G 41 -13.33 27.20 5.14
C THR G 41 -14.33 28.04 4.37
N ARG G 42 -13.84 29.02 3.59
CA ARG G 42 -14.72 29.89 2.83
C ARG G 42 -15.58 29.08 1.85
N ALA G 43 -14.99 28.05 1.24
CA ALA G 43 -15.71 27.31 0.21
C ALA G 43 -16.90 26.53 0.76
N CYS G 44 -16.86 26.17 2.04
CA CYS G 44 -17.90 25.33 2.64
C CYS G 44 -18.67 25.96 3.80
N ILE G 45 -18.35 27.20 4.21
CA ILE G 45 -18.97 27.76 5.41
C ILE G 45 -20.48 27.93 5.21
N LEU G 46 -20.90 28.35 4.02
CA LEU G 46 -22.31 28.61 3.79
C LEU G 46 -23.15 27.34 3.72
N ARG G 47 -22.54 26.19 3.46
CA ARG G 47 -23.29 24.95 3.44
C ARG G 47 -23.43 24.34 4.84
N VAL G 48 -22.40 24.48 5.68
CA VAL G 48 -22.37 23.79 6.97
C VAL G 48 -22.91 24.69 8.09
N ALA G 49 -22.60 25.99 8.05
CA ALA G 49 -22.84 26.84 9.21
C ALA G 49 -24.32 27.15 9.45
N PRO G 50 -25.12 27.57 8.46
CA PRO G 50 -26.48 28.07 8.77
C PRO G 50 -27.35 27.05 9.47
N PRO G 51 -27.25 25.76 9.16
CA PRO G 51 -28.02 24.78 9.96
C PRO G 51 -27.71 24.84 11.44
N PHE G 52 -26.42 24.84 11.82
CA PHE G 52 -26.09 24.85 13.24
C PHE G 52 -26.35 26.21 13.89
N VAL G 53 -26.29 27.30 13.12
CA VAL G 53 -26.74 28.58 13.64
C VAL G 53 -28.23 28.53 13.91
N ALA G 54 -28.99 27.91 13.01
CA ALA G 54 -30.42 27.75 13.22
C ALA G 54 -30.69 26.91 14.47
N PHE G 55 -29.85 25.89 14.71
CA PHE G 55 -29.99 25.12 15.94
C PHE G 55 -29.71 25.97 17.17
N TYR G 56 -28.68 26.82 17.11
CA TYR G 56 -28.30 27.61 18.28
C TYR G 56 -29.43 28.56 18.70
N LEU G 57 -30.09 29.18 17.72
CA LEU G 57 -31.18 30.10 18.04
C LEU G 57 -32.40 29.36 18.58
N VAL G 58 -32.74 28.20 18.00
CA VAL G 58 -33.85 27.41 18.52
C VAL G 58 -33.52 26.85 19.90
N TYR G 59 -32.25 26.50 20.13
CA TYR G 59 -31.84 26.00 21.44
C TYR G 59 -32.04 27.05 22.52
N THR G 60 -31.55 28.27 22.29
CA THR G 60 -31.60 29.31 23.31
C THR G 60 -33.03 29.77 23.56
N TRP G 61 -33.82 29.95 22.50
CA TRP G 61 -35.22 30.35 22.67
C TRP G 61 -36.00 29.30 23.46
N GLY G 62 -35.87 28.02 23.10
CA GLY G 62 -36.60 26.99 23.81
C GLY G 62 -36.22 26.89 25.27
N THR G 63 -34.95 27.14 25.59
CA THR G 63 -34.52 27.11 26.98
C THR G 63 -34.99 28.35 27.73
N GLN G 64 -34.94 29.51 27.08
CA GLN G 64 -35.44 30.73 27.71
C GLN G 64 -36.93 30.62 27.98
N GLU G 65 -37.70 30.17 26.97
CA GLU G 65 -39.14 30.02 27.12
C GLU G 65 -39.48 29.03 28.23
N PHE G 66 -38.77 27.90 28.29
CA PHE G 66 -39.04 26.91 29.32
C PHE G 66 -38.76 27.47 30.72
N GLU G 67 -37.76 28.35 30.84
CA GLU G 67 -37.44 28.94 32.14
C GLU G 67 -38.50 29.93 32.59
N LYS G 68 -38.99 30.77 31.68
CA LYS G 68 -39.96 31.78 32.05
C LYS G 68 -41.31 31.15 32.37
N SER G 69 -41.68 30.09 31.65
CA SER G 69 -42.96 29.46 31.91
C SER G 69 -43.03 28.82 33.29
N LYS G 70 -41.89 28.37 33.84
CA LYS G 70 -41.88 27.77 35.17
C LYS G 70 -41.99 28.79 36.30
N ARG G 71 -41.73 30.07 36.01
CA ARG G 71 -41.91 31.14 37.00
C ARG G 71 -43.35 31.59 37.02
N LYS G 72 -43.91 31.80 38.23
CA LYS G 72 -45.32 32.09 38.27
C LYS G 72 -45.56 33.57 37.97
N ASN G 73 -46.78 33.86 37.58
CA ASN G 73 -47.33 35.16 37.27
C ASN G 73 -48.31 35.59 38.36
N PRO G 74 -48.39 36.87 38.72
CA PRO G 74 -49.42 37.26 39.69
C PRO G 74 -50.81 36.91 39.17
N ALA G 75 -51.69 36.53 40.11
CA ALA G 75 -53.04 36.10 39.77
C ALA G 75 -53.82 37.20 39.07
N GLU H 12 -18.01 34.49 71.29
CA GLU H 12 -17.22 33.32 71.67
C GLU H 12 -16.39 32.90 70.46
N LEU H 13 -17.07 32.42 69.41
CA LEU H 13 -16.42 31.95 68.19
C LEU H 13 -17.12 32.62 67.00
N VAL H 14 -16.33 33.22 66.12
CA VAL H 14 -16.84 33.96 64.97
C VAL H 14 -16.69 33.06 63.75
N ASP H 15 -17.81 32.59 63.21
CA ASP H 15 -17.76 31.83 61.97
C ASP H 15 -17.37 32.76 60.83
N PRO H 16 -16.42 32.38 59.96
CA PRO H 16 -16.14 33.21 58.77
C PRO H 16 -17.33 33.37 57.85
N LEU H 17 -18.29 32.44 57.85
CA LEU H 17 -19.47 32.55 57.01
C LEU H 17 -20.30 33.78 57.37
N THR H 18 -20.35 34.13 58.66
CA THR H 18 -21.11 35.31 59.07
C THR H 18 -20.52 36.59 58.49
N THR H 19 -19.21 36.82 58.68
CA THR H 19 -18.59 38.05 58.21
C THR H 19 -18.46 38.16 56.69
N VAL H 20 -18.67 37.07 55.94
CA VAL H 20 -18.59 37.13 54.48
C VAL H 20 -20.01 37.24 53.93
N ARG H 21 -20.98 36.68 54.63
CA ARG H 21 -22.36 36.72 54.17
C ARG H 21 -22.86 38.16 54.09
N GLU H 22 -22.85 38.88 55.23
CA GLU H 22 -23.39 40.24 55.21
C GLU H 22 -22.55 41.16 54.35
N GLN H 23 -21.27 40.86 54.14
CA GLN H 23 -20.46 41.65 53.22
C GLN H 23 -20.97 41.55 51.79
N CYS H 24 -21.37 40.34 51.36
CA CYS H 24 -21.89 40.19 50.01
C CYS H 24 -23.23 40.86 49.80
N GLU H 25 -23.96 41.18 50.88
CA GLU H 25 -25.31 41.69 50.69
C GLU H 25 -25.34 43.17 50.34
N GLN H 26 -24.24 43.90 50.56
CA GLN H 26 -24.19 45.32 50.19
C GLN H 26 -23.92 45.52 48.70
N LEU H 27 -23.72 44.45 47.93
CA LEU H 27 -23.47 44.60 46.49
C LEU H 27 -24.73 45.07 45.79
N GLU H 28 -24.55 45.88 44.75
CA GLU H 28 -25.68 46.47 44.04
C GLU H 28 -26.59 45.44 43.37
N LYS H 29 -26.06 44.25 43.05
CA LYS H 29 -26.85 43.25 42.35
C LYS H 29 -27.91 42.61 43.26
N CYS H 30 -27.53 42.22 44.47
CA CYS H 30 -28.39 41.47 45.38
C CYS H 30 -29.21 42.34 46.34
N VAL H 31 -28.85 43.60 46.54
CA VAL H 31 -29.70 44.48 47.38
C VAL H 31 -31.08 44.65 46.73
N LYS H 32 -31.15 44.57 45.40
CA LYS H 32 -32.44 44.56 44.73
C LYS H 32 -33.21 43.26 44.94
N ALA H 33 -32.50 42.13 45.09
CA ALA H 33 -33.18 40.86 45.35
C ALA H 33 -33.77 40.79 46.76
N ARG H 34 -33.04 41.28 47.77
CA ARG H 34 -33.62 41.34 49.11
C ARG H 34 -34.78 42.32 49.19
N GLU H 35 -34.71 43.43 48.45
CA GLU H 35 -35.84 44.36 48.42
C GLU H 35 -37.10 43.70 47.87
N ARG H 36 -36.98 43.04 46.72
CA ARG H 36 -38.16 42.42 46.11
C ARG H 36 -38.69 41.24 46.93
N LEU H 37 -37.87 40.67 47.81
CA LEU H 37 -38.35 39.61 48.69
C LEU H 37 -39.18 40.18 49.83
N GLU H 38 -38.72 41.27 50.44
CA GLU H 38 -39.47 41.91 51.52
C GLU H 38 -40.78 42.48 51.00
N LEU H 39 -40.85 42.83 49.72
CA LEU H 39 -42.11 43.21 49.10
C LEU H 39 -43.08 42.04 49.15
N CYS H 40 -42.65 40.86 48.66
CA CYS H 40 -43.52 39.69 48.65
C CYS H 40 -43.94 39.29 50.04
N ASP H 41 -43.09 39.52 51.04
CA ASP H 41 -43.49 39.30 52.43
C ASP H 41 -44.71 40.13 52.80
N GLU H 42 -44.80 41.35 52.30
CA GLU H 42 -45.92 42.22 52.63
C GLU H 42 -47.14 42.03 51.72
N ARG H 43 -46.94 41.55 50.50
CA ARG H 43 -48.06 41.36 49.57
C ARG H 43 -49.00 40.25 50.06
N VAL H 44 -48.48 39.05 50.28
CA VAL H 44 -49.36 37.90 50.59
C VAL H 44 -49.70 37.82 52.08
N SER H 45 -48.95 38.49 52.94
CA SER H 45 -49.31 38.55 54.36
C SER H 45 -50.65 39.26 54.55
N SER H 46 -50.98 40.20 53.66
CA SER H 46 -52.20 40.99 53.75
C SER H 46 -53.46 40.23 53.32
N ARG H 47 -53.36 39.30 52.37
CA ARG H 47 -54.56 38.59 51.95
C ARG H 47 -55.13 37.72 53.06
N SER H 48 -56.44 37.46 52.96
CA SER H 48 -57.17 36.67 53.96
C SER H 48 -56.92 35.17 53.81
N GLN H 49 -57.26 34.62 52.64
CA GLN H 49 -57.05 33.20 52.35
C GLN H 49 -56.51 33.09 50.94
N THR H 50 -55.25 32.69 50.84
CA THR H 50 -54.56 32.53 49.57
C THR H 50 -53.67 31.29 49.67
N GLU H 51 -52.94 31.02 48.59
CA GLU H 51 -52.04 29.88 48.52
C GLU H 51 -50.70 30.24 47.90
N GLU H 52 -50.49 31.49 47.52
CA GLU H 52 -49.23 31.92 46.93
C GLU H 52 -48.18 32.07 48.03
N ASP H 53 -46.93 31.86 47.68
CA ASP H 53 -45.81 31.99 48.62
C ASP H 53 -44.62 32.63 47.91
N CYS H 54 -43.60 32.97 48.70
CA CYS H 54 -42.44 33.71 48.23
C CYS H 54 -41.21 32.81 48.11
N THR H 55 -41.41 31.56 47.71
CA THR H 55 -40.28 30.68 47.47
C THR H 55 -39.43 31.21 46.32
N GLU H 56 -40.07 31.72 45.27
CA GLU H 56 -39.31 32.20 44.12
C GLU H 56 -38.46 33.38 44.51
N GLU H 57 -39.05 34.34 45.22
CA GLU H 57 -38.34 35.58 45.52
C GLU H 57 -37.19 35.33 46.50
N LEU H 58 -37.23 34.22 47.25
CA LEU H 58 -36.15 33.88 48.17
C LEU H 58 -35.00 33.19 47.45
N LEU H 59 -35.31 32.25 46.56
CA LEU H 59 -34.26 31.47 45.91
C LEU H 59 -33.40 32.36 45.02
N ASP H 60 -34.03 33.24 44.23
CA ASP H 60 -33.27 34.13 43.36
C ASP H 60 -32.48 35.16 44.16
N PHE H 61 -32.82 35.36 45.42
CA PHE H 61 -31.99 36.18 46.31
C PHE H 61 -30.78 35.39 46.78
N LEU H 62 -30.97 34.13 47.17
CA LEU H 62 -29.86 33.27 47.55
C LEU H 62 -28.94 32.94 46.36
N HIS H 63 -29.49 32.89 45.14
CA HIS H 63 -28.64 32.63 43.98
C HIS H 63 -27.58 33.71 43.78
N ALA H 64 -27.88 34.96 44.16
CA ALA H 64 -26.90 36.03 44.01
C ALA H 64 -25.95 36.08 45.19
N ARG H 65 -26.48 35.96 46.41
CA ARG H 65 -25.66 35.99 47.60
C ARG H 65 -24.72 34.78 47.66
N ASP H 66 -25.26 33.57 47.57
CA ASP H 66 -24.42 32.38 47.66
C ASP H 66 -23.38 32.34 46.55
N HIS H 67 -23.72 32.89 45.38
CA HIS H 67 -22.73 33.02 44.30
C HIS H 67 -21.57 33.94 44.70
N CYS H 68 -21.86 35.03 45.42
CA CYS H 68 -20.79 35.91 45.89
C CYS H 68 -20.03 35.31 47.06
N VAL H 69 -20.70 34.52 47.90
CA VAL H 69 -20.02 33.94 49.06
C VAL H 69 -18.93 32.97 48.63
N ALA H 70 -19.17 32.19 47.57
CA ALA H 70 -18.23 31.14 47.19
C ALA H 70 -16.88 31.66 46.73
N HIS H 71 -16.85 32.81 46.04
CA HIS H 71 -15.58 33.28 45.48
C HIS H 71 -14.59 33.71 46.59
N LYS H 72 -15.08 34.19 47.74
CA LYS H 72 -14.22 34.74 48.79
C LYS H 72 -14.17 33.88 50.05
N LEU H 73 -15.16 33.00 50.26
CA LEU H 73 -15.29 32.31 51.55
C LEU H 73 -14.09 31.41 51.84
N PHE H 74 -13.65 30.64 50.86
CA PHE H 74 -12.64 29.61 51.07
C PHE H 74 -11.25 30.17 51.37
N ASN H 75 -11.06 31.48 51.28
CA ASN H 75 -9.76 32.08 51.57
C ASN H 75 -9.52 32.24 53.07
N SER H 76 -10.57 32.16 53.88
CA SER H 76 -10.45 32.21 55.34
C SER H 76 -10.41 30.84 56.01
N LEU H 77 -10.73 29.77 55.28
CA LEU H 77 -10.74 28.42 55.84
C LEU H 77 -9.38 27.75 55.65
N LYS H 78 -9.16 26.67 56.41
CA LYS H 78 -7.93 25.90 56.36
C LYS H 78 -8.06 24.67 55.46
N ARG I 20 23.79 -15.64 -25.07
CA ARG I 20 22.50 -15.13 -25.55
C ARG I 20 22.28 -15.51 -27.02
N GLY I 21 21.03 -15.83 -27.38
CA GLY I 21 20.71 -16.30 -28.72
C GLY I 21 21.00 -15.30 -29.82
N VAL I 22 21.66 -15.76 -30.89
CA VAL I 22 22.14 -14.92 -31.98
C VAL I 22 21.56 -15.39 -33.30
N ALA I 23 21.34 -14.42 -34.19
CA ALA I 23 21.02 -14.64 -35.60
C ALA I 23 21.84 -13.61 -36.36
N GLY I 24 22.83 -14.08 -37.14
CA GLY I 24 23.70 -13.24 -37.93
C GLY I 24 23.61 -13.63 -39.39
N ALA I 25 23.43 -12.65 -40.27
CA ALA I 25 23.23 -12.92 -41.69
C ALA I 25 23.92 -11.91 -42.62
N LEU I 26 24.73 -11.00 -42.09
CA LEU I 26 25.13 -9.80 -42.82
C LEU I 26 26.33 -10.02 -43.74
N ARG I 27 26.89 -11.22 -43.80
CA ARG I 27 28.06 -11.51 -44.64
C ARG I 27 28.02 -12.94 -45.20
N ASP I 44 8.48 -8.05 -27.12
CA ASP I 44 9.03 -6.71 -26.96
C ASP I 44 9.23 -6.04 -28.32
N LEU I 45 8.65 -4.85 -28.50
CA LEU I 45 8.89 -4.09 -29.71
C LEU I 45 10.37 -3.78 -29.84
N LYS I 46 11.01 -4.31 -30.89
CA LYS I 46 12.45 -4.23 -31.04
C LYS I 46 12.90 -2.78 -31.15
N ARG I 47 12.60 -2.15 -32.29
CA ARG I 47 12.80 -0.72 -32.53
C ARG I 47 12.35 -0.46 -33.96
N SER I 48 12.32 0.83 -34.32
CA SER I 48 11.91 1.26 -35.65
C SER I 48 13.09 1.84 -36.40
N VAL I 49 13.12 1.60 -37.70
CA VAL I 49 14.10 2.20 -38.61
C VAL I 49 13.32 3.08 -39.58
N LEU I 50 13.60 4.38 -39.57
CA LEU I 50 12.89 5.37 -40.36
C LEU I 50 13.76 6.01 -41.43
N CYS I 51 14.90 6.59 -41.06
CA CYS I 51 15.71 7.32 -42.00
C CYS I 51 16.58 6.38 -42.85
N ARG I 52 17.20 6.95 -43.88
CA ARG I 52 18.07 6.20 -44.78
C ARG I 52 19.42 5.89 -44.15
N GLU I 53 19.86 6.72 -43.21
CA GLU I 53 21.14 6.48 -42.53
C GLU I 53 21.07 5.25 -41.63
N SER I 54 19.94 5.03 -40.97
CA SER I 54 19.77 3.92 -40.04
C SER I 54 19.39 2.61 -40.72
N LEU I 55 19.18 2.62 -42.05
CA LEU I 55 18.92 1.39 -42.79
C LEU I 55 20.20 0.74 -43.30
N ARG I 56 21.26 1.51 -43.52
CA ARG I 56 22.49 0.95 -44.06
C ARG I 56 23.10 -0.03 -43.06
N GLY I 57 23.53 -1.19 -43.56
CA GLY I 57 23.99 -2.29 -42.73
C GLY I 57 22.94 -3.35 -42.46
N GLN I 58 21.67 -3.06 -42.75
CA GLN I 58 20.58 -4.00 -42.45
C GLN I 58 20.39 -5.04 -43.54
N ALA I 59 20.67 -4.69 -44.80
CA ALA I 59 20.52 -5.64 -45.88
C ALA I 59 21.47 -6.82 -45.68
N ALA I 60 20.93 -8.04 -45.80
CA ALA I 60 21.71 -9.24 -45.57
C ALA I 60 22.73 -9.45 -46.67
N GLY I 61 23.84 -10.10 -46.32
CA GLY I 61 24.96 -10.22 -47.23
C GLY I 61 25.67 -11.56 -47.20
N PRO I 63 24.02 -15.47 -45.63
CA PRO I 63 24.15 -16.86 -45.21
C PRO I 63 23.90 -16.93 -43.74
N LEU I 64 22.72 -17.40 -43.34
CA LEU I 64 22.31 -17.26 -41.95
C LEU I 64 23.13 -18.18 -41.03
N VAL I 65 23.30 -17.74 -39.80
CA VAL I 65 23.95 -18.49 -38.74
C VAL I 65 23.08 -18.40 -37.50
N ALA I 66 23.01 -19.48 -36.74
CA ALA I 66 22.22 -19.55 -35.52
C ALA I 66 23.12 -20.06 -34.40
N SER I 67 23.15 -19.33 -33.27
CA SER I 67 24.01 -19.65 -32.15
C SER I 67 23.24 -19.58 -30.84
N VAL I 68 23.48 -20.56 -29.96
CA VAL I 68 22.85 -20.68 -28.64
C VAL I 68 23.96 -20.93 -27.63
N SER I 69 23.68 -20.61 -26.37
CA SER I 69 24.70 -20.68 -25.32
C SER I 69 24.01 -20.90 -23.98
N LEU I 70 24.78 -20.67 -22.90
CA LEU I 70 24.26 -20.59 -21.51
C LEU I 70 24.30 -19.14 -20.94
N VAL J 1 33.57 16.67 17.22
CA VAL J 1 32.15 16.83 16.79
C VAL J 1 32.07 17.42 15.37
N ALA J 2 33.14 17.26 14.57
CA ALA J 2 33.07 17.77 13.20
C ALA J 2 32.02 17.00 12.41
N PRO J 3 31.96 15.67 12.50
CA PRO J 3 30.84 14.95 11.89
C PRO J 3 29.55 15.34 12.58
N THR J 4 28.44 15.27 11.85
CA THR J 4 27.17 15.66 12.42
C THR J 4 26.80 14.68 13.53
N LEU J 5 26.07 15.18 14.53
CA LEU J 5 25.64 14.31 15.64
C LEU J 5 24.71 13.23 15.11
N THR J 6 23.66 13.62 14.40
CA THR J 6 22.72 12.65 13.85
C THR J 6 23.42 11.68 12.90
N ALA J 7 24.45 12.17 12.20
CA ALA J 7 25.22 11.31 11.29
C ALA J 7 25.95 10.20 12.04
N ARG J 8 26.53 10.52 13.21
CA ARG J 8 27.26 9.50 13.97
C ARG J 8 26.32 8.55 14.67
N LEU J 9 25.15 9.02 15.09
CA LEU J 9 24.15 8.12 15.66
C LEU J 9 23.68 7.08 14.66
N TYR J 10 23.56 7.48 13.39
CA TYR J 10 23.10 6.55 12.35
C TYR J 10 24.13 5.46 12.06
N SER J 11 25.39 5.85 11.86
CA SER J 11 26.42 4.88 11.48
C SER J 11 26.62 3.84 12.57
N LEU J 12 26.54 4.25 13.84
CA LEU J 12 26.82 3.39 14.98
C LEU J 12 25.61 2.56 15.42
N LEU J 13 24.42 3.17 15.50
CA LEU J 13 23.28 2.55 16.18
C LEU J 13 22.08 2.25 15.30
N PHE J 14 21.82 3.04 14.25
CA PHE J 14 20.58 2.90 13.51
C PHE J 14 20.73 2.10 12.20
N ARG J 15 21.95 1.92 11.70
CA ARG J 15 22.13 1.26 10.41
C ARG J 15 21.67 -0.20 10.50
N ARG J 16 22.16 -0.93 11.49
CA ARG J 16 21.69 -2.28 11.73
C ARG J 16 20.37 -2.22 12.48
N THR J 17 19.45 -3.13 12.12
CA THR J 17 18.18 -3.16 12.85
C THR J 17 18.39 -3.69 14.26
N SER J 18 19.38 -4.57 14.45
CA SER J 18 19.62 -5.16 15.76
C SER J 18 20.02 -4.10 16.78
N THR J 19 21.01 -3.29 16.44
CA THR J 19 21.39 -2.19 17.31
C THR J 19 20.34 -1.08 17.31
N PHE J 20 19.53 -0.98 16.25
CA PHE J 20 18.42 -0.04 16.28
C PHE J 20 17.36 -0.46 17.30
N ALA J 21 17.20 -1.77 17.51
CA ALA J 21 16.27 -2.25 18.52
C ALA J 21 16.88 -2.18 19.92
N LEU J 22 18.18 -2.45 20.03
CA LEU J 22 18.85 -2.39 21.33
C LEU J 22 18.84 -0.97 21.88
N THR J 23 18.98 0.03 21.00
CA THR J 23 18.97 1.40 21.48
C THR J 23 17.58 1.77 21.98
N ILE J 24 16.55 1.16 21.42
CA ILE J 24 15.19 1.45 21.83
C ILE J 24 14.89 0.81 23.18
N VAL J 25 15.23 -0.47 23.35
CA VAL J 25 14.92 -1.15 24.60
C VAL J 25 15.76 -0.55 25.74
N VAL J 26 17.01 -0.18 25.45
CA VAL J 26 17.82 0.50 26.45
C VAL J 26 17.34 1.92 26.67
N GLY J 27 16.80 2.55 25.63
CA GLY J 27 16.23 3.88 25.81
C GLY J 27 14.96 3.88 26.64
N ALA J 28 14.09 2.89 26.44
CA ALA J 28 12.89 2.81 27.25
C ALA J 28 13.22 2.55 28.72
N LEU J 29 14.32 1.86 28.98
CA LEU J 29 14.74 1.61 30.36
C LEU J 29 15.11 2.92 31.05
N PHE J 30 16.01 3.69 30.44
CA PHE J 30 16.44 4.95 31.03
C PHE J 30 15.40 6.05 30.88
N PHE J 31 14.54 5.98 29.87
CA PHE J 31 13.46 6.95 29.75
C PHE J 31 12.43 6.76 30.85
N GLU J 32 12.11 5.50 31.17
CA GLU J 32 11.13 5.22 32.21
C GLU J 32 11.56 5.78 33.56
N ARG J 33 12.86 5.64 33.89
CA ARG J 33 13.33 6.13 35.19
C ARG J 33 13.29 7.65 35.26
N ALA J 34 13.69 8.33 34.18
CA ALA J 34 13.74 9.78 34.19
C ALA J 34 12.37 10.40 34.00
N PHE J 35 11.50 9.78 33.20
CA PHE J 35 10.18 10.36 32.97
C PHE J 35 9.31 10.29 34.23
N ASP J 36 9.26 9.12 34.87
CA ASP J 36 8.48 8.99 36.10
C ASP J 36 9.05 9.87 37.20
N GLN J 37 10.38 10.02 37.24
CA GLN J 37 11.02 10.86 38.24
C GLN J 37 10.63 12.32 38.05
N GLY J 38 10.65 12.81 36.82
CA GLY J 38 10.31 14.19 36.56
C GLY J 38 8.83 14.44 36.62
N ALA J 39 8.03 13.47 36.14
CA ALA J 39 6.58 13.64 36.19
C ALA J 39 6.08 13.70 37.64
N ASP J 40 6.58 12.79 38.49
CA ASP J 40 6.15 12.79 39.89
C ASP J 40 6.62 14.03 40.61
N ALA J 41 7.81 14.55 40.27
CA ALA J 41 8.28 15.77 40.90
C ALA J 41 7.43 16.98 40.53
N ILE J 42 6.79 16.95 39.36
CA ILE J 42 5.92 18.05 38.97
C ILE J 42 4.55 17.95 39.65
N TYR J 43 3.98 16.75 39.68
CA TYR J 43 2.69 16.55 40.35
C TYR J 43 2.79 16.88 41.85
N GLU J 44 3.95 16.61 42.45
CA GLU J 44 4.18 16.89 43.86
C GLU J 44 4.46 18.36 44.14
N HIS J 45 5.11 19.07 43.21
CA HIS J 45 5.36 20.49 43.42
C HIS J 45 4.06 21.31 43.40
N ILE J 46 3.15 21.02 42.48
CA ILE J 46 1.86 21.71 42.47
C ILE J 46 1.07 21.46 43.76
N ASN J 47 1.20 20.27 44.34
CA ASN J 47 0.47 19.81 45.52
C ASN J 47 1.38 19.64 46.74
N GLU J 48 2.29 20.60 46.99
CA GLU J 48 3.33 20.40 48.00
C GLU J 48 2.80 20.11 49.41
N GLY J 49 1.85 20.90 49.90
CA GLY J 49 1.27 20.56 51.19
C GLY J 49 0.37 19.33 51.18
N LYS J 50 -0.45 19.21 50.15
CA LYS J 50 -1.60 18.29 50.17
C LYS J 50 -1.26 16.80 50.34
N LEU J 51 -0.20 16.29 49.73
CA LEU J 51 0.01 14.84 49.80
C LEU J 51 0.38 14.32 51.19
N TRP J 52 0.12 13.01 51.36
CA TRP J 52 0.42 12.26 52.58
C TRP J 52 1.92 12.19 52.90
N LYS J 53 2.75 11.99 51.88
CA LYS J 53 4.21 11.91 52.08
C LYS J 53 4.81 13.26 52.45
N HIS J 54 4.04 14.33 52.35
CA HIS J 54 4.35 15.67 52.84
C HIS J 54 3.85 15.90 54.27
N ILE J 55 3.13 14.94 54.84
CA ILE J 55 2.53 15.02 56.18
C ILE J 55 2.96 13.82 57.02
N LYS J 56 3.68 12.88 56.42
CA LYS J 56 4.10 11.68 57.16
C LYS J 56 5.05 12.02 58.30
N HIS J 57 5.70 13.19 58.26
CA HIS J 57 6.61 13.57 59.33
C HIS J 57 5.88 13.89 60.62
N LYS J 58 4.65 14.40 60.55
CA LYS J 58 3.90 14.68 61.76
C LYS J 58 3.66 13.40 62.55
N TYR J 59 3.32 12.32 61.84
CA TYR J 59 2.93 11.05 62.45
C TYR J 59 4.16 10.14 62.46
N GLU J 60 5.11 10.49 63.33
CA GLU J 60 6.39 9.78 63.39
C GLU J 60 6.20 8.28 63.53
N ASN J 61 5.54 7.84 64.61
CA ASN J 61 5.28 6.42 64.87
C ASN J 61 4.63 5.73 63.67
N LEU K 2 18.97 -35.07 8.03
CA LEU K 2 19.04 -33.67 7.63
C LEU K 2 20.50 -33.20 7.68
N THR K 3 21.38 -34.07 7.16
CA THR K 3 22.83 -33.88 7.13
C THR K 3 23.29 -32.85 6.10
N ARG K 4 22.43 -32.47 5.16
CA ARG K 4 22.82 -31.59 4.05
C ARG K 4 23.27 -30.21 4.51
N PHE K 5 22.98 -29.79 5.74
CA PHE K 5 23.35 -28.46 6.21
C PHE K 5 24.71 -28.44 6.91
N LEU K 6 25.51 -29.51 6.75
CA LEU K 6 26.85 -29.62 7.31
C LEU K 6 27.84 -29.45 6.14
N GLY K 7 28.39 -28.23 6.00
CA GLY K 7 29.35 -27.99 4.94
C GLY K 7 30.08 -26.66 5.08
N PRO K 8 31.14 -26.46 4.28
CA PRO K 8 31.90 -25.20 4.39
C PRO K 8 31.07 -23.95 4.15
N ARG K 9 30.12 -23.99 3.19
CA ARG K 9 29.31 -22.81 2.94
C ARG K 9 28.40 -22.52 4.12
N TYR K 10 27.83 -23.57 4.73
CA TYR K 10 26.87 -23.39 5.81
C TYR K 10 27.54 -22.89 7.09
N ARG K 11 28.83 -23.21 7.27
CA ARG K 11 29.58 -22.69 8.42
C ARG K 11 30.16 -21.29 8.16
N GLN K 12 30.28 -20.88 6.90
CA GLN K 12 30.55 -19.48 6.58
C GLN K 12 29.31 -18.64 6.77
N LEU K 13 28.15 -19.21 6.46
CA LEU K 13 26.88 -18.53 6.62
C LEU K 13 26.56 -18.32 8.09
N ALA K 14 26.79 -19.34 8.92
CA ALA K 14 26.58 -19.18 10.35
C ALA K 14 27.51 -18.13 10.93
N ARG K 15 28.77 -18.09 10.47
CA ARG K 15 29.70 -17.10 10.99
C ARG K 15 29.28 -15.67 10.64
N ASN K 16 28.57 -15.47 9.50
CA ASN K 16 28.14 -14.13 9.14
C ASN K 16 26.98 -13.64 10.01
N TRP K 17 26.19 -14.56 10.56
CA TRP K 17 24.97 -14.23 11.27
C TRP K 17 25.09 -14.36 12.78
N VAL K 18 26.22 -14.82 13.30
CA VAL K 18 26.42 -14.89 14.75
C VAL K 18 26.54 -13.50 15.39
N PRO K 19 27.11 -12.47 14.73
CA PRO K 19 27.04 -11.15 15.37
C PRO K 19 25.63 -10.61 15.48
N THR K 20 24.80 -10.83 14.45
CA THR K 20 23.42 -10.37 14.50
C THR K 20 22.59 -11.10 15.56
N ALA K 21 22.68 -12.44 15.60
CA ALA K 21 21.93 -13.19 16.60
C ALA K 21 22.37 -12.90 18.03
N SER K 22 23.66 -12.61 18.24
CA SER K 22 24.12 -12.18 19.55
C SER K 22 23.42 -10.91 19.98
N LEU K 23 23.26 -9.96 19.05
CA LEU K 23 22.64 -8.69 19.37
C LEU K 23 21.14 -8.83 19.60
N TRP K 24 20.46 -9.69 18.82
CA TRP K 24 19.04 -9.92 19.10
C TRP K 24 18.83 -10.62 20.43
N GLY K 25 19.84 -11.30 20.96
CA GLY K 25 19.77 -11.82 22.31
C GLY K 25 19.87 -10.72 23.35
N ALA K 26 20.70 -9.71 23.09
CA ALA K 26 20.76 -8.56 23.98
C ALA K 26 19.45 -7.78 23.96
N VAL K 27 18.82 -7.67 22.80
CA VAL K 27 17.52 -6.99 22.72
C VAL K 27 16.49 -7.72 23.58
N GLY K 28 16.43 -9.04 23.44
CA GLY K 28 15.45 -9.80 24.20
C GLY K 28 15.76 -9.86 25.68
N ALA K 29 17.05 -9.97 26.01
CA ALA K 29 17.45 -10.02 27.42
C ALA K 29 17.13 -8.70 28.12
N VAL K 30 17.56 -7.59 27.52
CA VAL K 30 17.26 -6.28 28.08
C VAL K 30 15.75 -6.04 28.07
N GLY K 31 15.07 -6.52 27.03
CA GLY K 31 13.63 -6.35 26.94
C GLY K 31 12.90 -7.13 28.01
N LEU K 32 13.41 -8.32 28.35
CA LEU K 32 12.79 -9.12 29.39
C LEU K 32 13.05 -8.51 30.76
N VAL K 33 14.30 -8.10 31.00
CA VAL K 33 14.64 -7.45 32.27
C VAL K 33 13.84 -6.16 32.44
N TRP K 34 13.73 -5.38 31.38
CA TRP K 34 13.02 -4.10 31.46
C TRP K 34 11.52 -4.30 31.66
N ALA K 35 10.90 -5.21 30.90
CA ALA K 35 9.45 -5.35 30.98
C ALA K 35 9.00 -5.93 32.31
N THR K 36 9.82 -6.76 32.97
CA THR K 36 9.45 -7.40 34.22
C THR K 36 10.00 -6.70 35.45
N ASP K 37 10.78 -5.62 35.29
CA ASP K 37 11.40 -4.93 36.41
C ASP K 37 12.20 -5.90 37.26
N TRP K 38 13.05 -6.67 36.59
CA TRP K 38 13.81 -7.75 37.22
C TRP K 38 14.81 -7.13 38.19
N ARG K 39 14.49 -7.19 39.49
CA ARG K 39 15.32 -6.58 40.52
C ARG K 39 16.69 -7.26 40.63
N LEU K 40 16.77 -8.54 40.28
CA LEU K 40 18.02 -9.27 40.42
C LEU K 40 19.13 -8.67 39.56
N ILE K 41 18.78 -8.17 38.37
CA ILE K 41 19.74 -7.56 37.45
C ILE K 41 19.78 -6.04 37.61
N LEU K 42 18.62 -5.40 37.84
CA LEU K 42 18.57 -3.93 37.82
C LEU K 42 19.19 -3.28 39.05
N ASP K 43 19.36 -4.01 40.15
CA ASP K 43 20.06 -3.44 41.29
C ASP K 43 21.50 -3.06 40.95
N TRP K 44 22.11 -3.74 39.97
CA TRP K 44 23.48 -3.44 39.57
C TRP K 44 23.60 -2.26 38.61
N VAL K 45 22.58 -1.92 37.85
CA VAL K 45 22.70 -0.78 36.92
C VAL K 45 22.85 0.50 37.74
N PRO K 46 23.82 1.40 37.43
CA PRO K 46 23.94 2.65 38.20
C PRO K 46 22.74 3.57 38.39
N TYR K 47 22.30 4.31 37.36
CA TYR K 47 21.25 5.30 37.56
C TYR K 47 19.87 4.71 37.83
N ILE K 48 19.59 3.47 37.43
CA ILE K 48 18.24 2.93 37.57
C ILE K 48 17.84 2.81 39.03
N ASN K 49 18.79 2.46 39.91
CA ASN K 49 18.56 2.32 41.34
C ASN K 49 17.72 3.45 41.95
N GLY K 50 16.42 3.21 42.12
CA GLY K 50 15.55 4.13 42.82
C GLY K 50 14.38 3.44 43.50
O1 6PE L . 7.60 -1.66 6.05
O2 6PE L . 10.07 -0.80 6.08
P1 6PE L . 9.07 -1.91 6.30
O3 6PE L . 9.20 -2.41 7.87
C1 6PE L . 8.47 -1.52 8.69
C2 6PE L . 7.15 -2.13 9.06
C3 6PE L . 7.36 -3.61 9.47
O4 6PE L . 6.43 -3.96 10.52
C4 6PE L . 6.96 -4.03 11.76
O5 6PE L . 7.75 -3.23 12.17
C5 6PE L . 6.47 -5.20 12.61
C6 6PE L . 7.69 -5.91 13.25
C7 6PE L . 7.28 -6.65 14.53
C8 6PE L . 7.19 -5.67 15.72
C9 6PE L . 7.00 -6.43 17.04
O6 6PE L . 6.55 -1.42 10.17
C10 6PE L . 5.34 -0.84 9.94
O7 6PE L . 5.21 0.34 9.72
C11 6PE L . 4.14 -1.78 9.98
C12 6PE L . 3.23 -1.37 11.16
C13 6PE L . 3.15 -2.50 12.19
C14 6PE L . 2.46 -1.98 13.46
C15 6PE L . 1.78 -3.13 14.19
O8 6PE L . 9.49 -3.24 5.38
C16 6PE L . 10.87 -3.53 5.59
C17 6PE L . 11.25 -4.78 4.75
N1 6PE L . 12.69 -4.75 4.38
H1 6PE L . 8.35 -0.68 8.22
H2 6PE L . 9.00 -1.33 9.48
H3 6PE L . 6.57 -2.10 8.29
H4 6PE L . 8.28 -3.71 9.76
H5 6PE L . 7.24 -4.16 8.68
H6 6PE L . 5.97 -5.85 12.06
H7 6PE L . 5.87 -4.89 13.32
H8 6PE L . 8.38 -5.25 13.46
H9 6PE L . 8.07 -6.54 12.62
H10 6PE L . 7.92 -7.35 14.74
H11 6PE L . 6.42 -7.08 14.41
H12 6PE L . 6.45 -5.05 15.60
H13 6PE L . 8.01 -5.13 15.79
H14 6PE L . 7.82 -6.83 17.34
H15 6PE L . 6.35 -7.14 16.93
H16 6PE L . 6.67 -5.84 17.74
H17 6PE L . 4.42 -2.71 10.11
H18 6PE L . 3.63 -1.73 9.15
H19 6PE L . 2.34 -1.17 10.83
H20 6PE L . 3.57 -0.56 11.57
H21 6PE L . 4.05 -2.81 12.40
H22 6PE L . 2.65 -3.24 11.83
H23 6PE L . 1.80 -1.31 13.22
H24 6PE L . 3.11 -1.56 14.04
H25 6PE L . 1.24 -2.81 14.93
H26 6PE L . 2.43 -3.75 14.56
H27 6PE L . 1.21 -3.65 13.60
H28 6PE L . 11.02 -3.70 6.53
H29 6PE L . 11.40 -2.77 5.34
H30 6PE L . 10.70 -4.79 3.95
H31 6PE L . 11.05 -5.57 5.26
H32 6PE L . 12.99 -3.92 4.53
H33 6PE L . 13.12 -5.29 4.93
C1 CDL M . 11.56 -10.18 3.68
O1 CDL M . 12.13 -10.20 2.37
CA2 CDL M . 12.22 -9.01 4.34
OA2 CDL M . 12.78 -9.43 5.60
PA1 CDL M . 13.20 -8.40 6.71
OA3 CDL M . 13.02 -6.99 6.15
OA4 CDL M . 14.57 -8.69 7.20
OA5 CDL M . 12.10 -8.66 7.81
CA3 CDL M . 11.26 -9.84 7.76
CA4 CDL M . 10.56 -9.95 9.08
OA6 CDL M . 11.69 -9.92 10.02
CA5 CDL M . 11.66 -9.02 11.03
OA7 CDL M . 10.88 -8.10 11.09
C11 CDL M . 12.71 -9.32 12.05
C12 CDL M . 12.88 -8.23 13.11
C13 CDL M . 11.86 -8.33 14.23
C14 CDL M . 11.77 -7.09 15.12
C15 CDL M . 10.86 -7.30 16.33
C16 CDL M . 11.22 -6.52 17.59
C17 CDL M . 11.04 -7.29 18.89
CA6 CDL M . 10.03 -11.35 9.26
OA8 CDL M . 10.14 -11.73 10.65
CA7 CDL M . 9.03 -11.64 11.40
OA9 CDL M . 8.12 -12.43 11.33
C31 CDL M . 9.08 -10.46 12.32
C32 CDL M . 8.07 -10.53 13.47
C33 CDL M . 6.64 -10.24 13.01
C34 CDL M . 5.55 -10.67 13.99
C35 CDL M . 5.31 -9.65 15.10
C36 CDL M . 4.51 -10.17 16.28
C37 CDL M . 3.53 -9.15 16.86
CB2 CDL M . 10.11 -9.79 3.46
OB2 CDL M . 10.00 -8.53 2.76
PB2 CDL M . 8.64 -8.08 2.09
OB3 CDL M . 7.84 -9.33 1.72
OB4 CDL M . 8.90 -7.14 0.96
OB5 CDL M . 7.82 -7.34 3.24
CB3 CDL M . 8.49 -6.62 4.31
CB4 CDL M . 7.68 -6.86 5.55
OB6 CDL M . 6.73 -5.75 5.55
CB5 CDL M . 5.50 -5.98 6.03
OB7 CDL M . 4.86 -6.97 5.78
C51 CDL M . 5.05 -4.88 6.93
C52 CDL M . 3.55 -4.61 6.85
C53 CDL M . 2.82 -4.72 8.18
C54 CDL M . 1.57 -3.85 8.27
C55 CDL M . 0.72 -4.13 9.49
C56 CDL M . -0.32 -3.05 9.79
C57 CDL M . -1.71 -3.37 9.26
CB6 CDL M . 8.53 -6.55 6.75
OB8 CDL M . 7.68 -6.66 7.95
CB7 CDL M . 7.34 -7.88 8.37
OB9 CDL M . 7.56 -8.89 7.74
C71 CDL M . 6.67 -7.83 9.71
C72 CDL M . 5.28 -8.48 9.71
C73 CDL M . 4.24 -7.73 10.51
C74 CDL M . 4.10 -8.16 11.97
C75 CDL M . 2.85 -7.66 12.68
C76 CDL M . 3.02 -6.34 13.44
C77 CDL M . 3.37 -6.48 14.92
H1 CDL M . 11.66 -11.03 4.15
H1O1 CDL M . 12.88 -10.60 2.39
HA22 CDL M . 11.57 -8.31 4.51
HA21 CDL M . 12.93 -8.67 3.77
HA32 CDL M . 11.80 -10.62 7.60
HA31 CDL M . 10.60 -9.74 7.05
HA4 CDL M . 9.87 -9.27 9.22
H112 CDL M . 13.55 -9.44 11.60
H111 CDL M . 12.47 -10.15 12.51
H122 CDL M . 12.78 -7.37 12.67
H121 CDL M . 13.77 -8.30 13.48
H132 CDL M . 12.11 -9.08 14.79
H131 CDL M . 10.99 -8.49 13.84
H142 CDL M . 11.42 -6.36 14.59
H141 CDL M . 12.66 -6.87 15.44
H152 CDL M . 10.86 -8.24 16.56
H151 CDL M . 9.96 -7.03 16.07
H162 CDL M . 10.66 -5.73 17.64
H161 CDL M . 12.15 -6.24 17.52
HA62 CDL M . 10.54 -11.96 8.72
HA61 CDL M . 9.10 -11.37 8.99
H312 CDL M . 8.91 -9.66 11.81
H311 CDL M . 9.96 -10.42 12.72
H322 CDL M . 8.30 -9.87 14.13
H321 CDL M . 8.09 -11.41 13.86
H332 CDL M . 6.49 -10.72 12.17
H331 CDL M . 6.56 -9.30 12.85
H342 CDL M . 5.83 -11.50 14.40
H341 CDL M . 4.73 -10.79 13.49
H352 CDL M . 4.82 -8.90 14.72
H351 CDL M . 6.17 -9.35 15.42
H362 CDL M . 5.13 -10.42 16.98
H361 CDL M . 4.00 -10.94 15.99
HB22 CDL M . 9.67 -9.70 4.33
HB21 CDL M . 9.67 -10.47 2.95
HB32 CDL M . 8.51 -5.67 4.11
HB31 CDL M . 9.39 -6.95 4.43
HB4 CDL M . 7.28 -7.74 5.57
H512 CDL M . 5.52 -4.07 6.69
H511 CDL M . 5.27 -5.12 7.85
H522 CDL M . 3.16 -5.26 6.23
H521 CDL M . 3.42 -3.73 6.50
H532 CDL M . 3.44 -4.46 8.88
H531 CDL M . 2.56 -5.64 8.31
H542 CDL M . 1.04 -3.99 7.48
H541 CDL M . 1.87 -2.92 8.30
H552 CDL M . 1.30 -4.21 10.26
H551 CDL M . 0.25 -4.96 9.35
H562 CDL M . -0.02 -2.23 9.38
H561 CDL M . -0.37 -2.94 10.75
HB62 CDL M . 8.87 -5.65 6.68
HB61 CDL M . 9.25 -7.19 6.81
H712 CDL M . 6.57 -6.90 9.97
H711 CDL M . 7.23 -8.30 10.36
H722 CDL M . 5.37 -9.37 10.09
H721 CDL M . 4.98 -8.54 8.79
H732 CDL M . 3.38 -7.86 10.08
H731 CDL M . 4.46 -6.79 10.49
H742 CDL M . 4.87 -7.83 12.45
H741 CDL M . 4.09 -9.13 11.99
H752 CDL M . 2.58 -8.33 13.33
H751 CDL M . 2.15 -7.54 12.02
H762 CDL M . 2.20 -5.85 13.36
H761 CDL M . 3.75 -5.84 13.01
CHA HEM N . -20.58 -2.85 31.27
CHB HEM N . -20.54 -1.50 26.58
CHC HEM N . -18.24 -5.62 25.40
CHD HEM N . -18.27 -6.95 30.09
C1A HEM N . -20.76 -2.12 30.11
C2A HEM N . -21.40 -0.83 30.00
C3A HEM N . -21.39 -0.45 28.73
C4A HEM N . -20.75 -1.50 27.95
CMA HEM N . -21.96 0.88 28.17
CAA HEM N . -21.95 0.00 31.18
CBA HEM N . -20.76 0.46 32.03
CGA HEM N . -21.22 1.22 33.24
O1A HEM N . -20.41 1.39 34.17
O2A HEM N . -22.41 1.66 33.28
C1B HEM N . -19.91 -2.48 25.83
C2B HEM N . -19.67 -2.47 24.40
C3B HEM N . -19.02 -3.62 24.08
C4B HEM N . -18.85 -4.39 25.31
CMB HEM N . -20.09 -1.32 23.46
CAB HEM N . -18.53 -4.15 22.72
CBB HEM N . -19.02 -3.73 21.53
C1C HEM N . -18.04 -6.36 26.57
C2C HEM N . -17.39 -7.65 26.68
C3C HEM N . -17.40 -8.01 27.98
C4C HEM N . -18.07 -6.96 28.73
CMC HEM N . -16.80 -8.42 25.48
CAC HEM N . -16.85 -9.28 28.70
CBC HEM N . -16.12 -10.25 28.14
C1D HEM N . -18.90 -5.97 30.82
C2D HEM N . -19.14 -6.00 32.25
C3D HEM N . -19.76 -4.87 32.59
C4D HEM N . -19.97 -4.08 31.38
CMD HEM N . -18.71 -7.15 33.20
CAD HEM N . -20.23 -4.49 34.02
CBD HEM N . -19.21 -3.64 34.77
CGD HEM N . -19.49 -2.17 34.60
O1D HEM N . -18.52 -1.41 34.36
O2D HEM N . -20.67 -1.73 34.74
NA HEM N . -20.38 -2.51 28.83
NB HEM N . -19.39 -3.65 26.35
NC HEM N . -18.44 -5.96 27.84
ND HEM N . -19.42 -4.79 30.32
FE HEM N . -19.39 -4.26 28.35
HHB HEM N . -20.88 -0.72 26.07
HHC HEM N . -17.91 -6.02 24.57
HHD HEM N . -17.94 -7.73 30.59
HMA HEM N . -21.87 0.90 27.20
HMAA HEM N . -21.47 1.64 28.56
HMAB HEM N . -22.91 0.95 28.42
HAA HEM N . -22.55 -0.56 31.72
HAAA HEM N . -22.44 0.77 30.86
HBA HEM N . -20.20 1.03 31.48
HBAA HEM N . -20.26 -0.32 32.31
HMB HEM N . -19.47 -1.26 22.72
HMBA HEM N . -20.09 -0.48 23.96
HMBB HEM N . -20.99 -1.49 23.13
HAB HEM N . -17.83 -4.81 22.71
HBB HEM N . -18.66 -4.10 20.71
HBBA HEM N . -19.72 -3.08 21.51
HMC HEM N . -15.86 -8.61 25.64
HMCA HEM N . -16.89 -7.89 24.68
HMCB HEM N . -17.28 -9.27 25.37
HAC HEM N . -17.04 -9.37 29.63
HBC HEM N . -15.82 -11.00 28.68
HBCA HEM N . -15.89 -10.20 27.20
HMD HEM N . -19.31 -7.92 33.06
HMDA HEM N . -18.77 -6.85 34.12
HMDB HEM N . -17.79 -7.42 33.00
HAD HEM N . -20.37 -5.31 34.53
HADA HEM N . -21.06 -3.99 33.95
HBD HEM N . -18.32 -3.83 34.41
HBDA HEM N . -19.23 -3.86 35.71
HHA HEM N . -20.92 -2.45 32.09
CHA HEM O . -16.22 0.66 5.50
CHB HEM O . -15.57 -1.22 9.91
CHC HEM O . -20.23 -0.37 10.92
CHD HEM O . -20.94 1.25 6.42
C1A HEM O . -15.63 0.12 6.62
C2A HEM O . -14.23 -0.19 6.77
C3A HEM O . -14.04 -0.70 7.99
C4A HEM O . -15.32 -0.76 8.65
CMA HEM O . -12.68 -1.13 8.57
CAA HEM O . -13.13 0.12 5.73
CBA HEM O . -12.33 1.35 6.15
CGA HEM O . -13.16 2.60 6.23
O1A HEM O . -13.00 3.32 7.23
O2A HEM O . -13.95 2.93 5.30
C1B HEM O . -16.77 -1.17 10.58
C2B HEM O . -17.02 -1.60 11.94
C3B HEM O . -18.31 -1.36 12.22
C4B HEM O . -18.91 -0.76 11.04
CMB HEM O . -15.92 -2.24 12.84
CAB HEM O . -19.13 -1.65 13.51
CBB HEM O . -18.76 -2.54 14.45
C1C HEM O . -20.83 0.17 9.81
C2C HEM O . -22.20 0.64 9.71
C3C HEM O . -22.40 1.10 8.48
C4C HEM O . -21.16 0.91 7.74
CMC HEM O . -23.15 0.65 10.93
CAC HEM O . -23.64 1.75 7.82
CBC HEM O . -24.90 1.68 8.25
C1D HEM O . -19.74 1.21 5.76
C2D HEM O . -19.49 1.61 4.38
C3D HEM O . -18.18 1.46 4.15
C4D HEM O . -17.56 0.96 5.35
CMD HEM O . -20.57 2.11 3.40
CAD HEM O . -17.44 1.74 2.82
CBD HEM O . -16.87 3.15 2.97
CGD HEM O . -16.08 3.57 1.75
O1D HEM O . -15.94 4.81 1.52
O2D HEM O . -15.63 2.67 0.99
NA HEM O . -16.26 -0.26 7.78
NB HEM O . -17.94 -0.65 10.06
NC HEM O . -20.23 0.34 8.58
ND HEM O . -18.53 0.83 6.32
FE HEM O . -18.15 0.02 8.11
HHB HEM O . -14.82 -1.63 10.39
HHC HEM O . -20.80 -0.50 11.71
HHD HEM O . -21.73 1.54 5.89
HMA HEM O . -12.83 -1.59 9.42
HMAA HEM O . -12.12 -0.34 8.71
HMAB HEM O . -12.23 -1.74 7.94
HAA HEM O . -13.56 0.29 4.87
HAAA HEM O . -12.54 -0.64 5.65
HBA HEM O . -11.62 1.49 5.50
HBAA HEM O . -11.95 1.18 7.02
HMB HEM O . -15.88 -3.20 12.65
HMBA HEM O . -16.13 -2.10 13.77
HMBB HEM O . -15.06 -1.83 12.64
HAB HEM O . -19.95 -1.17 13.64
HBB HEM O . -19.31 -2.67 15.23
HBBA HEM O . -17.94 -3.04 14.34
HMC HEM O . -22.91 -0.07 11.53
HMCA HEM O . -24.06 0.54 10.62
HMCB HEM O . -23.07 1.50 11.40
HAC HEM O . -23.49 2.28 7.02
HBC HEM O . -25.61 2.12 7.77
HBCA HEM O . -25.11 1.16 9.05
HMD HEM O . -20.21 2.12 2.49
HMDA HEM O . -20.84 3.02 3.65
HMDB HEM O . -21.35 1.52 3.43
HAD HEM O . -18.06 1.70 2.08
HADA HEM O . -16.73 1.09 2.70
HBD HEM O . -16.27 3.16 3.74
HBDA HEM O . -17.59 3.77 3.10
HHA HEM O . -15.64 0.86 4.73
C10 PQU P . -28.00 1.58 23.59
C11 PQU P . -29.13 2.16 23.01
C13 PQU P . -29.80 3.08 24.98
C15 PQU P . -29.63 2.86 20.70
C16 PQU P . -30.82 2.58 20.05
C17 PQU P . -31.26 3.40 19.04
C18 PQU P . -30.53 4.51 18.69
C19 PQU P . -29.34 4.80 19.35
C20 PQU P . -28.89 3.97 20.36
C21 PQU P . -32.29 4.77 29.09
C22 PQU P . -33.07 5.25 30.13
C23 PQU P . -34.44 5.30 29.98
C24 PQU P . -35.03 4.89 28.80
C25 PQU P . -34.24 4.44 27.75
C26 PQU P . -32.87 4.39 27.90
C3 PQU P . -30.05 2.35 28.83
C5 PQU P . -28.52 2.80 27.14
C6 PQU P . -29.20 4.09 27.58
C7 PQU P . -27.05 2.88 27.55
C8 PQU P . -28.72 2.54 25.66
C9 PQU P . -27.81 1.78 24.93
N1 PQU P . -30.85 4.72 29.14
N2 PQU P . -30.07 3.71 28.55
N3 PQU P . -29.99 2.88 23.68
O14 PQU P . -29.29 1.95 21.70
O3 PQU P . -30.64 1.76 29.68
O4 PQU P . -29.19 1.78 27.94
O6 PQU P . -29.02 5.20 27.15
H101 PQU P . -27.43 1.08 23.07
H131 PQU P . -30.43 3.60 25.41
H161 PQU P . -31.29 1.81 20.31
H171 PQU P . -32.07 3.20 18.60
H181 PQU P . -30.83 5.09 18.01
H191 PQU P . -28.85 5.54 19.12
H201 PQU P . -28.09 4.16 20.81
H221 PQU P . -32.66 5.52 30.91
H231 PQU P . -34.97 5.60 30.68
H241 PQU P . -35.96 4.92 28.70
H251 PQU P . -34.63 4.17 26.96
H261 PQU P . -32.31 4.11 27.21
H71 PQU P . -26.58 3.47 26.93
H72 PQU P . -26.66 1.99 27.52
H73 PQU P . -26.98 3.23 28.44
H91 PQU P . -27.07 1.41 25.37
HN11 PQU P . -30.48 5.49 28.88
P 8PE Q . -15.85 17.82 0.88
N 8PE Q . -11.60 20.55 0.06
O11 8PE Q . -15.48 18.47 2.44
O12 8PE Q . -15.36 16.42 0.92
O13 8PE Q . -14.72 18.69 -0.06
O14 8PE Q . -17.21 18.27 0.44
C11 8PE Q . -13.45 18.96 0.48
C12 8PE Q . -12.69 19.78 -0.59
C1 8PE Q . -16.31 19.41 3.07
C2 8PE Q . -16.73 18.83 4.44
C3 8PE Q . -17.65 19.80 5.21
O31 8PE Q . -16.92 20.58 6.20
O32 8PE Q . -15.41 20.01 7.77
C31 8PE Q . -16.59 20.02 7.42
C32 8PE Q . -17.72 19.44 8.25
C33 8PE Q . -17.24 19.20 9.71
C34 8PE Q . -18.28 18.40 10.52
C35 8PE Q . -17.79 18.17 11.95
C36 8PE Q . -18.77 17.27 12.72
C37 8PE Q . -19.97 18.08 13.26
C38 8PE Q . -20.76 17.27 14.30
C39 8PE Q . -21.91 18.11 14.88
C3A 8PE Q . -22.49 17.45 16.14
C3B 8PE Q . -23.51 16.36 15.78
C3C 8PE Q . -24.05 15.68 17.05
C3D 8PE Q . -25.13 14.65 16.71
C3E 8PE Q . -24.94 13.38 17.56
C3F 8PE Q . -26.16 12.47 17.49
C3G 8PE Q . -26.09 11.58 16.25
C3H 8PE Q . -27.18 10.52 16.30
C3I 8PE Q . -27.15 9.68 15.01
O21 8PE Q . -17.44 17.58 4.26
O22 8PE Q . -16.23 16.47 5.78
C21 8PE Q . -17.30 16.63 5.21
C22 8PE Q . -18.53 15.82 5.50
C23 8PE Q . -18.15 14.43 6.02
C24 8PE Q . -19.28 13.77 6.80
C25 8PE Q . -19.39 14.42 8.20
C26 8PE Q . -20.02 13.44 9.20
C27 8PE Q . -20.82 14.14 10.30
C28 8PE Q . -22.02 13.26 10.64
C29 8PE Q . -22.67 13.59 11.98
C2A 8PE Q . -23.48 12.37 12.49
C2B 8PE Q . -24.48 11.84 11.42
C2C 8PE Q . -25.45 10.86 12.05
C2D 8PE Q . -26.27 10.14 10.98
C2E 8PE Q . -27.16 9.07 11.63
HN 8PE Q . -10.96 20.02 0.36
HNA 8PE Q . -11.24 21.13 -0.51
H11 8PE Q . -12.98 18.14 0.69
H11A 8PE Q . -13.53 19.45 1.31
H12 8PE Q . -12.36 19.16 -1.26
H12A 8PE Q . -13.33 20.34 -1.05
H1 8PE Q . -17.10 19.58 2.52
H1A 8PE Q . -15.86 20.26 3.18
H2 8PE Q . -15.93 18.72 4.99
H3 8PE Q . -18.35 19.29 5.65
H3A 8PE Q . -18.09 20.40 4.58
H32 8PE Q . -18.06 18.61 7.86
H32A 8PE Q . -18.50 20.04 8.26
H33 8PE Q . -17.05 20.04 10.15
H33A 8PE Q . -16.39 18.73 9.70
H34 8PE Q . -18.45 17.55 10.08
H34A 8PE Q . -19.13 18.87 10.53
H35 8PE Q . -17.67 19.02 12.41
H35A 8PE Q . -16.90 17.77 11.95
H36 8PE Q . -18.32 16.82 13.46
H36A 8PE Q . -19.09 16.55 12.15
H37 8PE Q . -20.55 18.35 12.54
H37A 8PE Q . -19.66 18.91 13.66
H38 8PE Q . -20.17 16.96 15.01
H38A 8PE Q . -21.11 16.46 13.89
H39 8PE Q . -22.60 18.22 14.22
H39A 8PE Q . -21.59 18.99 15.09
H3AA 8PE Q . -22.91 18.11 16.71
H3AB 8PE Q . -21.77 17.07 16.68
H3B 8PE Q . -23.10 15.70 15.20
H3BA 8PE Q . -24.24 16.74 15.26
H3C 8PE Q . -24.40 16.36 17.65
H3CA 8PE Q . -23.33 15.27 17.54
H3D 8PE Q . -25.09 14.42 15.77
H3DA 8PE Q . -26.01 15.02 16.85
H3E 8PE Q . -24.76 13.63 18.49
H3EA 8PE Q . -24.14 12.90 17.27
H3F 8PE Q . -26.98 13.01 17.48
H3FA 8PE Q . -26.23 11.93 18.29
H3G 8PE Q . -25.22 11.17 16.19
H3GA 8PE Q . -26.18 12.12 15.45
H3H 8PE Q . -28.04 10.92 16.43
H3HA 8PE Q . -27.05 9.93 17.07
H3I 8PE Q . -26.25 9.40 14.78
H3IA 8PE Q . -27.48 10.19 14.25
H3IB 8PE Q . -27.70 8.89 15.08
H22 8PE Q . -19.08 15.73 4.70
H22A 8PE Q . -19.09 16.27 6.14
H23 8PE Q . -17.35 14.50 6.57
H23A 8PE Q . -17.89 13.86 5.27
H24 8PE Q . -19.11 12.82 6.89
H24A 8PE Q . -20.11 13.85 6.32
H25 8PE Q . -19.93 15.23 8.14
H25A 8PE Q . -18.52 14.71 8.51
H26 8PE Q . -19.32 12.90 9.60
H26A 8PE Q . -20.58 12.81 8.72
H27 8PE Q . -21.12 15.02 10.02
H27A 8PE Q . -20.28 14.30 11.09
H28 8PE Q . -21.73 12.32 10.65
H28A 8PE Q . -22.67 13.31 9.93
H29 8PE Q . -23.24 14.36 11.89
H29A 8PE Q . -22.00 13.85 12.63
H2A 8PE Q . -23.95 12.60 13.29
H2AA 8PE Q . -22.87 11.66 12.75
H2B 8PE Q . -23.99 11.42 10.69
H2BA 8PE Q . -24.95 12.59 11.01
H2C 8PE Q . -26.04 11.32 12.67
H2CA 8PE Q . -24.97 10.22 12.60
H2D 8PE Q . -25.68 9.74 10.32
H2DA 8PE Q . -26.80 10.78 10.49
H2E 8PE Q . -27.52 8.46 10.98
H2EA 8PE Q . -27.92 9.47 12.09
H2EB 8PE Q . -26.67 8.55 12.28
C2 PEF R . 1.04 5.60 33.33
C1 PEF R . 1.43 5.98 34.76
N PEF R . 5.87 3.34 36.90
C3 PEF R . -0.52 5.37 33.21
C4 PEF R . 3.56 4.00 36.52
C5 PEF R . 4.50 3.12 37.34
C10 PEF R . 0.90 6.83 31.21
C11 PEF R . 1.57 6.26 29.98
C12 PEF R . 0.64 6.49 28.76
C13 PEF R . 1.18 7.59 27.85
C14 PEF R . 0.07 8.30 27.03
C15 PEF R . -0.71 7.34 26.13
C16 PEF R . 0.09 6.92 24.91
C17 PEF R . -0.70 5.85 24.15
C18 PEF R . 0.24 4.85 23.45
C19 PEF R . -0.56 3.62 23.02
C20 PEF R . 0.06 2.30 23.48
C21 PEF R . -1.06 1.29 23.69
C22 PEF R . -0.50 -0.11 23.98
C23 PEF R . -1.47 -1.20 23.48
C24 PEF R . -1.50 -2.38 24.46
C25 PEF R . -2.45 -3.45 23.96
C30 PEF R . -1.97 4.53 31.46
C31 PEF R . -1.80 4.78 29.96
C32 PEF R . -2.88 4.09 29.11
C33 PEF R . -2.40 4.05 27.63
C34 PEF R . -3.52 3.95 26.58
C35 PEF R . -4.37 2.70 26.78
C36 PEF R . -4.70 2.04 25.44
C37 PEF R . -5.54 0.78 25.67
C38 PEF R . -5.14 -0.35 24.72
C39 PEF R . -5.69 -1.71 25.20
C40 PEF R . -4.82 -2.30 26.34
C41 PEF R . -4.89 -3.84 26.36
C42 PEF R . -3.83 -4.44 27.31
C43 PEF R . -4.03 -5.95 27.52
C44 PEF R . -2.87 -6.57 28.33
C45 PEF R . -3.06 -8.08 28.50
O4 PEF R . -0.14 7.46 31.17
O5 PEF R . -3.04 4.41 32.02
O2 PEF R . 1.54 6.60 32.40
O3 PEF R . -0.79 4.44 32.15
O1P PEF R . 1.35 6.79 37.50
O2P PEF R . 0.99 4.23 38.11
O3P PEF R . 0.97 5.01 35.68
O4P PEF R . 3.24 5.16 37.24
P PEF R . 1.55 5.33 37.27
H21 PEF R . 1.42 4.72 33.14
H11 PEF R . 1.05 6.84 35.00
H12 PEF R . 2.39 6.07 34.84
HN1 PEF R . 5.98 4.18 36.65
HN2 PEF R . 6.44 3.16 37.57
H31 PEF R . -0.94 6.23 33.04
H32 PEF R . -0.85 5.05 34.06
H41 PEF R . 3.97 4.26 35.69
H42 PEF R . 2.74 3.53 36.31
H51 PEF R . 4.20 2.21 37.23
H52 PEF R . 4.36 3.35 38.28
H112 PEF R . 1.75 5.31 30.09
H111 PEF R . 2.43 6.66 29.84
H121 PEF R . 0.55 5.67 28.26
H132 PEF R . 1.84 7.21 27.23
H131 PEF R . 1.67 8.24 28.37
H142 PEF R . 0.46 9.01 26.49
H141 PEF R . -0.54 8.76 27.62
H152 PEF R . -1.54 7.75 25.86
H151 PEF R . -0.96 6.56 26.64
H162 PEF R . 0.97 6.59 25.16
H161 PEF R . 0.27 7.68 24.33
H172 PEF R . -1.30 6.26 23.50
H171 PEF R . -1.29 5.37 24.76
H182 PEF R . 0.96 4.60 24.04
H181 PEF R . 0.67 5.26 22.69
H192 PEF R . -0.65 3.61 22.05
H191 PEF R . -1.47 3.68 23.34
H202 PEF R . 0.56 2.43 24.30
H201 PEF R . 0.71 1.98 22.84
H212 PEF R . -1.63 1.25 22.90
H211 PEF R . -1.64 1.57 24.40
H222 PEF R . -0.35 -0.21 24.94
H221 PEF R . 0.37 -0.21 23.57
H232 PEF R . -1.21 -1.50 22.60
H231 PEF R . -2.36 -0.83 23.37
H242 PEF R . -1.76 -2.08 25.34
H241 PEF R . -0.61 -2.75 24.56
H252 PEF R . -2.50 -4.21 24.56
H251 PEF R . -2.20 -3.79 23.08
H253 PEF R . -3.37 -3.12 23.88
H312 PEF R . -0.92 4.48 29.69
H311 PEF R . -1.80 5.73 29.79
H322 PEF R . -3.72 4.56 29.17
H321 PEF R . -3.07 3.20 29.43
H332 PEF R . -1.85 4.84 27.45
H331 PEF R . -1.79 3.30 27.52
H342 PEF R . -3.15 3.97 25.69
H341 PEF R . -4.08 4.74 26.63
H352 PEF R . -5.19 2.91 27.26
H351 PEF R . -3.91 2.06 27.35
H362 PEF R . -3.89 1.83 24.96
H361 PEF R . -5.18 2.67 24.87
H372 PEF R . -6.48 0.98 25.57
H371 PEF R . -5.44 0.49 26.59
H382 PEF R . -4.17 -0.39 24.64
H381 PEF R . -5.45 -0.16 23.82
H392 PEF R . -5.75 -2.33 24.46
H391 PEF R . -6.61 -1.61 25.51
H402 PEF R . -5.09 -1.95 27.19
H401 PEF R . -3.90 -2.02 26.23
H412 PEF R . -4.79 -4.20 25.47
H411 PEF R . -5.78 -4.13 26.63
H422 PEF R . -3.83 -3.96 28.15
H421 PEF R . -2.94 -4.26 26.95
H432 PEF R . -4.12 -6.41 26.67
H431 PEF R . -4.87 -6.11 27.98
H442 PEF R . -2.80 -6.14 29.20
H441 PEF R . -2.02 -6.39 27.89
H452 PEF R . -2.32 -8.49 28.98
H451 PEF R . -3.13 -8.53 27.64
H453 PEF R . -3.86 -8.28 29.01
C1 CDL S . -12.71 17.07 5.15
O1 CDL S . -12.11 16.93 3.85
CA2 CDL S . -11.70 16.46 6.10
OA2 CDL S . -10.33 16.80 5.73
PA1 CDL S . -9.10 16.18 6.50
OA3 CDL S . -8.99 14.72 6.09
OA4 CDL S . -7.86 16.99 6.29
OA5 CDL S . -9.59 16.25 8.02
CA3 CDL S . -9.04 17.20 8.95
CA4 CDL S . -9.87 17.24 10.22
OA6 CDL S . -10.73 16.06 10.10
CA5 CDL S . -10.63 15.13 11.07
OA7 CDL S . -9.58 14.67 11.45
C11 CDL S . -11.98 14.74 11.60
C12 CDL S . -12.19 15.13 13.06
C13 CDL S . -11.07 14.68 14.00
C14 CDL S . -11.43 14.76 15.48
C15 CDL S . -10.24 14.96 16.43
C16 CDL S . -10.55 14.68 17.89
C17 CDL S . -10.13 13.30 18.39
CA6 CDL S . -10.87 18.36 10.11
OA8 CDL S . -11.63 18.45 11.35
CA7 CDL S . -12.78 19.15 11.32
OA9 CDL S . -13.00 20.03 10.53
C31 CDL S . -13.73 18.69 12.39
C32 CDL S . -13.48 19.30 13.77
C33 CDL S . -12.99 18.30 14.81
C34 CDL S . -13.23 18.73 16.26
C35 CDL S . -12.12 18.32 17.24
C36 CDL S . -12.56 18.19 18.71
C37 CDL S . -12.03 19.27 19.63
CB2 CDL S . -12.66 18.56 5.42
OB2 CDL S . -13.35 19.36 4.42
PB2 CDL S . -12.69 20.68 3.84
OB3 CDL S . -13.83 21.61 3.40
OB4 CDL S . -11.69 20.39 2.81
OB5 CDL S . -11.96 21.34 5.09
CB3 CDL S . -12.70 21.91 6.20
CB4 CDL S . -11.76 22.71 7.05
OB6 CDL S . -10.72 21.73 7.39
CB5 CDL S . -9.48 22.20 7.63
OB7 CDL S . -9.02 23.18 7.13
C51 CDL S . -8.73 21.29 8.59
C52 CDL S . -8.82 21.71 10.05
C53 CDL S . -7.56 22.37 10.57
C54 CDL S . -7.53 22.55 12.08
C55 CDL S . -6.59 23.65 12.57
C56 CDL S . -6.70 23.94 14.06
C57 CDL S . -5.70 24.96 14.59
CB6 CDL S . -12.44 22.95 8.36
OB8 CDL S . -12.03 24.26 8.88
CB7 CDL S . -12.68 24.72 9.95
OB9 CDL S . -13.83 25.04 9.95
C71 CDL S . -11.77 24.79 11.15
C72 CDL S . -10.91 26.05 11.22
C73 CDL S . -10.41 26.34 12.62
C74 CDL S . -9.38 27.45 12.73
C75 CDL S . -8.22 27.14 13.67
C76 CDL S . -7.54 28.34 14.31
C77 CDL S . -6.98 28.10 15.70
H1 CDL S . -13.59 16.68 5.19
H1O1 CDL S . -12.53 16.33 3.41
HA22 CDL S . -11.80 15.50 6.07
HA21 CDL S . -11.87 16.79 6.99
HA32 CDL S . -9.04 18.08 8.54
HA31 CDL S . -8.14 16.94 9.17
HA4 CDL S . -9.32 17.27 11.01
H112 CDL S . -12.09 13.79 11.52
H111 CDL S . -12.66 15.19 11.07
H122 CDL S . -13.02 14.73 13.37
H121 CDL S . -12.26 16.10 13.12
H132 CDL S . -10.31 15.25 13.84
H131 CDL S . -10.85 13.76 13.79
H142 CDL S . -11.87 13.94 15.73
H141 CDL S . -12.04 15.51 15.61
H152 CDL S . -9.94 15.88 16.35
H151 CDL S . -9.53 14.37 16.14
H162 CDL S . -11.51 14.76 18.01
H161 CDL S . -10.11 15.34 18.43
HA62 CDL S . -11.48 18.18 9.37
HA61 CDL S . -10.41 19.19 9.96
H312 CDL S . -13.65 17.72 12.47
H311 CDL S . -14.62 18.92 12.11
H322 CDL S . -14.30 19.69 14.08
H321 CDL S . -12.80 19.99 13.67
H332 CDL S . -12.03 18.18 14.70
H331 CDL S . -13.45 17.47 14.67
H342 CDL S . -14.05 18.32 16.56
H341 CDL S . -13.31 19.69 16.29
H352 CDL S . -11.43 19.00 17.19
H351 CDL S . -11.77 17.47 16.95
H362 CDL S . -12.24 17.33 19.03
H361 CDL S . -13.52 18.21 18.74
HB22 CDL S . -11.74 18.84 5.46
HB21 CDL S . -13.09 18.72 6.29
HB32 CDL S . -13.10 21.20 6.72
HB31 CDL S . -13.40 22.48 5.85
HB4 CDL S . -11.43 23.52 6.62
H512 CDL S . -7.80 21.28 8.33
H511 CDL S . -9.10 20.39 8.50
H522 CDL S . -9.01 20.92 10.58
H521 CDL S . -9.56 22.33 10.15
H532 CDL S . -7.47 23.23 10.16
H531 CDL S . -6.80 21.81 10.33
H542 CDL S . -7.24 21.72 12.49
H541 CDL S . -8.42 22.76 12.38
H552 CDL S . -6.80 24.47 12.09
H551 CDL S . -5.67 23.39 12.37
H562 CDL S . -6.56 23.10 14.54
H561 CDL S . -7.59 24.26 14.25
HB62 CDL S . -12.19 22.26 9.00
HB61 CDL S . -13.40 22.94 8.25
H712 CDL S . -11.18 24.01 11.13
H711 CDL S . -12.33 24.75 11.95
H722 CDL S . -11.45 26.80 10.92
H721 CDL S . -10.15 25.93 10.63
H732 CDL S . -10.02 25.52 12.97
H731 CDL S . -11.18 26.58 13.16
H742 CDL S . -9.83 28.24 13.06
H741 CDL S . -9.03 27.63 11.85
H752 CDL S . -7.55 26.65 13.16
H751 CDL S . -8.56 26.57 14.39
H762 CDL S . -8.19 29.06 14.36
H761 CDL S . -6.81 28.61 13.74
CL CL T . -21.22 2.05 41.06
FE HEC U . -27.82 13.48 56.99
CHA HEC U . -29.97 12.97 54.38
CHB HEC U . -25.42 14.72 54.84
CHC HEC U . -25.62 13.91 59.59
CHD HEC U . -30.17 12.30 59.24
NA HEC U . -27.73 13.82 54.99
C1A HEC U . -28.71 13.46 54.09
C2A HEC U . -28.18 13.69 52.76
C3A HEC U . -26.94 14.17 52.88
C4A HEC U . -26.61 14.26 54.30
CMA HEC U . -25.97 14.56 51.74
CAA HEC U . -28.93 13.42 51.44
CBA HEC U . -29.54 14.71 50.92
CGA HEC U . -30.15 14.45 49.56
O1A HEC U . -30.91 13.46 49.42
O2A HEC U . -29.87 15.22 48.61
NB HEC U . -25.89 14.21 57.19
C1B HEC U . -25.05 14.63 56.16
C2B HEC U . -23.76 14.93 56.75
C3B HEC U . -23.84 14.81 58.08
C4B HEC U . -25.15 14.23 58.35
CMB HEC U . -22.53 15.48 55.96
CAB HEC U . -22.70 14.89 59.15
CBB HEC U . -21.99 16.25 59.14
NC HEC U . -27.89 13.16 59.02
C1C HEC U . -26.87 13.41 59.91
C2C HEC U . -27.37 13.26 61.26
C3C HEC U . -28.57 12.66 61.15
C4C HEC U . -28.95 12.68 59.75
CMC HEC U . -26.47 13.20 62.52
CAC HEC U . -29.46 12.14 62.29
CBC HEC U . -29.44 12.92 63.61
ND HEC U . -29.78 12.72 56.82
C1D HEC U . -30.57 12.35 57.92
C2D HEC U . -31.88 12.01 57.43
C3D HEC U . -31.84 12.22 55.91
C4D HEC U . -30.48 12.66 55.63
CMD HEC U . -33.11 11.54 58.25
CAD HEC U . -33.01 11.98 54.94
CBD HEC U . -33.62 13.31 54.50
CGD HEC U . -34.78 13.06 53.57
O1D HEC U . -35.76 13.86 53.66
O2D HEC U . -34.75 12.08 52.79
HHA HEC U . -30.56 12.83 53.62
HHB HEC U . -24.79 15.14 54.23
HHC HEC U . -25.00 14.03 60.34
HHD HEC U . -30.83 11.98 59.88
HMA1 HEC U . -25.82 15.53 51.76
HMA2 HEC U . -26.37 14.32 50.88
HMA3 HEC U . -25.12 14.09 51.84
HAA1 HEC U . -29.63 12.77 51.59
HAA2 HEC U . -28.31 13.07 50.78
HBA1 HEC U . -28.86 15.40 50.84
HBA2 HEC U . -30.24 15.02 51.52
HMB1 HEC U . -21.80 14.83 56.02
HMB2 HEC U . -22.25 16.32 56.34
HMB3 HEC U . -22.78 15.61 55.04
HAB HEC U . -23.06 14.68 60.02
HBB1 HEC U . -22.49 16.88 58.59
HBB2 HEC U . -21.10 16.14 58.80
HBB3 HEC U . -21.94 16.59 60.06
HMC1 HEC U . -26.77 13.87 63.17
HMC2 HEC U . -25.55 13.39 62.26
HMC3 HEC U . -26.52 12.33 62.91
HAC HEC U . -30.38 12.09 62.01
HBC1 HEC U . -30.35 13.01 63.93
HBC2 HEC U . -29.06 13.80 63.45
HBC3 HEC U . -28.90 12.44 64.26
HMD1 HEC U . -33.37 10.65 57.95
HMD2 HEC U . -33.84 12.17 58.12
HMD3 HEC U . -32.86 11.51 59.20
HAD1 HEC U . -33.69 11.44 55.38
HAD2 HEC U . -32.68 11.50 54.16
HBD1 HEC U . -32.94 13.83 54.03
HBD2 HEC U . -33.92 13.79 55.28
C1 CDL V . -3.75 17.68 4.15
O1 CDL V . -2.52 17.44 3.46
CA2 CDL V . -3.42 17.45 5.60
OA2 CDL V . -2.84 16.15 5.82
PA1 CDL V . -2.53 15.61 7.27
OA3 CDL V . -1.39 14.61 7.18
OA4 CDL V . -2.28 16.73 8.19
OA5 CDL V . -3.87 14.85 7.66
CA3 CDL V . -3.90 13.86 8.72
CA4 CDL V . -4.94 14.30 9.70
OA6 CDL V . -4.42 15.61 10.09
CA5 CDL V . -4.81 16.16 11.25
OA7 CDL V . -5.96 16.42 11.52
C11 CDL V . -3.63 16.40 12.16
C12 CDL V . -3.77 15.77 13.55
C13 CDL V . -2.49 15.18 14.13
C14 CDL V . -1.97 15.85 15.40
C15 CDL V . -1.05 17.04 15.18
C16 CDL V . 0.01 17.23 16.26
C17 CDL V . 0.88 18.45 16.05
CA6 CDL V . -4.82 13.43 10.93
OA8 CDL V . -4.92 11.98 10.58
CA7 CDL V . -6.12 11.39 10.67
OA9 CDL V . -6.76 11.04 9.71
C31 CDL V . -6.57 11.16 12.10
C32 CDL V . -8.04 10.77 12.23
C33 CDL V . -8.70 11.26 13.52
C34 CDL V . -9.62 10.26 14.22
C35 CDL V . -10.47 10.84 15.35
C36 CDL V . -10.20 10.31 16.76
C37 CDL V . -11.40 10.39 17.71
CB2 CDL V . -3.96 19.18 4.02
OB2 CDL V . -2.72 19.93 4.03
PB2 CDL V . -2.66 21.44 4.52
OB3 CDL V . -3.91 22.15 3.97
OB4 CDL V . -1.35 22.05 4.15
OB5 CDL V . -2.84 21.28 6.09
CB3 CDL V . -2.64 22.39 7.00
CB4 CDL V . -2.66 21.88 8.42
OB6 CDL V . -3.28 20.56 8.26
CB5 CDL V . -4.05 20.05 9.24
OB7 CDL V . -5.22 19.83 9.13
C51 CDL V . -3.26 19.75 10.49
C52 CDL V . -4.04 20.07 11.77
C53 CDL V . -3.19 20.03 13.03
C54 CDL V . -3.33 21.25 13.93
C55 CDL V . -2.27 21.31 15.04
C56 CDL V . -0.88 21.71 14.56
C57 CDL V . 0.17 21.70 15.66
CB6 CDL V . -3.61 22.76 9.20
OB8 CDL V . -3.17 24.16 9.12
CB7 CDL V . -2.19 24.55 9.95
OB9 CDL V . -1.04 24.65 9.62
C71 CDL V . -2.72 24.86 11.32
C72 CDL V . -1.68 25.51 12.25
C73 CDL V . -2.30 26.30 13.38
C74 CDL V . -1.30 26.97 14.31
C75 CDL V . -1.14 28.48 14.14
C76 CDL V . 0.21 29.06 14.54
C77 CDL V . 0.71 30.22 13.70
H1 CDL V . -4.49 17.15 3.81
H1O1 CDL V . -2.47 17.98 2.81
HA22 CDL V . -4.23 17.53 6.13
HA21 CDL V . -2.78 18.13 5.89
HA32 CDL V . -3.02 13.82 9.15
HA31 CDL V . -4.12 13.00 8.36
HA4 CDL V . -5.85 14.31 9.38
H112 CDL V . -3.51 17.36 12.27
H111 CDL V . -2.83 16.02 11.74
H122 CDL V . -4.43 15.07 13.49
H121 CDL V . -4.09 16.46 14.16
H132 CDL V . -1.80 15.26 13.45
H131 CDL V . -2.66 14.25 14.32
H142 CDL V . -1.48 15.17 15.91
H141 CDL V . -2.73 16.14 15.93
H152 CDL V . -1.60 17.83 15.15
H151 CDL V . -0.60 16.92 14.33
H162 CDL V . 0.58 16.45 16.27
H161 CDL V . -0.44 17.31 17.11
HA62 CDL V . -3.96 13.58 11.35
HA61 CDL V . -5.53 13.65 11.55
H312 CDL V . -6.42 11.99 12.59
H311 CDL V . -6.03 10.45 12.48
H322 CDL V . -8.11 9.81 12.19
H321 CDL V . -8.53 11.16 11.48
H332 CDL V . -9.23 12.05 13.30
H331 CDL V . -7.99 11.51 14.13
H342 CDL V . -9.07 9.56 14.59
H341 CDL V . -10.22 9.88 13.56
H352 CDL V . -11.40 10.67 15.14
H351 CDL V . -10.31 11.81 15.37
H362 CDL V . -9.48 10.81 17.16
H361 CDL V . -9.93 9.38 16.69
HB22 CDL V . -4.51 19.48 4.78
HB21 CDL V . -4.43 19.36 3.20
HB32 CDL V . -3.36 23.04 6.88
HB31 CDL V . -1.79 22.81 6.82
HB4 CDL V . -1.80 21.85 8.86
H512 CDL V . -2.45 20.28 10.48
H511 CDL V . -3.03 18.81 10.50
H522 CDL V . -4.76 19.43 11.85
H521 CDL V . -4.41 20.97 11.67
H532 CDL V . -2.27 19.95 12.77
H531 CDL V . -3.46 19.25 13.53
H542 CDL V . -4.20 21.23 14.35
H541 CDL V . -3.24 22.05 13.39
H552 CDL V . -2.22 20.43 15.45
H551 CDL V . -2.58 21.96 15.69
H562 CDL V . -0.94 22.61 14.20
H561 CDL V . -0.61 21.10 13.87
HB62 CDL V . -3.63 22.47 10.13
HB61 CDL V . -4.51 22.68 8.84
H712 CDL V . -3.03 24.04 11.73
H711 CDL V . -3.47 25.47 11.23
H722 CDL V . -1.13 26.11 11.71
H721 CDL V . -1.14 24.80 12.61
H732 CDL V . -2.85 25.70 13.91
H731 CDL V . -2.86 26.99 13.01
H742 CDL V . -0.42 26.57 14.17
H741 CDL V . -1.57 26.81 15.23
H752 CDL V . -1.82 28.91 14.68
H751 CDL V . -1.28 28.68 13.20
H762 CDL V . 0.88 28.35 14.49
H761 CDL V . 0.15 29.37 15.46
FE1 FES W . -45.36 6.14 32.04
FE2 FES W . -44.38 6.41 29.52
S1 FES W . -45.93 7.65 30.53
S2 FES W . -43.63 5.10 31.12
O1 PX4 X . 10.76 2.77 9.58
O2 PX4 X . 12.64 3.53 10.97
P1 PX4 X . 12.00 2.33 10.35
O3 PX4 X . 13.10 1.61 9.34
C1 PX4 X . 14.11 0.83 9.98
C2 PX4 X . 15.42 0.93 9.18
N1 PX4 X . 16.63 0.84 10.02
C3 PX4 X . 17.77 0.62 9.13
C4 PX4 X . 16.85 2.10 10.75
C5 PX4 X . 16.53 -0.29 10.98
O4 PX4 X . 11.55 1.20 11.50
C6 PX4 X . 10.85 0.05 11.03
C7 PX4 X . 9.86 -0.41 12.11
C8 PX4 X . 10.28 -1.76 12.72
O5 PX4 X . 11.68 -1.76 12.97
C9 PX4 X . 12.04 -1.37 14.29
O6 PX4 X . 11.86 -0.26 14.63
C10 PX4 X . 12.68 -2.42 15.25
C11 PX4 X . 12.47 -1.98 16.75
C12 PX4 X . 12.30 -3.27 17.63
C13 PX4 X . 12.51 -2.94 19.16
C14 PX4 X . 11.11 -2.66 19.83
C15 PX4 X . 11.30 -2.57 21.38
C16 PX4 X . 11.40 -3.99 21.99
C17 PX4 X . 11.27 -3.90 23.53
C18 PX4 X . 11.59 -5.26 24.18
C19 PX4 X . 10.30 -6.11 24.26
C20 PX4 X . 10.62 -7.54 24.77
C21 PX4 X . 9.90 -7.79 26.11
C22 PX4 X . 10.32 -9.17 26.69
O7 PX4 X . 9.80 0.56 13.12
C23 PX4 X . 8.51 0.83 13.65
O8 PX4 X . 7.61 1.12 12.93
C24 PX4 X . 8.28 0.77 15.19
C25 PX4 X . 7.64 2.11 15.69
C26 PX4 X . 6.13 2.17 15.29
C27 PX4 X . 5.24 2.28 16.56
C28 PX4 X . 3.72 2.10 16.18
C29 PX4 X . 3.37 0.57 16.05
C30 PX4 X . 2.89 0.00 17.44
C31 PX4 X . 1.36 -0.30 17.42
C32 PX4 X . 0.54 1.03 17.48
C33 PX4 X . 0.31 1.49 18.95
C34 PX4 X . -0.19 2.97 18.97
C35 PX4 X . -1.62 3.14 18.39
C36 PX4 X . -2.65 2.34 19.22
H1 PX4 X . 13.82 -0.09 10.02
H2 PX4 X . 14.26 1.16 10.88
H3 PX4 X . 15.42 1.77 8.71
H4 PX4 X . 15.44 0.20 8.53
H5 PX4 X . 18.59 0.72 9.63
H6 PX4 X . 17.75 1.28 8.42
H7 PX4 X . 17.71 -0.28 8.75
H8 PX4 X . 17.47 2.65 10.24
H9 PX4 X . 17.21 1.91 11.62
H10 PX4 X . 16.00 2.57 10.84
H11 PX4 X . 17.43 -0.55 11.25
H12 PX4 X . 16.10 -1.04 10.54
H13 PX4 X . 16.02 -0.01 11.75
H14 PX4 X . 11.49 -0.65 10.83
H15 PX4 X . 10.37 0.28 10.21
H16 PX4 X . 8.99 -0.52 11.70
H17 PX4 X . 10.07 -2.47 12.10
H18 PX4 X . 9.81 -1.89 13.55
H19 PX4 X . 13.63 -2.48 15.07
H20 PX4 X . 12.25 -3.28 15.11
H21 PX4 X . 11.68 -1.43 16.82
H22 PX4 X . 13.24 -1.49 17.06
H23 PX4 X . 12.94 -3.94 17.36
H24 PX4 X . 11.39 -3.62 17.50
H25 PX4 X . 13.06 -2.15 19.24
H26 PX4 X . 12.94 -3.68 19.59
H27 PX4 X . 10.51 -3.39 19.63
H28 PX4 X . 10.76 -1.83 19.50
H29 PX4 X . 10.53 -2.11 21.76
H30 PX4 X . 12.11 -2.07 21.58
H31 PX4 X . 12.27 -4.38 21.76
H32 PX4 X . 10.70 -4.55 21.63
H33 PX4 X . 10.36 -3.63 23.76
H34 PX4 X . 11.89 -3.23 23.86
H35 PX4 X . 11.94 -5.13 25.06
H36 PX4 X . 12.24 -5.73 23.64
H37 PX4 X . 9.89 -6.17 23.39
H38 PX4 X . 9.68 -5.69 24.88
H39 PX4 X . 11.58 -7.63 24.89
H40 PX4 X . 10.32 -8.19 24.11
H41 PX4 X . 8.94 -7.78 25.97
H42 PX4 X . 10.14 -7.09 26.74
H43 PX4 X . 10.01 -9.24 27.60
H44 PX4 X . 11.28 -9.26 26.66
H45 PX4 X . 9.91 -9.88 26.15
H46 PX4 X . 9.13 0.63 15.64
H47 PX4 X . 7.69 0.03 15.40
H48 PX4 X . 8.11 2.86 15.29
H49 PX4 X . 7.71 2.16 16.66
H50 PX4 X . 5.88 1.36 14.80
H51 PX4 X . 5.97 2.94 14.72
H52 PX4 X . 5.36 3.16 16.97
H53 PX4 X . 5.50 1.61 17.20
H54 PX4 X . 3.56 2.52 15.32
H55 PX4 X . 3.17 2.49 16.86
H56 PX4 X . 4.17 0.08 15.76
H57 PX4 X . 2.67 0.46 15.40
H58 PX4 X . 3.08 0.65 18.13
H59 PX4 X . 3.37 -0.82 17.63
H60 PX4 X . 1.13 -0.85 18.18
H61 PX4 X . 1.14 -0.77 16.59
H62 PX4 X . -0.33 0.88 17.06
H63 PX4 X . 1.02 1.73 17.01
H64 PX4 X . 1.14 1.42 19.45
H65 PX4 X . -0.36 0.92 19.36
H66 PX4 X . 0.42 3.51 18.45
H67 PX4 X . -0.19 3.28 19.89
H68 PX4 X . -1.64 2.81 17.47
H69 PX4 X . -1.87 4.07 18.40
H70 PX4 X . -3.52 2.79 19.18
H71 PX4 X . -2.35 2.28 20.14
H72 PX4 X . -2.74 1.44 18.84
O1 6PE Y . 11.14 -9.86 42.41
O2 6PE Y . 13.52 -9.60 41.43
P1 6PE Y . 12.16 -10.23 41.35
O3 6PE Y . 11.53 -9.85 39.82
C1 6PE Y . 10.12 -10.10 39.69
C2 6PE Y . 9.88 -11.27 38.76
C3 6PE Y . 8.34 -11.47 38.56
O4 6PE Y . 8.10 -12.05 37.26
C4 6PE Y . 7.04 -12.89 37.18
O5 6PE Y . 6.01 -12.71 37.77
C5 6PE Y . 7.27 -14.13 36.28
C6 6PE Y . 6.68 -13.88 34.87
C7 6PE Y . 7.42 -14.74 33.82
C8 6PE Y . 6.46 -15.27 32.73
C9 6PE Y . 7.22 -16.17 31.76
O6 6PE Y . 10.49 -11.03 37.46
C10 6PE Y . 11.17 -12.08 36.91
O7 6PE Y . 11.91 -12.80 37.54
C11 6PE Y . 10.95 -12.30 35.40
C12 6PE Y . 11.60 -13.65 34.98
C13 6PE Y . 11.34 -13.92 33.48
C14 6PE Y . 11.79 -15.34 33.10
C15 6PE Y . 11.14 -15.75 31.78
O8 6PE Y . 12.40 -11.89 41.33
C16 6PE Y . 11.40 -12.49 42.13
C17 6PE Y . 11.53 -13.99 42.00
N1 6PE Y . 10.24 -14.60 42.31
H1 6PE Y . 9.69 -9.28 39.37
H2 6PE Y . 9.76 -10.27 40.58
H3 6PE Y . 10.23 -12.05 39.17
H4 6PE Y . 7.90 -10.60 38.66
H5 6PE Y . 8.01 -12.03 39.28
H6 6PE Y . 6.85 -14.91 36.66
H7 6PE Y . 8.22 -14.30 36.19
H8 6PE Y . 6.75 -12.94 34.63
H9 6PE Y . 5.73 -14.10 34.86
H10 6PE Y . 7.85 -15.50 34.26
H11 6PE Y . 8.12 -14.21 33.40
H12 6PE Y . 6.07 -14.52 32.25
H13 6PE Y . 5.74 -15.77 33.14
H14 6PE Y . 6.62 -16.57 31.12
H15 6PE Y . 7.67 -16.88 32.24
H16 6PE Y . 7.89 -15.67 31.27
H17 6PE Y . 11.36 -11.58 34.88
H18 6PE Y . 10.00 -12.33 35.19
H19 6PE Y . 11.22 -14.37 35.51
H20 6PE Y . 12.55 -13.63 35.15
H21 6PE Y . 11.84 -13.27 32.95
H22 6PE Y . 10.41 -13.81 33.28
H23 6PE Y . 11.53 -15.96 33.80
H24 6PE Y . 12.75 -15.37 33.02
H25 6PE Y . 11.41 -16.65 31.53
H26 6PE Y . 11.40 -15.15 31.06
H27 6PE Y . 10.18 -15.73 31.84
H28 6PE Y . 10.54 -12.19 41.83
H29 6PE Y . 11.51 -12.21 43.04
H30 6PE Y . 12.23 -14.30 42.61
H31 6PE Y . 11.81 -14.21 41.10
H32 6PE Y . 9.65 -14.27 41.74
H33 6PE Y . 10.32 -15.48 42.17
#